data_4IIO
# 
_entry.id   4IIO 
# 
_audit_conform.dict_name       mmcif_pdbx.dic 
_audit_conform.dict_version    5.399 
_audit_conform.dict_location   http://mmcif.pdb.org/dictionaries/ascii/mmcif_pdbx.dic 
# 
loop_
_database_2.database_id 
_database_2.database_code 
_database_2.pdbx_database_accession 
_database_2.pdbx_DOI 
PDB   4IIO         pdb_00004iio 10.2210/pdb4iio/pdb 
RCSB  RCSB076800   ?            ?                   
WWPDB D_1000076800 ?            ?                   
# 
loop_
_pdbx_audit_revision_history.ordinal 
_pdbx_audit_revision_history.data_content_type 
_pdbx_audit_revision_history.major_revision 
_pdbx_audit_revision_history.minor_revision 
_pdbx_audit_revision_history.revision_date 
1 'Structure model' 1 0 2013-12-25 
2 'Structure model' 1 1 2017-11-15 
3 'Structure model' 1 2 2021-03-10 
4 'Structure model' 1 3 2023-09-20 
5 'Structure model' 1 4 2024-12-25 
# 
_pdbx_audit_revision_details.ordinal             1 
_pdbx_audit_revision_details.revision_ordinal    1 
_pdbx_audit_revision_details.data_content_type   'Structure model' 
_pdbx_audit_revision_details.provider            repository 
_pdbx_audit_revision_details.type                'Initial release' 
_pdbx_audit_revision_details.description         ? 
_pdbx_audit_revision_details.details             ? 
# 
loop_
_pdbx_audit_revision_group.ordinal 
_pdbx_audit_revision_group.revision_ordinal 
_pdbx_audit_revision_group.data_content_type 
_pdbx_audit_revision_group.group 
1 2 'Structure model' 'Refinement description' 
2 3 'Structure model' Advisory                 
3 3 'Structure model' 'Database references'    
4 3 'Structure model' 'Derived calculations'   
5 4 'Structure model' 'Data collection'        
6 4 'Structure model' 'Database references'    
7 4 'Structure model' 'Refinement description' 
8 5 'Structure model' 'Derived calculations'   
9 5 'Structure model' 'Structure summary'      
# 
loop_
_pdbx_audit_revision_category.ordinal 
_pdbx_audit_revision_category.revision_ordinal 
_pdbx_audit_revision_category.data_content_type 
_pdbx_audit_revision_category.category 
1  2 'Structure model' software                      
2  3 'Structure model' pdbx_distant_solvent_atoms    
3  3 'Structure model' struct_conn                   
4  3 'Structure model' struct_ref_seq_dif            
5  3 'Structure model' struct_site                   
6  4 'Structure model' chem_comp_atom                
7  4 'Structure model' chem_comp_bond                
8  4 'Structure model' database_2                    
9  4 'Structure model' pdbx_initial_refinement_model 
10 5 'Structure model' pdbx_entry_details            
11 5 'Structure model' pdbx_modification_feature     
12 5 'Structure model' struct_conn                   
# 
loop_
_pdbx_audit_revision_item.ordinal 
_pdbx_audit_revision_item.revision_ordinal 
_pdbx_audit_revision_item.data_content_type 
_pdbx_audit_revision_item.item 
1 2 'Structure model' '_software.name'                      
2 3 'Structure model' '_struct_ref_seq_dif.details'         
3 3 'Structure model' '_struct_site.pdbx_auth_asym_id'      
4 3 'Structure model' '_struct_site.pdbx_auth_comp_id'      
5 3 'Structure model' '_struct_site.pdbx_auth_seq_id'       
6 4 'Structure model' '_database_2.pdbx_DOI'                
7 4 'Structure model' '_database_2.pdbx_database_accession' 
# 
_pdbx_database_status.entry_id                        4IIO 
_pdbx_database_status.deposit_site                    RCSB 
_pdbx_database_status.process_site                    RCSB 
_pdbx_database_status.recvd_initial_deposition_date   2012-12-20 
_pdbx_database_status.status_code                     REL 
_pdbx_database_status.status_code_sf                  REL 
_pdbx_database_status.status_code_mr                  ? 
_pdbx_database_status.SG_entry                        Y 
_pdbx_database_status.status_code_cs                  ? 
_pdbx_database_status.methods_development_category    ? 
_pdbx_database_status.pdb_format_compatible           Y 
_pdbx_database_status.status_code_nmr_data            ? 
# 
_pdbx_database_related.db_name        TargetTrack 
_pdbx_database_related.db_id          NESG-HR8924 
_pdbx_database_related.details        . 
_pdbx_database_related.content_type   unspecified 
# 
loop_
_audit_author.name 
_audit_author.pdbx_ordinal 
'Dong, A.'                             1  
'Guan, X.'                             2  
'Huang, H.'                            3  
'Gu, J.'                               4  
'Tempel, W.'                           5  
'Sidhu, S.'                            6  
'Bountra, C.'                          7  
'Arrowsmith, C.H.'                     8  
'Edwards, A.M.'                        9  
'Tong, Y.'                             10 
'Structural Genomics Consortium (SGC)' 11 
# 
_citation.id                        primary 
_citation.title                     'Crystal Structure of the Second SH3 Domain of ITSN2 Bound with a Synthetic Peptide' 
_citation.journal_abbrev            'TO BE PUBLISHED' 
_citation.journal_volume            ? 
_citation.page_first                ? 
_citation.page_last                 ? 
_citation.year                      ? 
_citation.journal_id_ASTM           ? 
_citation.country                   ? 
_citation.journal_id_ISSN           ? 
_citation.journal_id_CSD            0353 
_citation.book_publisher            ? 
_citation.pdbx_database_id_PubMed   ? 
_citation.pdbx_database_id_DOI      ? 
# 
loop_
_citation_author.citation_id 
_citation_author.name 
_citation_author.ordinal 
_citation_author.identifier_ORCID 
primary 'Guan, X.'         1  ? 
primary 'Dong, A.'         2  ? 
primary 'Huang, H.'        3  ? 
primary 'Gu, J.'           4  ? 
primary 'Tempel, W.'       5  ? 
primary 'Sidhu, S.'        6  ? 
primary 'Bountra, C.'      7  ? 
primary 'Arrowsmith, C.H.' 8  ? 
primary 'Edwards, A.M.'    9  ? 
primary 'Tong, Y.'         10 ? 
# 
loop_
_entity.id 
_entity.type 
_entity.src_method 
_entity.pdbx_description 
_entity.formula_weight 
_entity.pdbx_number_of_molecules 
_entity.pdbx_ec 
_entity.pdbx_mutation 
_entity.pdbx_fragment 
_entity.details 
1 polymer     man Intersectin-2         7362.409 2   ? ? 'UNP residues 901-955' ? 
2 polymer     syn 'Synthetic Peptide'   1404.658 1   ? ? ?                      ? 
3 non-polymer syn 'CHLORIDE ION'        35.453   1   ? ? ?                      ? 
4 non-polymer syn 'SULFATE ION'         96.063   1   ? ? ?                      ? 
5 non-polymer syn 'UNKNOWN ATOM OR ION' ?        15  ? ? ?                      ? 
6 water       nat water                 18.015   159 ? ? ?                      ? 
# 
_entity_name_com.entity_id   1 
_entity_name_com.name        'SH3 domain-containing protein 1B, SH3P18, SH3P18-like WASP-associated protein' 
# 
loop_
_entity_poly.entity_id 
_entity_poly.type 
_entity_poly.nstd_linkage 
_entity_poly.nstd_monomer 
_entity_poly.pdbx_seq_one_letter_code 
_entity_poly.pdbx_seq_one_letter_code_can 
_entity_poly.pdbx_strand_id 
_entity_poly.pdbx_target_identifier 
1 'polypeptide(L)' no no  GGMAQGALLKAQALCSWTAKKDNHLNFSKHDIITVLEQQENWWFGEVHGGRGWFPKSYVKIIPAAA 
GGMAQGALLKAQALCSWTAKKDNHLNFSKHDIITVLEQQENWWFGEVHGGRGWFPKSYVKIIPAAA A,B 'NESG-HR8924 ' 
2 'polypeptide(L)' no yes '(ACE)WRGSLSYLKGPL'                                                XWRGSLSYLKGPL C   ?              
# 
loop_
_pdbx_entity_nonpoly.entity_id 
_pdbx_entity_nonpoly.name 
_pdbx_entity_nonpoly.comp_id 
3 'CHLORIDE ION'        CL  
4 'SULFATE ION'         SO4 
5 'UNKNOWN ATOM OR ION' UNX 
6 water                 HOH 
# 
loop_
_entity_poly_seq.entity_id 
_entity_poly_seq.num 
_entity_poly_seq.mon_id 
_entity_poly_seq.hetero 
1 1  GLY n 
1 2  GLY n 
1 3  MET n 
1 4  ALA n 
1 5  GLN n 
1 6  GLY n 
1 7  ALA n 
1 8  LEU n 
1 9  LEU n 
1 10 LYS n 
1 11 ALA n 
1 12 GLN n 
1 13 ALA n 
1 14 LEU n 
1 15 CYS n 
1 16 SER n 
1 17 TRP n 
1 18 THR n 
1 19 ALA n 
1 20 LYS n 
1 21 LYS n 
1 22 ASP n 
1 23 ASN n 
1 24 HIS n 
1 25 LEU n 
1 26 ASN n 
1 27 PHE n 
1 28 SER n 
1 29 LYS n 
1 30 HIS n 
1 31 ASP n 
1 32 ILE n 
1 33 ILE n 
1 34 THR n 
1 35 VAL n 
1 36 LEU n 
1 37 GLU n 
1 38 GLN n 
1 39 GLN n 
1 40 GLU n 
1 41 ASN n 
1 42 TRP n 
1 43 TRP n 
1 44 PHE n 
1 45 GLY n 
1 46 GLU n 
1 47 VAL n 
1 48 HIS n 
1 49 GLY n 
1 50 GLY n 
1 51 ARG n 
1 52 GLY n 
1 53 TRP n 
1 54 PHE n 
1 55 PRO n 
1 56 LYS n 
1 57 SER n 
1 58 TYR n 
1 59 VAL n 
1 60 LYS n 
1 61 ILE n 
1 62 ILE n 
1 63 PRO n 
1 64 ALA n 
1 65 ALA n 
1 66 ALA n 
2 1  ACE n 
2 2  TRP n 
2 3  ARG n 
2 4  GLY n 
2 5  SER n 
2 6  LEU n 
2 7  SER n 
2 8  TYR n 
2 9  LEU n 
2 10 LYS n 
2 11 GLY n 
2 12 PRO n 
2 13 LEU n 
# 
_entity_src_gen.entity_id                          1 
_entity_src_gen.pdbx_src_id                        1 
_entity_src_gen.pdbx_alt_source_flag               sample 
_entity_src_gen.pdbx_seq_type                      ? 
_entity_src_gen.pdbx_beg_seq_num                   ? 
_entity_src_gen.pdbx_end_seq_num                   ? 
_entity_src_gen.gene_src_common_name               human 
_entity_src_gen.gene_src_genus                     ? 
_entity_src_gen.pdbx_gene_src_gene                 'ITSN2, KIAA1256, SH3D1B, SWAP' 
_entity_src_gen.gene_src_species                   ? 
_entity_src_gen.gene_src_strain                    ? 
_entity_src_gen.gene_src_tissue                    ? 
_entity_src_gen.gene_src_tissue_fraction           ? 
_entity_src_gen.gene_src_details                   ? 
_entity_src_gen.pdbx_gene_src_fragment             ? 
_entity_src_gen.pdbx_gene_src_scientific_name      'Homo sapiens' 
_entity_src_gen.pdbx_gene_src_ncbi_taxonomy_id     9606 
_entity_src_gen.pdbx_gene_src_variant              ? 
_entity_src_gen.pdbx_gene_src_cell_line            ? 
_entity_src_gen.pdbx_gene_src_atcc                 ? 
_entity_src_gen.pdbx_gene_src_organ                ? 
_entity_src_gen.pdbx_gene_src_organelle            ? 
_entity_src_gen.pdbx_gene_src_cell                 ? 
_entity_src_gen.pdbx_gene_src_cellular_location    ? 
_entity_src_gen.host_org_common_name               ? 
_entity_src_gen.pdbx_host_org_scientific_name      'Escherichia coli' 
_entity_src_gen.pdbx_host_org_ncbi_taxonomy_id     511693 
_entity_src_gen.host_org_genus                     ? 
_entity_src_gen.pdbx_host_org_gene                 ? 
_entity_src_gen.pdbx_host_org_organ                ? 
_entity_src_gen.host_org_species                   ? 
_entity_src_gen.pdbx_host_org_tissue               ? 
_entity_src_gen.pdbx_host_org_tissue_fraction      ? 
_entity_src_gen.pdbx_host_org_strain               BL21 
_entity_src_gen.pdbx_host_org_variant              ? 
_entity_src_gen.pdbx_host_org_cell_line            ? 
_entity_src_gen.pdbx_host_org_atcc                 ? 
_entity_src_gen.pdbx_host_org_culture_collection   ? 
_entity_src_gen.pdbx_host_org_cell                 ? 
_entity_src_gen.pdbx_host_org_organelle            ? 
_entity_src_gen.pdbx_host_org_cellular_location    ? 
_entity_src_gen.pdbx_host_org_vector_type          plasmid 
_entity_src_gen.pdbx_host_org_vector               ? 
_entity_src_gen.host_org_details                   ? 
_entity_src_gen.expression_system_id               ? 
_entity_src_gen.plasmid_name                       pHH0239 
_entity_src_gen.plasmid_details                    ? 
_entity_src_gen.pdbx_description                   ? 
# 
_pdbx_entity_src_syn.entity_id              2 
_pdbx_entity_src_syn.pdbx_src_id            1 
_pdbx_entity_src_syn.pdbx_alt_source_flag   sample 
_pdbx_entity_src_syn.pdbx_beg_seq_num       ? 
_pdbx_entity_src_syn.pdbx_end_seq_num       ? 
_pdbx_entity_src_syn.organism_scientific    ? 
_pdbx_entity_src_syn.organism_common_name   ? 
_pdbx_entity_src_syn.ncbi_taxonomy_id       ? 
_pdbx_entity_src_syn.details                synthesized 
# 
loop_
_chem_comp.id 
_chem_comp.type 
_chem_comp.mon_nstd_flag 
_chem_comp.name 
_chem_comp.pdbx_synonyms 
_chem_comp.formula 
_chem_comp.formula_weight 
ACE non-polymer         . 'ACETYL GROUP'        ? 'C2 H4 O'        44.053  
ALA 'L-peptide linking' y ALANINE               ? 'C3 H7 N O2'     89.093  
ARG 'L-peptide linking' y ARGININE              ? 'C6 H15 N4 O2 1' 175.209 
ASN 'L-peptide linking' y ASPARAGINE            ? 'C4 H8 N2 O3'    132.118 
ASP 'L-peptide linking' y 'ASPARTIC ACID'       ? 'C4 H7 N O4'     133.103 
CL  non-polymer         . 'CHLORIDE ION'        ? 'Cl -1'          35.453  
CYS 'L-peptide linking' y CYSTEINE              ? 'C3 H7 N O2 S'   121.158 
GLN 'L-peptide linking' y GLUTAMINE             ? 'C5 H10 N2 O3'   146.144 
GLU 'L-peptide linking' y 'GLUTAMIC ACID'       ? 'C5 H9 N O4'     147.129 
GLY 'peptide linking'   y GLYCINE               ? 'C2 H5 N O2'     75.067  
HIS 'L-peptide linking' y HISTIDINE             ? 'C6 H10 N3 O2 1' 156.162 
HOH non-polymer         . WATER                 ? 'H2 O'           18.015  
ILE 'L-peptide linking' y ISOLEUCINE            ? 'C6 H13 N O2'    131.173 
LEU 'L-peptide linking' y LEUCINE               ? 'C6 H13 N O2'    131.173 
LYS 'L-peptide linking' y LYSINE                ? 'C6 H15 N2 O2 1' 147.195 
MET 'L-peptide linking' y METHIONINE            ? 'C5 H11 N O2 S'  149.211 
PHE 'L-peptide linking' y PHENYLALANINE         ? 'C9 H11 N O2'    165.189 
PRO 'L-peptide linking' y PROLINE               ? 'C5 H9 N O2'     115.130 
SER 'L-peptide linking' y SERINE                ? 'C3 H7 N O3'     105.093 
SO4 non-polymer         . 'SULFATE ION'         ? 'O4 S -2'        96.063  
THR 'L-peptide linking' y THREONINE             ? 'C4 H9 N O3'     119.119 
TRP 'L-peptide linking' y TRYPTOPHAN            ? 'C11 H12 N2 O2'  204.225 
TYR 'L-peptide linking' y TYROSINE              ? 'C9 H11 N O3'    181.189 
UNX non-polymer         . 'UNKNOWN ATOM OR ION' ? ?                ?       
VAL 'L-peptide linking' y VALINE                ? 'C5 H11 N O2'    117.146 
# 
loop_
_pdbx_poly_seq_scheme.asym_id 
_pdbx_poly_seq_scheme.entity_id 
_pdbx_poly_seq_scheme.seq_id 
_pdbx_poly_seq_scheme.mon_id 
_pdbx_poly_seq_scheme.ndb_seq_num 
_pdbx_poly_seq_scheme.pdb_seq_num 
_pdbx_poly_seq_scheme.auth_seq_num 
_pdbx_poly_seq_scheme.pdb_mon_id 
_pdbx_poly_seq_scheme.auth_mon_id 
_pdbx_poly_seq_scheme.pdb_strand_id 
_pdbx_poly_seq_scheme.pdb_ins_code 
_pdbx_poly_seq_scheme.hetero 
A 1 1  GLY 1  893 ?   ?   ?   A . n 
A 1 2  GLY 2  894 894 GLY GLY A . n 
A 1 3  MET 3  895 895 MET MET A . n 
A 1 4  ALA 4  896 896 ALA ALA A . n 
A 1 5  GLN 5  897 897 GLN GLN A . n 
A 1 6  GLY 6  898 898 GLY GLY A . n 
A 1 7  ALA 7  899 899 ALA ALA A . n 
A 1 8  LEU 8  900 900 LEU LEU A . n 
A 1 9  LEU 9  901 901 LEU LEU A . n 
A 1 10 LYS 10 902 902 LYS LYS A . n 
A 1 11 ALA 11 903 903 ALA ALA A . n 
A 1 12 GLN 12 904 904 GLN GLN A . n 
A 1 13 ALA 13 905 905 ALA ALA A . n 
A 1 14 LEU 14 906 906 LEU LEU A . n 
A 1 15 CYS 15 907 907 CYS CYS A . n 
A 1 16 SER 16 908 908 SER SER A . n 
A 1 17 TRP 17 909 909 TRP TRP A . n 
A 1 18 THR 18 910 910 THR THR A . n 
A 1 19 ALA 19 911 911 ALA ALA A . n 
A 1 20 LYS 20 912 912 LYS LYS A . n 
A 1 21 LYS 21 913 913 LYS LYS A . n 
A 1 22 ASP 22 914 914 ASP ASP A . n 
A 1 23 ASN 23 915 915 ASN ASN A . n 
A 1 24 HIS 24 916 916 HIS HIS A . n 
A 1 25 LEU 25 917 917 LEU LEU A . n 
A 1 26 ASN 26 918 918 ASN ASN A . n 
A 1 27 PHE 27 919 919 PHE PHE A . n 
A 1 28 SER 28 920 920 SER SER A . n 
A 1 29 LYS 29 921 921 LYS LYS A . n 
A 1 30 HIS 30 922 922 HIS HIS A . n 
A 1 31 ASP 31 923 923 ASP ASP A . n 
A 1 32 ILE 32 924 924 ILE ILE A . n 
A 1 33 ILE 33 925 925 ILE ILE A . n 
A 1 34 THR 34 926 926 THR THR A . n 
A 1 35 VAL 35 927 927 VAL VAL A . n 
A 1 36 LEU 36 928 928 LEU LEU A . n 
A 1 37 GLU 37 929 929 GLU GLU A . n 
A 1 38 GLN 38 930 930 GLN GLN A . n 
A 1 39 GLN 39 931 931 GLN GLN A . n 
A 1 40 GLU 40 932 932 GLU GLU A . n 
A 1 41 ASN 41 933 933 ASN ASN A . n 
A 1 42 TRP 42 934 934 TRP TRP A . n 
A 1 43 TRP 43 935 935 TRP TRP A . n 
A 1 44 PHE 44 936 936 PHE PHE A . n 
A 1 45 GLY 45 937 937 GLY GLY A . n 
A 1 46 GLU 46 938 938 GLU GLU A . n 
A 1 47 VAL 47 939 939 VAL VAL A . n 
A 1 48 HIS 48 940 940 HIS HIS A . n 
A 1 49 GLY 49 941 941 GLY GLY A . n 
A 1 50 GLY 50 942 942 GLY GLY A . n 
A 1 51 ARG 51 943 943 ARG ARG A . n 
A 1 52 GLY 52 944 944 GLY GLY A . n 
A 1 53 TRP 53 945 945 TRP TRP A . n 
A 1 54 PHE 54 946 946 PHE PHE A . n 
A 1 55 PRO 55 947 947 PRO PRO A . n 
A 1 56 LYS 56 948 948 LYS LYS A . n 
A 1 57 SER 57 949 949 SER SER A . n 
A 1 58 TYR 58 950 950 TYR TYR A . n 
A 1 59 VAL 59 951 951 VAL VAL A . n 
A 1 60 LYS 60 952 952 LYS LYS A . n 
A 1 61 ILE 61 953 953 ILE ILE A . n 
A 1 62 ILE 62 954 954 ILE ILE A . n 
A 1 63 PRO 63 955 955 PRO PRO A . n 
A 1 64 ALA 64 956 956 ALA ALA A . n 
A 1 65 ALA 65 957 ?   ?   ?   A . n 
A 1 66 ALA 66 958 ?   ?   ?   A . n 
B 1 1  GLY 1  893 ?   ?   ?   B . n 
B 1 2  GLY 2  894 ?   ?   ?   B . n 
B 1 3  MET 3  895 ?   ?   ?   B . n 
B 1 4  ALA 4  896 ?   ?   ?   B . n 
B 1 5  GLN 5  897 ?   ?   ?   B . n 
B 1 6  GLY 6  898 ?   ?   ?   B . n 
B 1 7  ALA 7  899 899 ALA ALA B . n 
B 1 8  LEU 8  900 900 LEU LEU B . n 
B 1 9  LEU 9  901 901 LEU LEU B . n 
B 1 10 LYS 10 902 902 LYS LYS B . n 
B 1 11 ALA 11 903 903 ALA ALA B . n 
B 1 12 GLN 12 904 904 GLN GLN B . n 
B 1 13 ALA 13 905 905 ALA ALA B . n 
B 1 14 LEU 14 906 906 LEU LEU B . n 
B 1 15 CYS 15 907 907 CYS CYS B . n 
B 1 16 SER 16 908 908 SER SER B . n 
B 1 17 TRP 17 909 909 TRP TRP B . n 
B 1 18 THR 18 910 910 THR THR B . n 
B 1 19 ALA 19 911 911 ALA ALA B . n 
B 1 20 LYS 20 912 912 LYS LYS B . n 
B 1 21 LYS 21 913 913 LYS LYS B . n 
B 1 22 ASP 22 914 914 ASP ASP B . n 
B 1 23 ASN 23 915 915 ASN ASN B . n 
B 1 24 HIS 24 916 916 HIS HIS B . n 
B 1 25 LEU 25 917 917 LEU LEU B . n 
B 1 26 ASN 26 918 918 ASN ASN B . n 
B 1 27 PHE 27 919 919 PHE PHE B . n 
B 1 28 SER 28 920 920 SER SER B . n 
B 1 29 LYS 29 921 921 LYS LYS B . n 
B 1 30 HIS 30 922 922 HIS HIS B . n 
B 1 31 ASP 31 923 923 ASP ASP B . n 
B 1 32 ILE 32 924 924 ILE ILE B . n 
B 1 33 ILE 33 925 925 ILE ILE B . n 
B 1 34 THR 34 926 926 THR THR B . n 
B 1 35 VAL 35 927 927 VAL VAL B . n 
B 1 36 LEU 36 928 928 LEU LEU B . n 
B 1 37 GLU 37 929 929 GLU GLU B . n 
B 1 38 GLN 38 930 930 GLN GLN B . n 
B 1 39 GLN 39 931 931 GLN GLN B . n 
B 1 40 GLU 40 932 932 GLU GLU B . n 
B 1 41 ASN 41 933 933 ASN ASN B . n 
B 1 42 TRP 42 934 934 TRP TRP B . n 
B 1 43 TRP 43 935 935 TRP TRP B . n 
B 1 44 PHE 44 936 936 PHE PHE B . n 
B 1 45 GLY 45 937 937 GLY GLY B . n 
B 1 46 GLU 46 938 938 GLU GLU B . n 
B 1 47 VAL 47 939 939 VAL VAL B . n 
B 1 48 HIS 48 940 940 HIS HIS B . n 
B 1 49 GLY 49 941 941 GLY GLY B . n 
B 1 50 GLY 50 942 942 GLY GLY B . n 
B 1 51 ARG 51 943 943 ARG ARG B . n 
B 1 52 GLY 52 944 944 GLY GLY B . n 
B 1 53 TRP 53 945 945 TRP TRP B . n 
B 1 54 PHE 54 946 946 PHE PHE B . n 
B 1 55 PRO 55 947 947 PRO PRO B . n 
B 1 56 LYS 56 948 948 LYS LYS B . n 
B 1 57 SER 57 949 949 SER SER B . n 
B 1 58 TYR 58 950 950 TYR TYR B . n 
B 1 59 VAL 59 951 951 VAL VAL B . n 
B 1 60 LYS 60 952 952 LYS LYS B . n 
B 1 61 ILE 61 953 953 ILE ILE B . n 
B 1 62 ILE 62 954 954 ILE ILE B . n 
B 1 63 PRO 63 955 955 PRO PRO B . n 
B 1 64 ALA 64 956 ?   ?   ?   B . n 
B 1 65 ALA 65 957 ?   ?   ?   B . n 
B 1 66 ALA 66 958 ?   ?   ?   B . n 
C 2 1  ACE 1  1   1   ACE ACE C . n 
C 2 2  TRP 2  2   2   TRP TRP C . n 
C 2 3  ARG 3  3   3   ARG ARG C . n 
C 2 4  GLY 4  4   4   GLY GLY C . n 
C 2 5  SER 5  5   5   SER SER C . n 
C 2 6  LEU 6  6   6   LEU LEU C . n 
C 2 7  SER 7  7   7   SER SER C . n 
C 2 8  TYR 8  8   8   TYR TYR C . n 
C 2 9  LEU 9  9   9   LEU LEU C . n 
C 2 10 LYS 10 10  10  LYS LYS C . n 
C 2 11 GLY 11 11  11  GLY GLY C . n 
C 2 12 PRO 12 12  12  PRO PRO C . n 
C 2 13 LEU 13 13  13  LEU LEU C . n 
# 
loop_
_pdbx_nonpoly_scheme.asym_id 
_pdbx_nonpoly_scheme.entity_id 
_pdbx_nonpoly_scheme.mon_id 
_pdbx_nonpoly_scheme.ndb_seq_num 
_pdbx_nonpoly_scheme.pdb_seq_num 
_pdbx_nonpoly_scheme.auth_seq_num 
_pdbx_nonpoly_scheme.pdb_mon_id 
_pdbx_nonpoly_scheme.auth_mon_id 
_pdbx_nonpoly_scheme.pdb_strand_id 
_pdbx_nonpoly_scheme.pdb_ins_code 
D 3 CL  1  1001 1    CL  CL  A . 
E 4 SO4 1  1002 1    SO4 SO4 A . 
F 5 UNX 1  1003 1000 UNX UNX A . 
G 5 UNX 1  1004 1002 UNX UNX A . 
H 5 UNX 1  1005 1003 UNX UNX A . 
I 5 UNX 1  1006 1004 UNX UNX A . 
J 5 UNX 1  1007 1006 UNX UNX A . 
K 5 UNX 1  1008 1009 UNX UNX A . 
L 5 UNX 1  1009 1012 UNX UNX A . 
M 5 UNX 1  1010 1013 UNX UNX A . 
N 5 UNX 1  1001 1005 UNX UNX B . 
O 5 UNX 1  1002 1007 UNX UNX B . 
P 5 UNX 1  1003 1010 UNX UNX B . 
Q 5 UNX 1  1004 1011 UNX UNX B . 
R 5 UNX 1  1005 1014 UNX UNX B . 
S 5 UNX 1  1001 1001 UNX UNX C . 
T 5 UNX 1  1002 1008 UNX UNX C . 
U 6 HOH 1  1101 1    HOH HOH A . 
U 6 HOH 2  1102 2    HOH HOH A . 
U 6 HOH 3  1103 5    HOH HOH A . 
U 6 HOH 4  1104 10   HOH HOH A . 
U 6 HOH 5  1105 13   HOH HOH A . 
U 6 HOH 6  1106 14   HOH HOH A . 
U 6 HOH 7  1107 16   HOH HOH A . 
U 6 HOH 8  1108 17   HOH HOH A . 
U 6 HOH 9  1109 19   HOH HOH A . 
U 6 HOH 10 1110 22   HOH HOH A . 
U 6 HOH 11 1111 23   HOH HOH A . 
U 6 HOH 12 1112 26   HOH HOH A . 
U 6 HOH 13 1113 27   HOH HOH A . 
U 6 HOH 14 1114 28   HOH HOH A . 
U 6 HOH 15 1115 29   HOH HOH A . 
U 6 HOH 16 1116 33   HOH HOH A . 
U 6 HOH 17 1117 34   HOH HOH A . 
U 6 HOH 18 1118 37   HOH HOH A . 
U 6 HOH 19 1119 42   HOH HOH A . 
U 6 HOH 20 1120 43   HOH HOH A . 
U 6 HOH 21 1121 47   HOH HOH A . 
U 6 HOH 22 1122 49   HOH HOH A . 
U 6 HOH 23 1123 52   HOH HOH A . 
U 6 HOH 24 1124 55   HOH HOH A . 
U 6 HOH 25 1125 58   HOH HOH A . 
U 6 HOH 26 1126 59   HOH HOH A . 
U 6 HOH 27 1127 62   HOH HOH A . 
U 6 HOH 28 1128 67   HOH HOH A . 
U 6 HOH 29 1129 68   HOH HOH A . 
U 6 HOH 30 1130 69   HOH HOH A . 
U 6 HOH 31 1131 72   HOH HOH A . 
U 6 HOH 32 1132 74   HOH HOH A . 
U 6 HOH 33 1133 75   HOH HOH A . 
U 6 HOH 34 1134 76   HOH HOH A . 
U 6 HOH 35 1135 77   HOH HOH A . 
U 6 HOH 36 1136 78   HOH HOH A . 
U 6 HOH 37 1137 80   HOH HOH A . 
U 6 HOH 38 1138 81   HOH HOH A . 
U 6 HOH 39 1139 82   HOH HOH A . 
U 6 HOH 40 1140 84   HOH HOH A . 
U 6 HOH 41 1141 86   HOH HOH A . 
U 6 HOH 42 1142 89   HOH HOH A . 
U 6 HOH 43 1143 90   HOH HOH A . 
U 6 HOH 44 1144 95   HOH HOH A . 
U 6 HOH 45 1145 96   HOH HOH A . 
U 6 HOH 46 1146 97   HOH HOH A . 
U 6 HOH 47 1147 98   HOH HOH A . 
U 6 HOH 48 1148 103  HOH HOH A . 
U 6 HOH 49 1149 104  HOH HOH A . 
U 6 HOH 50 1150 105  HOH HOH A . 
U 6 HOH 51 1151 106  HOH HOH A . 
U 6 HOH 52 1152 107  HOH HOH A . 
U 6 HOH 53 1153 108  HOH HOH A . 
U 6 HOH 54 1154 110  HOH HOH A . 
U 6 HOH 55 1155 112  HOH HOH A . 
U 6 HOH 56 1156 113  HOH HOH A . 
U 6 HOH 57 1157 115  HOH HOH A . 
U 6 HOH 58 1158 117  HOH HOH A . 
U 6 HOH 59 1159 118  HOH HOH A . 
U 6 HOH 60 1160 120  HOH HOH A . 
U 6 HOH 61 1161 122  HOH HOH A . 
U 6 HOH 62 1162 123  HOH HOH A . 
U 6 HOH 63 1163 124  HOH HOH A . 
U 6 HOH 64 1164 125  HOH HOH A . 
U 6 HOH 65 1165 126  HOH HOH A . 
U 6 HOH 66 1166 128  HOH HOH A . 
U 6 HOH 67 1167 129  HOH HOH A . 
U 6 HOH 68 1168 130  HOH HOH A . 
U 6 HOH 69 1169 132  HOH HOH A . 
U 6 HOH 70 1170 133  HOH HOH A . 
U 6 HOH 71 1171 134  HOH HOH A . 
U 6 HOH 72 1172 137  HOH HOH A . 
U 6 HOH 73 1173 139  HOH HOH A . 
U 6 HOH 74 1174 140  HOH HOH A . 
U 6 HOH 75 1175 141  HOH HOH A . 
U 6 HOH 76 1176 143  HOH HOH A . 
U 6 HOH 77 1177 144  HOH HOH A . 
U 6 HOH 78 1178 1178 HOH HOH A . 
U 6 HOH 79 1179 146  HOH HOH A . 
U 6 HOH 80 1180 148  HOH HOH A . 
U 6 HOH 81 1181 149  HOH HOH A . 
U 6 HOH 82 1182 154  HOH HOH A . 
U 6 HOH 83 1183 155  HOH HOH A . 
U 6 HOH 84 1184 156  HOH HOH A . 
U 6 HOH 85 1185 159  HOH HOH A . 
V 6 HOH 1  1101 3    HOH HOH B . 
V 6 HOH 2  1102 6    HOH HOH B . 
V 6 HOH 3  1103 7    HOH HOH B . 
V 6 HOH 4  1104 8    HOH HOH B . 
V 6 HOH 5  1105 9    HOH HOH B . 
V 6 HOH 6  1106 11   HOH HOH B . 
V 6 HOH 7  1107 12   HOH HOH B . 
V 6 HOH 8  1108 15   HOH HOH B . 
V 6 HOH 9  1109 18   HOH HOH B . 
V 6 HOH 10 1110 20   HOH HOH B . 
V 6 HOH 11 1111 21   HOH HOH B . 
V 6 HOH 12 1112 24   HOH HOH B . 
V 6 HOH 13 1113 25   HOH HOH B . 
V 6 HOH 14 1114 30   HOH HOH B . 
V 6 HOH 15 1115 31   HOH HOH B . 
V 6 HOH 16 1116 32   HOH HOH B . 
V 6 HOH 17 1117 35   HOH HOH B . 
V 6 HOH 18 1118 36   HOH HOH B . 
V 6 HOH 19 1119 38   HOH HOH B . 
V 6 HOH 20 1120 39   HOH HOH B . 
V 6 HOH 21 1121 40   HOH HOH B . 
V 6 HOH 22 1122 41   HOH HOH B . 
V 6 HOH 23 1123 44   HOH HOH B . 
V 6 HOH 24 1124 45   HOH HOH B . 
V 6 HOH 25 1125 46   HOH HOH B . 
V 6 HOH 26 1126 50   HOH HOH B . 
V 6 HOH 27 1127 51   HOH HOH B . 
V 6 HOH 28 1128 54   HOH HOH B . 
V 6 HOH 29 1129 56   HOH HOH B . 
V 6 HOH 30 1130 57   HOH HOH B . 
V 6 HOH 31 1131 60   HOH HOH B . 
V 6 HOH 32 1132 61   HOH HOH B . 
V 6 HOH 33 1133 63   HOH HOH B . 
V 6 HOH 34 1134 64   HOH HOH B . 
V 6 HOH 35 1135 65   HOH HOH B . 
V 6 HOH 36 1136 66   HOH HOH B . 
V 6 HOH 37 1137 70   HOH HOH B . 
V 6 HOH 38 1138 71   HOH HOH B . 
V 6 HOH 39 1139 73   HOH HOH B . 
V 6 HOH 40 1140 83   HOH HOH B . 
V 6 HOH 41 1141 85   HOH HOH B . 
V 6 HOH 42 1142 87   HOH HOH B . 
V 6 HOH 43 1143 88   HOH HOH B . 
V 6 HOH 44 1144 91   HOH HOH B . 
V 6 HOH 45 1145 92   HOH HOH B . 
V 6 HOH 46 1146 93   HOH HOH B . 
V 6 HOH 47 1147 94   HOH HOH B . 
V 6 HOH 48 1148 99   HOH HOH B . 
V 6 HOH 49 1149 100  HOH HOH B . 
V 6 HOH 50 1150 101  HOH HOH B . 
V 6 HOH 51 1151 109  HOH HOH B . 
V 6 HOH 52 1152 116  HOH HOH B . 
V 6 HOH 53 1153 119  HOH HOH B . 
V 6 HOH 54 1154 127  HOH HOH B . 
V 6 HOH 55 1155 131  HOH HOH B . 
V 6 HOH 56 1156 135  HOH HOH B . 
V 6 HOH 57 1157 136  HOH HOH B . 
V 6 HOH 58 1158 138  HOH HOH B . 
V 6 HOH 59 1159 151  HOH HOH B . 
V 6 HOH 60 1160 152  HOH HOH B . 
V 6 HOH 61 1161 153  HOH HOH B . 
V 6 HOH 62 1162 157  HOH HOH B . 
V 6 HOH 63 1163 158  HOH HOH B . 
V 6 HOH 64 1164 160  HOH HOH B . 
W 6 HOH 1  1101 4    HOH HOH C . 
W 6 HOH 2  1102 48   HOH HOH C . 
W 6 HOH 3  1103 53   HOH HOH C . 
W 6 HOH 4  1104 79   HOH HOH C . 
W 6 HOH 5  1105 102  HOH HOH C . 
W 6 HOH 6  1106 111  HOH HOH C . 
W 6 HOH 7  1107 114  HOH HOH C . 
W 6 HOH 8  1108 121  HOH HOH C . 
W 6 HOH 9  1109 142  HOH HOH C . 
W 6 HOH 10 1110 150  HOH HOH C . 
# 
loop_
_pdbx_unobs_or_zero_occ_atoms.id 
_pdbx_unobs_or_zero_occ_atoms.PDB_model_num 
_pdbx_unobs_or_zero_occ_atoms.polymer_flag 
_pdbx_unobs_or_zero_occ_atoms.occupancy_flag 
_pdbx_unobs_or_zero_occ_atoms.auth_asym_id 
_pdbx_unobs_or_zero_occ_atoms.auth_comp_id 
_pdbx_unobs_or_zero_occ_atoms.auth_seq_id 
_pdbx_unobs_or_zero_occ_atoms.PDB_ins_code 
_pdbx_unobs_or_zero_occ_atoms.auth_atom_id 
_pdbx_unobs_or_zero_occ_atoms.label_alt_id 
_pdbx_unobs_or_zero_occ_atoms.label_asym_id 
_pdbx_unobs_or_zero_occ_atoms.label_comp_id 
_pdbx_unobs_or_zero_occ_atoms.label_seq_id 
_pdbx_unobs_or_zero_occ_atoms.label_atom_id 
1  1 Y 1 A LYS 952 ? CD ? A LYS 60 CD 
2  1 Y 1 A LYS 952 ? CE ? A LYS 60 CE 
3  1 Y 1 A LYS 952 ? NZ ? A LYS 60 NZ 
4  1 Y 1 B LYS 912 ? CG ? B LYS 20 CG 
5  1 Y 1 B LYS 912 ? CD ? B LYS 20 CD 
6  1 Y 1 B LYS 912 ? CE ? B LYS 20 CE 
7  1 Y 1 B LYS 912 ? NZ ? B LYS 20 NZ 
8  1 Y 1 B LYS 913 ? CE ? B LYS 21 CE 
9  1 Y 1 B LYS 913 ? NZ ? B LYS 21 NZ 
10 1 Y 1 B LYS 952 ? NZ ? B LYS 60 NZ 
# 
loop_
_software.pdbx_ordinal 
_software.name 
_software.version 
_software.date 
_software.type 
_software.contact_author 
_software.contact_author_email 
_software.classification 
_software.location 
_software.language 
_software.citation_id 
1 SCALEPACK   .     ?                program 'Zbyszek Otwinowski' hkl@hkl-xray.com         'data scaling'    
http://www.hkl-xray.com/                     ?          ? 
2 REFMAC      .     ?                program 'Garib N. Murshudov' garib@ysbl.york.ac.uk    refinement        
http://www.ccp4.ac.uk/dist/html/refmac5.html Fortran_77 ? 
3 PDB_EXTRACT 3.11  'April 22, 2011' package PDB                  deposit@deposit.rcsb.org 'data extraction' 
http://sw-tools.pdb.org/apps/PDB_EXTRACT/    C++        ? 
4 JDirector   .     ?                ?       ?                    ?                        'data collection' ? ?          ? 
5 HKL-3000    .     ?                ?       ?                    ?                        'data reduction'  ? ?          ? 
6 HKL-3000    .     ?                ?       ?                    ?                        'data scaling'    ? ?          ? 
7 PHASER      2.1.4 ?                ?       ?                    ?                        phasing           ? ?          ? 
8 Coot        0.6.2 ?                ?       ?                    ?                        'model building'  ? ?          ? 
# 
_cell.entry_id           4IIO 
_cell.length_a           48.053 
_cell.length_b           48.053 
_cell.length_c           112.435 
_cell.angle_alpha        90.00 
_cell.angle_beta         90.00 
_cell.angle_gamma        120.00 
_cell.Z_PDB              12 
_cell.pdbx_unique_axis   ? 
_cell.length_a_esd       ? 
_cell.length_b_esd       ? 
_cell.length_c_esd       ? 
_cell.angle_alpha_esd    ? 
_cell.angle_beta_esd     ? 
_cell.angle_gamma_esd    ? 
# 
_symmetry.entry_id                         4IIO 
_symmetry.space_group_name_H-M             'P 61' 
_symmetry.pdbx_full_space_group_name_H-M   ? 
_symmetry.cell_setting                     ? 
_symmetry.Int_Tables_number                169 
_symmetry.space_group_name_Hall            ? 
# 
_exptl.crystals_number   1 
_exptl.entry_id          4IIO 
_exptl.method            'X-RAY DIFFRACTION' 
# 
_exptl_crystal.id                    1 
_exptl_crystal.density_Matthews      2.32 
_exptl_crystal.density_meas          ? 
_exptl_crystal.density_percent_sol   47.06 
_exptl_crystal.description           ? 
_exptl_crystal.F_000                 ? 
_exptl_crystal.preparation           ? 
# 
_exptl_crystal_grow.crystal_id      1 
_exptl_crystal_grow.method          'VAPOR DIFFUSION, HANGING DROP' 
_exptl_crystal_grow.pH              8.5 
_exptl_crystal_grow.temp            291 
_exptl_crystal_grow.temp_details    ? 
_exptl_crystal_grow.pdbx_details    
'25% PEG 3350, 0.1 M (NH4)2SO4, and 0.1 M Tris 8.5, VAPOR DIFFUSION, HANGING DROP, temperature 291K' 
_exptl_crystal_grow.pdbx_pH_range   ? 
# 
_diffrn.id                     1 
_diffrn.ambient_temp           100 
_diffrn.ambient_temp_details   ? 
_diffrn.crystal_id             1 
# 
_diffrn_detector.diffrn_id              1 
_diffrn_detector.detector               'IMAGE PLATE' 
_diffrn_detector.type                   RIGAKU 
_diffrn_detector.pdbx_collection_date   2012-09-13 
_diffrn_detector.details                VariMax 
# 
_diffrn_radiation.diffrn_id                        1 
_diffrn_radiation.wavelength_id                    1 
_diffrn_radiation.pdbx_diffrn_protocol             'SINGLE WAVELENGTH' 
_diffrn_radiation.monochromator                    ? 
_diffrn_radiation.pdbx_monochromatic_or_laue_m_l   M 
_diffrn_radiation.pdbx_scattering_type             x-ray 
# 
_diffrn_radiation_wavelength.id           1 
_diffrn_radiation_wavelength.wavelength   1.54178 
_diffrn_radiation_wavelength.wt           1.0 
# 
_diffrn_source.diffrn_id                   1 
_diffrn_source.source                      'ROTATING ANODE' 
_diffrn_source.type                        'RIGAKU FR-E SUPERBRIGHT' 
_diffrn_source.pdbx_wavelength             ? 
_diffrn_source.pdbx_wavelength_list        1.54178 
_diffrn_source.pdbx_synchrotron_site       ? 
_diffrn_source.pdbx_synchrotron_beamline   ? 
# 
_reflns.entry_id                     4IIO 
_reflns.d_resolution_high            1.700 
_reflns.d_resolution_low             50.000 
_reflns.number_obs                   16192 
_reflns.pdbx_Rmerge_I_obs            0.051 
_reflns.pdbx_netI_over_sigmaI        28.7 
_reflns.pdbx_chi_squared             0.312 
_reflns.pdbx_redundancy              11.700 
_reflns.percent_possible_obs         100.000 
_reflns.observed_criterion_sigma_F   0 
_reflns.observed_criterion_sigma_I   0 
_reflns.number_all                   16192 
_reflns.pdbx_Rsym_value              ? 
_reflns.B_iso_Wilson_estimate        19.5 
_reflns.R_free_details               ? 
_reflns.limit_h_max                  ? 
_reflns.limit_h_min                  ? 
_reflns.limit_k_max                  ? 
_reflns.limit_k_min                  ? 
_reflns.limit_l_max                  ? 
_reflns.limit_l_min                  ? 
_reflns.observed_criterion_F_max     ? 
_reflns.observed_criterion_F_min     ? 
_reflns.pdbx_scaling_rejects         ? 
_reflns.pdbx_ordinal                 1 
_reflns.pdbx_diffrn_id               1 
# 
loop_
_reflns_shell.d_res_high 
_reflns_shell.d_res_low 
_reflns_shell.number_measured_obs 
_reflns_shell.number_measured_all 
_reflns_shell.number_unique_obs 
_reflns_shell.Rmerge_I_obs 
_reflns_shell.meanI_over_sigI_obs 
_reflns_shell.pdbx_Rsym_value 
_reflns_shell.pdbx_chi_squared 
_reflns_shell.pdbx_redundancy 
_reflns_shell.percent_possible_obs 
_reflns_shell.number_unique_all 
_reflns_shell.percent_possible_all 
_reflns_shell.pdbx_ordinal 
_reflns_shell.pdbx_diffrn_id 
1.700 1.730  ? ? ? 0.475 ? ? 0.214 7.800  ? 803 99.600  1  1 
1.730 1.760  ? ? ? 0.414 ? ? 0.230 10.000 ? 789 100.000 2  1 
1.760 1.790  ? ? ? 0.364 ? ? 0.251 11.200 ? 814 100.000 3  1 
1.790 1.830  ? ? ? 0.322 ? ? 0.269 11.700 ? 802 100.000 4  1 
1.830 1.870  ? ? ? 0.241 ? ? 0.269 11.800 ? 806 100.000 5  1 
1.870 1.910  ? ? ? 0.219 ? ? 0.304 11.800 ? 810 100.000 6  1 
1.910 1.960  ? ? ? 0.167 ? ? 0.297 11.900 ? 792 100.000 7  1 
1.960 2.020  ? ? ? 0.138 ? ? 0.289 11.900 ? 828 100.000 8  1 
2.020 2.070  ? ? ? 0.126 ? ? 0.330 12.000 ? 808 100.000 9  1 
2.070 2.140  ? ? ? 0.105 ? ? 0.289 12.000 ? 794 100.000 10 1 
2.140 2.220  ? ? ? 0.092 ? ? 0.272 12.100 ? 805 100.000 11 1 
2.220 2.310  ? ? ? 0.087 ? ? 0.340 12.100 ? 829 100.000 12 1 
2.310 2.410  ? ? ? 0.072 ? ? 0.277 12.200 ? 799 100.000 13 1 
2.410 2.540  ? ? ? 0.067 ? ? 0.272 12.200 ? 813 100.000 14 1 
2.540 2.700  ? ? ? 0.056 ? ? 0.285 12.300 ? 810 100.000 15 1 
2.700 2.910  ? ? ? 0.045 ? ? 0.286 12.300 ? 803 100.000 16 1 
2.910 3.200  ? ? ? 0.034 ? ? 0.307 12.400 ? 827 100.000 17 1 
3.200 3.660  ? ? ? 0.029 ? ? 0.414 12.400 ? 804 100.000 18 1 
3.660 4.610  ? ? ? 0.027 ? ? 0.506 12.400 ? 816 100.000 19 1 
4.610 50.000 ? ? ? 0.027 ? ? 0.466 11.600 ? 840 99.500  20 1 
# 
_refine.entry_id                                 4IIO 
_refine.ls_d_res_high                            1.7000 
_refine.ls_d_res_low                             27.8600 
_refine.pdbx_ls_sigma_F                          0.000 
_refine.pdbx_data_cutoff_high_absF               ? 
_refine.pdbx_data_cutoff_low_absF                ? 
_refine.ls_percent_reflns_obs                    99.8100 
_refine.ls_number_reflns_obs                     15313 
_refine.ls_number_reflns_all                     15313 
_refine.pdbx_ls_cross_valid_method               THROUGHOUT 
_refine.pdbx_R_Free_selection_details            RANDOM 
_refine.details                                  
'HYDROGENS HAVE BEEN USED IF PRESENT IN THE INPUT U VALUES      : REFINED INDIVIDUALLY' 
_refine.ls_R_factor_all                          ? 
_refine.ls_R_factor_obs                          0.1951 
_refine.ls_R_factor_R_work                       0.1935 
_refine.ls_wR_factor_R_work                      0.1801 
_refine.ls_R_factor_R_free                       0.2256 
_refine.ls_wR_factor_R_free                      0.2072 
_refine.ls_percent_reflns_R_free                 5.0000 
_refine.ls_number_reflns_R_free                  810 
_refine.ls_R_factor_R_free_error                 ? 
_refine.B_iso_mean                               21.0377 
_refine.solvent_model_param_bsol                 ? 
_refine.solvent_model_param_ksol                 ? 
_refine.pdbx_isotropic_thermal_model             ? 
_refine.aniso_B[1][1]                            0.1600 
_refine.aniso_B[2][2]                            0.1600 
_refine.aniso_B[3][3]                            -0.5300 
_refine.aniso_B[1][2]                            0.1600 
_refine.aniso_B[1][3]                            -0.0000 
_refine.aniso_B[2][3]                            -0.0000 
_refine.correlation_coeff_Fo_to_Fc               0.9560 
_refine.correlation_coeff_Fo_to_Fc_free          0.9360 
_refine.overall_SU_R_Cruickshank_DPI             0.1211 
_refine.overall_SU_R_free                        0.1144 
_refine.pdbx_overall_ESU_R                       0.1210 
_refine.pdbx_overall_ESU_R_Free                  0.1140 
_refine.overall_SU_ML                            0.0710 
_refine.overall_SU_B                             2.1120 
_refine.solvent_model_details                    MASK 
_refine.pdbx_solvent_vdw_probe_radii             1.2000 
_refine.pdbx_solvent_ion_probe_radii             0.8000 
_refine.pdbx_solvent_shrinkage_radii             0.8000 
_refine.ls_number_parameters                     ? 
_refine.ls_number_restraints                     ? 
_refine.pdbx_starting_model                      1J3T 
_refine.pdbx_method_to_determine_struct          'MOLECULAR REPLACEMENT' 
_refine.pdbx_stereochemistry_target_values       'MAXIMUM LIKELIHOOD' 
_refine.pdbx_stereochem_target_val_spec_case     ? 
_refine.overall_FOM_work_R_set                   0.8635 
_refine.B_iso_max                                69.570 
_refine.B_iso_min                                11.400 
_refine.pdbx_overall_phase_error                 ? 
_refine.occupancy_max                            1.000 
_refine.occupancy_min                            0.300 
_refine.pdbx_ls_sigma_I                          ? 
_refine.ls_redundancy_reflns_obs                 ? 
_refine.ls_R_factor_R_free_error_details         ? 
_refine.pdbx_data_cutoff_high_rms_absF           ? 
_refine.overall_FOM_free_R_set                   ? 
_refine.pdbx_diffrn_id                           1 
_refine.pdbx_refine_id                           'X-RAY DIFFRACTION' 
_refine.pdbx_TLS_residual_ADP_flag               ? 
_refine.pdbx_overall_SU_R_free_Cruickshank_DPI   ? 
_refine.pdbx_overall_SU_R_Blow_DPI               ? 
_refine.pdbx_overall_SU_R_free_Blow_DPI          ? 
# 
_refine_hist.pdbx_refine_id                   'X-RAY DIFFRACTION' 
_refine_hist.cycle_id                         LAST 
_refine_hist.pdbx_number_atoms_protein        1068 
_refine_hist.pdbx_number_atoms_nucleic_acid   0 
_refine_hist.pdbx_number_atoms_ligand         21 
_refine_hist.number_atoms_solvent             159 
_refine_hist.number_atoms_total               1248 
_refine_hist.d_res_high                       1.7000 
_refine_hist.d_res_low                        27.8600 
# 
loop_
_refine_ls_restr.type 
_refine_ls_restr.number 
_refine_ls_restr.dev_ideal 
_refine_ls_restr.dev_ideal_target 
_refine_ls_restr.weight 
_refine_ls_restr.pdbx_restraint_function 
_refine_ls_restr.pdbx_refine_id 
r_bond_refined_d       1203 0.007  0.019  ? ? 'X-RAY DIFFRACTION' 
r_angle_refined_deg    1661 1.095  1.910  ? ? 'X-RAY DIFFRACTION' 
r_dihedral_angle_1_deg 157  5.086  5.000  ? ? 'X-RAY DIFFRACTION' 
r_dihedral_angle_2_deg 57   44.543 24.561 ? ? 'X-RAY DIFFRACTION' 
r_dihedral_angle_3_deg 200  11.872 15.000 ? ? 'X-RAY DIFFRACTION' 
r_dihedral_angle_4_deg 3    9.567  15.000 ? ? 'X-RAY DIFFRACTION' 
r_chiral_restr         171  0.077  0.200  ? ? 'X-RAY DIFFRACTION' 
r_gen_planes_refined   941  0.005  0.021  ? ? 'X-RAY DIFFRACTION' 
# 
_refine_ls_shell.d_res_high                       1.7000 
_refine_ls_shell.d_res_low                        1.7440 
_refine_ls_shell.pdbx_total_number_of_bins_used   20 
_refine_ls_shell.percent_reflns_obs               99.1500 
_refine_ls_shell.number_reflns_R_work             1109 
_refine_ls_shell.R_factor_all                     ? 
_refine_ls_shell.R_factor_R_work                  0.3030 
_refine_ls_shell.R_factor_R_free                  0.3850 
_refine_ls_shell.percent_reflns_R_free            ? 
_refine_ls_shell.number_reflns_R_free             59 
_refine_ls_shell.R_factor_R_free_error            ? 
_refine_ls_shell.number_reflns_all                1168 
_refine_ls_shell.number_reflns_obs                ? 
_refine_ls_shell.redundancy_reflns_obs            ? 
_refine_ls_shell.pdbx_refine_id                   'X-RAY DIFFRACTION' 
# 
_struct.entry_id                  4IIO 
_struct.title                     'Crystal Structure of the Second SH3 Domain of ITSN2 Bound with a Synthetic Peptide' 
_struct.pdbx_model_details        ? 
_struct.pdbx_CASP_flag            ? 
_struct.pdbx_model_type_details   ? 
# 
_struct_keywords.entry_id        4IIO 
_struct_keywords.pdbx_keywords   ENDOCYTOSIS 
_struct_keywords.text            
;Structural Genomics, Structural Genomics Consortium, SGC, SH3 domain, ITSN2, synthetic peptide, Protein-peptide complex, ENDOCYTOSIS
;
# 
loop_
_struct_asym.id 
_struct_asym.pdbx_blank_PDB_chainid_flag 
_struct_asym.pdbx_modified 
_struct_asym.entity_id 
_struct_asym.details 
A N N 1 ? 
B N N 1 ? 
C N N 2 ? 
D N N 3 ? 
E N N 4 ? 
F N N 5 ? 
G N N 5 ? 
H N N 5 ? 
I N N 5 ? 
J N N 5 ? 
K N N 5 ? 
L N N 5 ? 
M N N 5 ? 
N N N 5 ? 
O N N 5 ? 
P N N 5 ? 
Q N N 5 ? 
R N N 5 ? 
S N N 5 ? 
T N N 5 ? 
U N N 6 ? 
V N N 6 ? 
W N N 6 ? 
# 
loop_
_struct_ref.id 
_struct_ref.db_name 
_struct_ref.db_code 
_struct_ref.pdbx_db_accession 
_struct_ref.entity_id 
_struct_ref.pdbx_seq_one_letter_code 
_struct_ref.pdbx_align_begin 
_struct_ref.pdbx_db_isoform 
1 UNP ITSN2_HUMAN Q9NZM3 1 LKAQALCSWTAKKDNHLNFSKHDIITVLEQQENWWFGEVHGGRGWFPKSYVKIIP 901 ? 
2 PDB 4IIO        4IIO   2 XWRGSLSYLKGPL                                           ?   ? 
# 
loop_
_struct_ref_seq.align_id 
_struct_ref_seq.ref_id 
_struct_ref_seq.pdbx_PDB_id_code 
_struct_ref_seq.pdbx_strand_id 
_struct_ref_seq.seq_align_beg 
_struct_ref_seq.pdbx_seq_align_beg_ins_code 
_struct_ref_seq.seq_align_end 
_struct_ref_seq.pdbx_seq_align_end_ins_code 
_struct_ref_seq.pdbx_db_accession 
_struct_ref_seq.db_align_beg 
_struct_ref_seq.pdbx_db_align_beg_ins_code 
_struct_ref_seq.db_align_end 
_struct_ref_seq.pdbx_db_align_end_ins_code 
_struct_ref_seq.pdbx_auth_seq_align_beg 
_struct_ref_seq.pdbx_auth_seq_align_end 
1 1 4IIO A 9 ? 63 ? Q9NZM3 901 ? 955 ? 901 955 
2 1 4IIO B 9 ? 63 ? Q9NZM3 901 ? 955 ? 901 955 
3 2 4IIO C 1 ? 13 ? 4IIO   1   ? 13  ? 1   13  
# 
loop_
_struct_ref_seq_dif.align_id 
_struct_ref_seq_dif.pdbx_pdb_id_code 
_struct_ref_seq_dif.mon_id 
_struct_ref_seq_dif.pdbx_pdb_strand_id 
_struct_ref_seq_dif.seq_num 
_struct_ref_seq_dif.pdbx_pdb_ins_code 
_struct_ref_seq_dif.pdbx_seq_db_name 
_struct_ref_seq_dif.pdbx_seq_db_accession_code 
_struct_ref_seq_dif.db_mon_id 
_struct_ref_seq_dif.pdbx_seq_db_seq_num 
_struct_ref_seq_dif.details 
_struct_ref_seq_dif.pdbx_auth_seq_num 
_struct_ref_seq_dif.pdbx_ordinal 
1 4IIO GLY A 1  ? UNP Q9NZM3 ? ? 'expression tag' 893 1  
1 4IIO GLY A 2  ? UNP Q9NZM3 ? ? 'expression tag' 894 2  
1 4IIO MET A 3  ? UNP Q9NZM3 ? ? 'expression tag' 895 3  
1 4IIO ALA A 4  ? UNP Q9NZM3 ? ? 'expression tag' 896 4  
1 4IIO GLN A 5  ? UNP Q9NZM3 ? ? 'expression tag' 897 5  
1 4IIO GLY A 6  ? UNP Q9NZM3 ? ? 'expression tag' 898 6  
1 4IIO ALA A 7  ? UNP Q9NZM3 ? ? 'expression tag' 899 7  
1 4IIO LEU A 8  ? UNP Q9NZM3 ? ? 'expression tag' 900 8  
1 4IIO ALA A 64 ? UNP Q9NZM3 ? ? 'expression tag' 956 9  
1 4IIO ALA A 65 ? UNP Q9NZM3 ? ? 'expression tag' 957 10 
1 4IIO ALA A 66 ? UNP Q9NZM3 ? ? 'expression tag' 958 11 
2 4IIO GLY B 1  ? UNP Q9NZM3 ? ? 'expression tag' 893 12 
2 4IIO GLY B 2  ? UNP Q9NZM3 ? ? 'expression tag' 894 13 
2 4IIO MET B 3  ? UNP Q9NZM3 ? ? 'expression tag' 895 14 
2 4IIO ALA B 4  ? UNP Q9NZM3 ? ? 'expression tag' 896 15 
2 4IIO GLN B 5  ? UNP Q9NZM3 ? ? 'expression tag' 897 16 
2 4IIO GLY B 6  ? UNP Q9NZM3 ? ? 'expression tag' 898 17 
2 4IIO ALA B 7  ? UNP Q9NZM3 ? ? 'expression tag' 899 18 
2 4IIO LEU B 8  ? UNP Q9NZM3 ? ? 'expression tag' 900 19 
2 4IIO ALA B 64 ? UNP Q9NZM3 ? ? 'expression tag' 956 20 
2 4IIO ALA B 65 ? UNP Q9NZM3 ? ? 'expression tag' 957 21 
2 4IIO ALA B 66 ? UNP Q9NZM3 ? ? 'expression tag' 958 22 
# 
_pdbx_struct_assembly.id                   1 
_pdbx_struct_assembly.details              software_defined_assembly 
_pdbx_struct_assembly.method_details       PISA 
_pdbx_struct_assembly.oligomeric_details   trimeric 
_pdbx_struct_assembly.oligomeric_count     3 
# 
loop_
_pdbx_struct_assembly_prop.biol_id 
_pdbx_struct_assembly_prop.type 
_pdbx_struct_assembly_prop.value 
_pdbx_struct_assembly_prop.details 
1 'ABSA (A^2)' 1900 ? 
1 MORE         -32  ? 
1 'SSA (A^2)'  8480 ? 
# 
_pdbx_struct_assembly_gen.assembly_id       1 
_pdbx_struct_assembly_gen.oper_expression   1 
_pdbx_struct_assembly_gen.asym_id_list      A,B,C,D,E,F,G,H,I,J,K,L,M,N,O,P,Q,R,S,T,U,V,W 
# 
_pdbx_struct_oper_list.id                   1 
_pdbx_struct_oper_list.type                 'identity operation' 
_pdbx_struct_oper_list.name                 1_555 
_pdbx_struct_oper_list.symmetry_operation   x,y,z 
_pdbx_struct_oper_list.matrix[1][1]         1.0000000000 
_pdbx_struct_oper_list.matrix[1][2]         0.0000000000 
_pdbx_struct_oper_list.matrix[1][3]         0.0000000000 
_pdbx_struct_oper_list.vector[1]            0.0000000000 
_pdbx_struct_oper_list.matrix[2][1]         0.0000000000 
_pdbx_struct_oper_list.matrix[2][2]         1.0000000000 
_pdbx_struct_oper_list.matrix[2][3]         0.0000000000 
_pdbx_struct_oper_list.vector[2]            0.0000000000 
_pdbx_struct_oper_list.matrix[3][1]         0.0000000000 
_pdbx_struct_oper_list.matrix[3][2]         0.0000000000 
_pdbx_struct_oper_list.matrix[3][3]         1.0000000000 
_pdbx_struct_oper_list.vector[3]            0.0000000000 
# 
_struct_conf.conf_type_id            HELX_P 
_struct_conf.id                      HELX_P1 
_struct_conf.pdbx_PDB_helix_id       1 
_struct_conf.beg_label_comp_id       SER 
_struct_conf.beg_label_asym_id       C 
_struct_conf.beg_label_seq_id        5 
_struct_conf.pdbx_beg_PDB_ins_code   ? 
_struct_conf.end_label_comp_id       GLY 
_struct_conf.end_label_asym_id       C 
_struct_conf.end_label_seq_id        11 
_struct_conf.pdbx_end_PDB_ins_code   ? 
_struct_conf.beg_auth_comp_id        SER 
_struct_conf.beg_auth_asym_id        C 
_struct_conf.beg_auth_seq_id         5 
_struct_conf.end_auth_comp_id        GLY 
_struct_conf.end_auth_asym_id        C 
_struct_conf.end_auth_seq_id         11 
_struct_conf.pdbx_PDB_helix_class    1 
_struct_conf.details                 ? 
_struct_conf.pdbx_PDB_helix_length   7 
# 
_struct_conf_type.id          HELX_P 
_struct_conf_type.criteria    ? 
_struct_conf_type.reference   ? 
# 
loop_
_struct_conn.id 
_struct_conn.conn_type_id 
_struct_conn.pdbx_leaving_atom_flag 
_struct_conn.pdbx_PDB_id 
_struct_conn.ptnr1_label_asym_id 
_struct_conn.ptnr1_label_comp_id 
_struct_conn.ptnr1_label_seq_id 
_struct_conn.ptnr1_label_atom_id 
_struct_conn.pdbx_ptnr1_label_alt_id 
_struct_conn.pdbx_ptnr1_PDB_ins_code 
_struct_conn.pdbx_ptnr1_standard_comp_id 
_struct_conn.ptnr1_symmetry 
_struct_conn.ptnr2_label_asym_id 
_struct_conn.ptnr2_label_comp_id 
_struct_conn.ptnr2_label_seq_id 
_struct_conn.ptnr2_label_atom_id 
_struct_conn.pdbx_ptnr2_label_alt_id 
_struct_conn.pdbx_ptnr2_PDB_ins_code 
_struct_conn.ptnr1_auth_asym_id 
_struct_conn.ptnr1_auth_comp_id 
_struct_conn.ptnr1_auth_seq_id 
_struct_conn.ptnr2_auth_asym_id 
_struct_conn.ptnr2_auth_comp_id 
_struct_conn.ptnr2_auth_seq_id 
_struct_conn.ptnr2_symmetry 
_struct_conn.pdbx_ptnr3_label_atom_id 
_struct_conn.pdbx_ptnr3_label_seq_id 
_struct_conn.pdbx_ptnr3_label_comp_id 
_struct_conn.pdbx_ptnr3_label_asym_id 
_struct_conn.pdbx_ptnr3_label_alt_id 
_struct_conn.pdbx_ptnr3_PDB_ins_code 
_struct_conn.details 
_struct_conn.pdbx_dist_value 
_struct_conn.pdbx_value_order 
_struct_conn.pdbx_role 
disulf1 disulf ?    ? A CYS 15 SG A ? ? 6_655 B CYS 15 SG A ? A CYS 907 B CYS 907 1_555 ? ? ? ? ? ? ? 2.254 ? ? 
disulf2 disulf ?    ? A CYS 15 SG B ? ? 6_655 B CYS 15 SG B ? A CYS 907 B CYS 907 1_555 ? ? ? ? ? ? ? 2.360 ? ? 
covale1 covale both ? C ACE 1  C  A ? ? 1_555 C TRP 2  N  ? ? C ACE 1   C TRP 2   1_555 ? ? ? ? ? ? ? 1.340 ? ? 
covale2 covale both ? C ACE 1  C  B ? ? 1_555 C TRP 2  N  ? ? C ACE 1   C TRP 2   1_555 ? ? ? ? ? ? ? 1.339 ? ? 
# 
loop_
_struct_conn_type.id 
_struct_conn_type.criteria 
_struct_conn_type.reference 
disulf ? ? 
covale ? ? 
# 
loop_
_pdbx_modification_feature.ordinal 
_pdbx_modification_feature.label_comp_id 
_pdbx_modification_feature.label_asym_id 
_pdbx_modification_feature.label_seq_id 
_pdbx_modification_feature.label_alt_id 
_pdbx_modification_feature.modified_residue_label_comp_id 
_pdbx_modification_feature.modified_residue_label_asym_id 
_pdbx_modification_feature.modified_residue_label_seq_id 
_pdbx_modification_feature.modified_residue_label_alt_id 
_pdbx_modification_feature.auth_comp_id 
_pdbx_modification_feature.auth_asym_id 
_pdbx_modification_feature.auth_seq_id 
_pdbx_modification_feature.PDB_ins_code 
_pdbx_modification_feature.symmetry 
_pdbx_modification_feature.modified_residue_auth_comp_id 
_pdbx_modification_feature.modified_residue_auth_asym_id 
_pdbx_modification_feature.modified_residue_auth_seq_id 
_pdbx_modification_feature.modified_residue_PDB_ins_code 
_pdbx_modification_feature.modified_residue_symmetry 
_pdbx_modification_feature.comp_id_linking_atom 
_pdbx_modification_feature.modified_residue_id_linking_atom 
_pdbx_modification_feature.modified_residue_id 
_pdbx_modification_feature.ref_pcm_id 
_pdbx_modification_feature.ref_comp_id 
_pdbx_modification_feature.type 
_pdbx_modification_feature.category 
1 ACE C 1  A TRP C 2  ? ACE C 1   ? 1_555 TRP C 2   ? 1_555 .  .  TRP 16 ACE None 'Terminal acetylation' 
2 ACE C 1  B TRP C 2  ? ACE C 1   ? 1_555 TRP C 2   ? 1_555 .  .  TRP 16 ACE None 'Terminal acetylation' 
3 CYS A 15 A CYS B 15 A CYS A 907 ? 6_655 CYS B 907 ? 1_555 SG SG .   .  .   None 'Disulfide bridge'     
4 CYS A 15 B CYS B 15 B CYS A 907 ? 6_655 CYS B 907 ? 1_555 SG SG .   .  .   None 'Disulfide bridge'     
# 
loop_
_struct_sheet.id 
_struct_sheet.type 
_struct_sheet.number_strands 
_struct_sheet.details 
A ? 5 ? 
B ? 5 ? 
# 
loop_
_struct_sheet_order.sheet_id 
_struct_sheet_order.range_id_1 
_struct_sheet_order.range_id_2 
_struct_sheet_order.offset 
_struct_sheet_order.sense 
A 1 2 ? anti-parallel 
A 2 3 ? anti-parallel 
A 3 4 ? anti-parallel 
A 4 5 ? anti-parallel 
B 1 2 ? anti-parallel 
B 2 3 ? anti-parallel 
B 3 4 ? anti-parallel 
B 4 5 ? anti-parallel 
# 
loop_
_struct_sheet_range.sheet_id 
_struct_sheet_range.id 
_struct_sheet_range.beg_label_comp_id 
_struct_sheet_range.beg_label_asym_id 
_struct_sheet_range.beg_label_seq_id 
_struct_sheet_range.pdbx_beg_PDB_ins_code 
_struct_sheet_range.end_label_comp_id 
_struct_sheet_range.end_label_asym_id 
_struct_sheet_range.end_label_seq_id 
_struct_sheet_range.pdbx_end_PDB_ins_code 
_struct_sheet_range.beg_auth_comp_id 
_struct_sheet_range.beg_auth_asym_id 
_struct_sheet_range.beg_auth_seq_id 
_struct_sheet_range.end_auth_comp_id 
_struct_sheet_range.end_auth_asym_id 
_struct_sheet_range.end_auth_seq_id 
A 1 GLY A 50 ? PRO A 55 ? GLY A 942 PRO A 947 
A 2 TRP A 42 ? VAL A 47 ? TRP A 934 VAL A 939 
A 3 ILE A 32 ? GLN A 39 ? ILE A 924 GLN A 931 
A 4 LEU A 9  ? ALA A 13 ? LEU A 901 ALA A 905 
A 5 VAL A 59 ? ILE A 62 ? VAL A 951 ILE A 954 
B 1 GLY B 50 ? PRO B 55 ? GLY B 942 PRO B 947 
B 2 TRP B 42 ? VAL B 47 ? TRP B 934 VAL B 939 
B 3 ILE B 32 ? GLN B 39 ? ILE B 924 GLN B 931 
B 4 LEU B 9  ? ALA B 13 ? LEU B 901 ALA B 905 
B 5 VAL B 59 ? ILE B 62 ? VAL B 951 ILE B 954 
# 
loop_
_pdbx_struct_sheet_hbond.sheet_id 
_pdbx_struct_sheet_hbond.range_id_1 
_pdbx_struct_sheet_hbond.range_id_2 
_pdbx_struct_sheet_hbond.range_1_label_atom_id 
_pdbx_struct_sheet_hbond.range_1_label_comp_id 
_pdbx_struct_sheet_hbond.range_1_label_asym_id 
_pdbx_struct_sheet_hbond.range_1_label_seq_id 
_pdbx_struct_sheet_hbond.range_1_PDB_ins_code 
_pdbx_struct_sheet_hbond.range_1_auth_atom_id 
_pdbx_struct_sheet_hbond.range_1_auth_comp_id 
_pdbx_struct_sheet_hbond.range_1_auth_asym_id 
_pdbx_struct_sheet_hbond.range_1_auth_seq_id 
_pdbx_struct_sheet_hbond.range_2_label_atom_id 
_pdbx_struct_sheet_hbond.range_2_label_comp_id 
_pdbx_struct_sheet_hbond.range_2_label_asym_id 
_pdbx_struct_sheet_hbond.range_2_label_seq_id 
_pdbx_struct_sheet_hbond.range_2_PDB_ins_code 
_pdbx_struct_sheet_hbond.range_2_auth_atom_id 
_pdbx_struct_sheet_hbond.range_2_auth_comp_id 
_pdbx_struct_sheet_hbond.range_2_auth_asym_id 
_pdbx_struct_sheet_hbond.range_2_auth_seq_id 
A 1 2 O GLY A 52 ? O GLY A 944 N GLY A 45 ? N GLY A 937 
A 2 3 O PHE A 44 ? O PHE A 936 N LEU A 36 ? N LEU A 928 
A 3 4 O ILE A 33 ? O ILE A 925 N ALA A 11 ? N ALA A 903 
A 4 5 N GLN A 12 ? N GLN A 904 O LYS A 60 ? O LYS A 952 
B 1 2 O PHE B 54 ? O PHE B 946 N TRP B 43 ? N TRP B 935 
B 2 3 O GLU B 46 ? O GLU B 938 N THR B 34 ? N THR B 926 
B 3 4 O ILE B 33 ? O ILE B 925 N ALA B 11 ? N ALA B 903 
B 4 5 N LYS B 10 ? N LYS B 902 O ILE B 62 ? O ILE B 954 
# 
loop_
_struct_site.id 
_struct_site.pdbx_evidence_code 
_struct_site.pdbx_auth_asym_id 
_struct_site.pdbx_auth_comp_id 
_struct_site.pdbx_auth_seq_id 
_struct_site.pdbx_auth_ins_code 
_struct_site.pdbx_num_residues 
_struct_site.details 
AC1 Software A CL  1001 ? 4 'BINDING SITE FOR RESIDUE CL A 1001'  
AC2 Software A SO4 1002 ? 6 'BINDING SITE FOR RESIDUE SO4 A 1002' 
# 
loop_
_struct_site_gen.id 
_struct_site_gen.site_id 
_struct_site_gen.pdbx_num_res 
_struct_site_gen.label_comp_id 
_struct_site_gen.label_asym_id 
_struct_site_gen.label_seq_id 
_struct_site_gen.pdbx_auth_ins_code 
_struct_site_gen.auth_comp_id 
_struct_site_gen.auth_asym_id 
_struct_site_gen.auth_seq_id 
_struct_site_gen.label_atom_id 
_struct_site_gen.label_alt_id 
_struct_site_gen.symmetry 
_struct_site_gen.details 
1  AC1 4 TRP A 17 ? TRP A 909  . ? 1_555 ? 
2  AC1 4 THR A 18 ? THR A 910  . ? 1_555 ? 
3  AC1 4 ALA A 19 ? ALA A 911  . ? 1_555 ? 
4  AC1 4 HOH U .  ? HOH A 1169 . ? 1_555 ? 
5  AC2 6 LYS A 29 ? LYS A 921  . ? 1_555 ? 
6  AC2 6 HIS A 30 ? HIS A 922  . ? 1_555 ? 
7  AC2 6 HOH U .  ? HOH A 1116 . ? 1_555 ? 
8  AC2 6 HOH U .  ? HOH A 1129 . ? 1_555 ? 
9  AC2 6 HOH U .  ? HOH A 1154 . ? 1_555 ? 
10 AC2 6 HIS B 30 ? HIS B 922  . ? 1_555 ? 
# 
_pdbx_entry_details.entry_id                   4IIO 
_pdbx_entry_details.compound_details           ? 
_pdbx_entry_details.source_details             ? 
_pdbx_entry_details.nonpolymer_details         ? 
_pdbx_entry_details.sequence_details           ? 
_pdbx_entry_details.has_ligand_of_interest     ? 
_pdbx_entry_details.has_protein_modification   Y 
# 
_pdbx_validate_close_contact.id               1 
_pdbx_validate_close_contact.PDB_model_num    1 
_pdbx_validate_close_contact.auth_atom_id_1   CD 
_pdbx_validate_close_contact.auth_asym_id_1   B 
_pdbx_validate_close_contact.auth_comp_id_1   LYS 
_pdbx_validate_close_contact.auth_seq_id_1    952 
_pdbx_validate_close_contact.PDB_ins_code_1   ? 
_pdbx_validate_close_contact.label_alt_id_1   ? 
_pdbx_validate_close_contact.auth_atom_id_2   UNK 
_pdbx_validate_close_contact.auth_asym_id_2   B 
_pdbx_validate_close_contact.auth_comp_id_2   UNX 
_pdbx_validate_close_contact.auth_seq_id_2    1001 
_pdbx_validate_close_contact.PDB_ins_code_2   ? 
_pdbx_validate_close_contact.label_alt_id_2   ? 
_pdbx_validate_close_contact.dist             1.83 
# 
loop_
_pdbx_validate_torsion.id 
_pdbx_validate_torsion.PDB_model_num 
_pdbx_validate_torsion.auth_comp_id 
_pdbx_validate_torsion.auth_asym_id 
_pdbx_validate_torsion.auth_seq_id 
_pdbx_validate_torsion.PDB_ins_code 
_pdbx_validate_torsion.label_alt_id 
_pdbx_validate_torsion.phi 
_pdbx_validate_torsion.psi 
1 1 HIS A 922 ? ? 82.37  -4.22   
2 1 GLU A 932 ? ? 58.08  -114.59 
3 1 LYS B 921 ? ? -39.41 130.22  
4 1 HIS B 922 ? ? 84.70  -8.53   
5 1 GLU B 932 ? ? 58.47  -109.05 
# 
_pdbx_SG_project.id                    1 
_pdbx_SG_project.project_name          ? 
_pdbx_SG_project.full_name_of_center   'Structural Genomics Consortium' 
_pdbx_SG_project.initial_of_center     SGC 
# 
loop_
_pdbx_distant_solvent_atoms.id 
_pdbx_distant_solvent_atoms.PDB_model_num 
_pdbx_distant_solvent_atoms.auth_atom_id 
_pdbx_distant_solvent_atoms.label_alt_id 
_pdbx_distant_solvent_atoms.auth_asym_id 
_pdbx_distant_solvent_atoms.auth_comp_id 
_pdbx_distant_solvent_atoms.auth_seq_id 
_pdbx_distant_solvent_atoms.PDB_ins_code 
_pdbx_distant_solvent_atoms.neighbor_macromolecule_distance 
_pdbx_distant_solvent_atoms.neighbor_ligand_distance 
1 1 O ? A HOH 1134 ? 5.87 . 
2 1 O ? A HOH 1157 ? 5.87 . 
3 1 O ? A HOH 1178 ? 6.47 . 
4 1 O ? B HOH 1159 ? 6.10 . 
# 
loop_
_pdbx_unobs_or_zero_occ_residues.id 
_pdbx_unobs_or_zero_occ_residues.PDB_model_num 
_pdbx_unobs_or_zero_occ_residues.polymer_flag 
_pdbx_unobs_or_zero_occ_residues.occupancy_flag 
_pdbx_unobs_or_zero_occ_residues.auth_asym_id 
_pdbx_unobs_or_zero_occ_residues.auth_comp_id 
_pdbx_unobs_or_zero_occ_residues.auth_seq_id 
_pdbx_unobs_or_zero_occ_residues.PDB_ins_code 
_pdbx_unobs_or_zero_occ_residues.label_asym_id 
_pdbx_unobs_or_zero_occ_residues.label_comp_id 
_pdbx_unobs_or_zero_occ_residues.label_seq_id 
1  1 Y 1 A GLY 893 ? A GLY 1  
2  1 Y 1 A ALA 957 ? A ALA 65 
3  1 Y 1 A ALA 958 ? A ALA 66 
4  1 Y 1 B GLY 893 ? B GLY 1  
5  1 Y 1 B GLY 894 ? B GLY 2  
6  1 Y 1 B MET 895 ? B MET 3  
7  1 Y 1 B ALA 896 ? B ALA 4  
8  1 Y 1 B GLN 897 ? B GLN 5  
9  1 Y 1 B GLY 898 ? B GLY 6  
10 1 Y 1 B ALA 956 ? B ALA 64 
11 1 Y 1 B ALA 957 ? B ALA 65 
12 1 Y 1 B ALA 958 ? B ALA 66 
# 
loop_
_chem_comp_atom.comp_id 
_chem_comp_atom.atom_id 
_chem_comp_atom.type_symbol 
_chem_comp_atom.pdbx_aromatic_flag 
_chem_comp_atom.pdbx_stereo_config 
_chem_comp_atom.pdbx_ordinal 
ACE C    C  N N 1   
ACE O    O  N N 2   
ACE CH3  C  N N 3   
ACE H    H  N N 4   
ACE H1   H  N N 5   
ACE H2   H  N N 6   
ACE H3   H  N N 7   
ALA N    N  N N 8   
ALA CA   C  N S 9   
ALA C    C  N N 10  
ALA O    O  N N 11  
ALA CB   C  N N 12  
ALA OXT  O  N N 13  
ALA H    H  N N 14  
ALA H2   H  N N 15  
ALA HA   H  N N 16  
ALA HB1  H  N N 17  
ALA HB2  H  N N 18  
ALA HB3  H  N N 19  
ALA HXT  H  N N 20  
ARG N    N  N N 21  
ARG CA   C  N S 22  
ARG C    C  N N 23  
ARG O    O  N N 24  
ARG CB   C  N N 25  
ARG CG   C  N N 26  
ARG CD   C  N N 27  
ARG NE   N  N N 28  
ARG CZ   C  N N 29  
ARG NH1  N  N N 30  
ARG NH2  N  N N 31  
ARG OXT  O  N N 32  
ARG H    H  N N 33  
ARG H2   H  N N 34  
ARG HA   H  N N 35  
ARG HB2  H  N N 36  
ARG HB3  H  N N 37  
ARG HG2  H  N N 38  
ARG HG3  H  N N 39  
ARG HD2  H  N N 40  
ARG HD3  H  N N 41  
ARG HE   H  N N 42  
ARG HH11 H  N N 43  
ARG HH12 H  N N 44  
ARG HH21 H  N N 45  
ARG HH22 H  N N 46  
ARG HXT  H  N N 47  
ASN N    N  N N 48  
ASN CA   C  N S 49  
ASN C    C  N N 50  
ASN O    O  N N 51  
ASN CB   C  N N 52  
ASN CG   C  N N 53  
ASN OD1  O  N N 54  
ASN ND2  N  N N 55  
ASN OXT  O  N N 56  
ASN H    H  N N 57  
ASN H2   H  N N 58  
ASN HA   H  N N 59  
ASN HB2  H  N N 60  
ASN HB3  H  N N 61  
ASN HD21 H  N N 62  
ASN HD22 H  N N 63  
ASN HXT  H  N N 64  
ASP N    N  N N 65  
ASP CA   C  N S 66  
ASP C    C  N N 67  
ASP O    O  N N 68  
ASP CB   C  N N 69  
ASP CG   C  N N 70  
ASP OD1  O  N N 71  
ASP OD2  O  N N 72  
ASP OXT  O  N N 73  
ASP H    H  N N 74  
ASP H2   H  N N 75  
ASP HA   H  N N 76  
ASP HB2  H  N N 77  
ASP HB3  H  N N 78  
ASP HD2  H  N N 79  
ASP HXT  H  N N 80  
CL  CL   CL N N 81  
CYS N    N  N N 82  
CYS CA   C  N R 83  
CYS C    C  N N 84  
CYS O    O  N N 85  
CYS CB   C  N N 86  
CYS SG   S  N N 87  
CYS OXT  O  N N 88  
CYS H    H  N N 89  
CYS H2   H  N N 90  
CYS HA   H  N N 91  
CYS HB2  H  N N 92  
CYS HB3  H  N N 93  
CYS HG   H  N N 94  
CYS HXT  H  N N 95  
GLN N    N  N N 96  
GLN CA   C  N S 97  
GLN C    C  N N 98  
GLN O    O  N N 99  
GLN CB   C  N N 100 
GLN CG   C  N N 101 
GLN CD   C  N N 102 
GLN OE1  O  N N 103 
GLN NE2  N  N N 104 
GLN OXT  O  N N 105 
GLN H    H  N N 106 
GLN H2   H  N N 107 
GLN HA   H  N N 108 
GLN HB2  H  N N 109 
GLN HB3  H  N N 110 
GLN HG2  H  N N 111 
GLN HG3  H  N N 112 
GLN HE21 H  N N 113 
GLN HE22 H  N N 114 
GLN HXT  H  N N 115 
GLU N    N  N N 116 
GLU CA   C  N S 117 
GLU C    C  N N 118 
GLU O    O  N N 119 
GLU CB   C  N N 120 
GLU CG   C  N N 121 
GLU CD   C  N N 122 
GLU OE1  O  N N 123 
GLU OE2  O  N N 124 
GLU OXT  O  N N 125 
GLU H    H  N N 126 
GLU H2   H  N N 127 
GLU HA   H  N N 128 
GLU HB2  H  N N 129 
GLU HB3  H  N N 130 
GLU HG2  H  N N 131 
GLU HG3  H  N N 132 
GLU HE2  H  N N 133 
GLU HXT  H  N N 134 
GLY N    N  N N 135 
GLY CA   C  N N 136 
GLY C    C  N N 137 
GLY O    O  N N 138 
GLY OXT  O  N N 139 
GLY H    H  N N 140 
GLY H2   H  N N 141 
GLY HA2  H  N N 142 
GLY HA3  H  N N 143 
GLY HXT  H  N N 144 
HIS N    N  N N 145 
HIS CA   C  N S 146 
HIS C    C  N N 147 
HIS O    O  N N 148 
HIS CB   C  N N 149 
HIS CG   C  Y N 150 
HIS ND1  N  Y N 151 
HIS CD2  C  Y N 152 
HIS CE1  C  Y N 153 
HIS NE2  N  Y N 154 
HIS OXT  O  N N 155 
HIS H    H  N N 156 
HIS H2   H  N N 157 
HIS HA   H  N N 158 
HIS HB2  H  N N 159 
HIS HB3  H  N N 160 
HIS HD1  H  N N 161 
HIS HD2  H  N N 162 
HIS HE1  H  N N 163 
HIS HE2  H  N N 164 
HIS HXT  H  N N 165 
HOH O    O  N N 166 
HOH H1   H  N N 167 
HOH H2   H  N N 168 
ILE N    N  N N 169 
ILE CA   C  N S 170 
ILE C    C  N N 171 
ILE O    O  N N 172 
ILE CB   C  N S 173 
ILE CG1  C  N N 174 
ILE CG2  C  N N 175 
ILE CD1  C  N N 176 
ILE OXT  O  N N 177 
ILE H    H  N N 178 
ILE H2   H  N N 179 
ILE HA   H  N N 180 
ILE HB   H  N N 181 
ILE HG12 H  N N 182 
ILE HG13 H  N N 183 
ILE HG21 H  N N 184 
ILE HG22 H  N N 185 
ILE HG23 H  N N 186 
ILE HD11 H  N N 187 
ILE HD12 H  N N 188 
ILE HD13 H  N N 189 
ILE HXT  H  N N 190 
LEU N    N  N N 191 
LEU CA   C  N S 192 
LEU C    C  N N 193 
LEU O    O  N N 194 
LEU CB   C  N N 195 
LEU CG   C  N N 196 
LEU CD1  C  N N 197 
LEU CD2  C  N N 198 
LEU OXT  O  N N 199 
LEU H    H  N N 200 
LEU H2   H  N N 201 
LEU HA   H  N N 202 
LEU HB2  H  N N 203 
LEU HB3  H  N N 204 
LEU HG   H  N N 205 
LEU HD11 H  N N 206 
LEU HD12 H  N N 207 
LEU HD13 H  N N 208 
LEU HD21 H  N N 209 
LEU HD22 H  N N 210 
LEU HD23 H  N N 211 
LEU HXT  H  N N 212 
LYS N    N  N N 213 
LYS CA   C  N S 214 
LYS C    C  N N 215 
LYS O    O  N N 216 
LYS CB   C  N N 217 
LYS CG   C  N N 218 
LYS CD   C  N N 219 
LYS CE   C  N N 220 
LYS NZ   N  N N 221 
LYS OXT  O  N N 222 
LYS H    H  N N 223 
LYS H2   H  N N 224 
LYS HA   H  N N 225 
LYS HB2  H  N N 226 
LYS HB3  H  N N 227 
LYS HG2  H  N N 228 
LYS HG3  H  N N 229 
LYS HD2  H  N N 230 
LYS HD3  H  N N 231 
LYS HE2  H  N N 232 
LYS HE3  H  N N 233 
LYS HZ1  H  N N 234 
LYS HZ2  H  N N 235 
LYS HZ3  H  N N 236 
LYS HXT  H  N N 237 
MET N    N  N N 238 
MET CA   C  N S 239 
MET C    C  N N 240 
MET O    O  N N 241 
MET CB   C  N N 242 
MET CG   C  N N 243 
MET SD   S  N N 244 
MET CE   C  N N 245 
MET OXT  O  N N 246 
MET H    H  N N 247 
MET H2   H  N N 248 
MET HA   H  N N 249 
MET HB2  H  N N 250 
MET HB3  H  N N 251 
MET HG2  H  N N 252 
MET HG3  H  N N 253 
MET HE1  H  N N 254 
MET HE2  H  N N 255 
MET HE3  H  N N 256 
MET HXT  H  N N 257 
PHE N    N  N N 258 
PHE CA   C  N S 259 
PHE C    C  N N 260 
PHE O    O  N N 261 
PHE CB   C  N N 262 
PHE CG   C  Y N 263 
PHE CD1  C  Y N 264 
PHE CD2  C  Y N 265 
PHE CE1  C  Y N 266 
PHE CE2  C  Y N 267 
PHE CZ   C  Y N 268 
PHE OXT  O  N N 269 
PHE H    H  N N 270 
PHE H2   H  N N 271 
PHE HA   H  N N 272 
PHE HB2  H  N N 273 
PHE HB3  H  N N 274 
PHE HD1  H  N N 275 
PHE HD2  H  N N 276 
PHE HE1  H  N N 277 
PHE HE2  H  N N 278 
PHE HZ   H  N N 279 
PHE HXT  H  N N 280 
PRO N    N  N N 281 
PRO CA   C  N S 282 
PRO C    C  N N 283 
PRO O    O  N N 284 
PRO CB   C  N N 285 
PRO CG   C  N N 286 
PRO CD   C  N N 287 
PRO OXT  O  N N 288 
PRO H    H  N N 289 
PRO HA   H  N N 290 
PRO HB2  H  N N 291 
PRO HB3  H  N N 292 
PRO HG2  H  N N 293 
PRO HG3  H  N N 294 
PRO HD2  H  N N 295 
PRO HD3  H  N N 296 
PRO HXT  H  N N 297 
SER N    N  N N 298 
SER CA   C  N S 299 
SER C    C  N N 300 
SER O    O  N N 301 
SER CB   C  N N 302 
SER OG   O  N N 303 
SER OXT  O  N N 304 
SER H    H  N N 305 
SER H2   H  N N 306 
SER HA   H  N N 307 
SER HB2  H  N N 308 
SER HB3  H  N N 309 
SER HG   H  N N 310 
SER HXT  H  N N 311 
SO4 S    S  N N 312 
SO4 O1   O  N N 313 
SO4 O2   O  N N 314 
SO4 O3   O  N N 315 
SO4 O4   O  N N 316 
THR N    N  N N 317 
THR CA   C  N S 318 
THR C    C  N N 319 
THR O    O  N N 320 
THR CB   C  N R 321 
THR OG1  O  N N 322 
THR CG2  C  N N 323 
THR OXT  O  N N 324 
THR H    H  N N 325 
THR H2   H  N N 326 
THR HA   H  N N 327 
THR HB   H  N N 328 
THR HG1  H  N N 329 
THR HG21 H  N N 330 
THR HG22 H  N N 331 
THR HG23 H  N N 332 
THR HXT  H  N N 333 
TRP N    N  N N 334 
TRP CA   C  N S 335 
TRP C    C  N N 336 
TRP O    O  N N 337 
TRP CB   C  N N 338 
TRP CG   C  Y N 339 
TRP CD1  C  Y N 340 
TRP CD2  C  Y N 341 
TRP NE1  N  Y N 342 
TRP CE2  C  Y N 343 
TRP CE3  C  Y N 344 
TRP CZ2  C  Y N 345 
TRP CZ3  C  Y N 346 
TRP CH2  C  Y N 347 
TRP OXT  O  N N 348 
TRP H    H  N N 349 
TRP H2   H  N N 350 
TRP HA   H  N N 351 
TRP HB2  H  N N 352 
TRP HB3  H  N N 353 
TRP HD1  H  N N 354 
TRP HE1  H  N N 355 
TRP HE3  H  N N 356 
TRP HZ2  H  N N 357 
TRP HZ3  H  N N 358 
TRP HH2  H  N N 359 
TRP HXT  H  N N 360 
TYR N    N  N N 361 
TYR CA   C  N S 362 
TYR C    C  N N 363 
TYR O    O  N N 364 
TYR CB   C  N N 365 
TYR CG   C  Y N 366 
TYR CD1  C  Y N 367 
TYR CD2  C  Y N 368 
TYR CE1  C  Y N 369 
TYR CE2  C  Y N 370 
TYR CZ   C  Y N 371 
TYR OH   O  N N 372 
TYR OXT  O  N N 373 
TYR H    H  N N 374 
TYR H2   H  N N 375 
TYR HA   H  N N 376 
TYR HB2  H  N N 377 
TYR HB3  H  N N 378 
TYR HD1  H  N N 379 
TYR HD2  H  N N 380 
TYR HE1  H  N N 381 
TYR HE2  H  N N 382 
TYR HH   H  N N 383 
TYR HXT  H  N N 384 
VAL N    N  N N 385 
VAL CA   C  N S 386 
VAL C    C  N N 387 
VAL O    O  N N 388 
VAL CB   C  N N 389 
VAL CG1  C  N N 390 
VAL CG2  C  N N 391 
VAL OXT  O  N N 392 
VAL H    H  N N 393 
VAL H2   H  N N 394 
VAL HA   H  N N 395 
VAL HB   H  N N 396 
VAL HG11 H  N N 397 
VAL HG12 H  N N 398 
VAL HG13 H  N N 399 
VAL HG21 H  N N 400 
VAL HG22 H  N N 401 
VAL HG23 H  N N 402 
VAL HXT  H  N N 403 
# 
loop_
_chem_comp_bond.comp_id 
_chem_comp_bond.atom_id_1 
_chem_comp_bond.atom_id_2 
_chem_comp_bond.value_order 
_chem_comp_bond.pdbx_aromatic_flag 
_chem_comp_bond.pdbx_stereo_config 
_chem_comp_bond.pdbx_ordinal 
ACE C   O    doub N N 1   
ACE C   CH3  sing N N 2   
ACE C   H    sing N N 3   
ACE CH3 H1   sing N N 4   
ACE CH3 H2   sing N N 5   
ACE CH3 H3   sing N N 6   
ALA N   CA   sing N N 7   
ALA N   H    sing N N 8   
ALA N   H2   sing N N 9   
ALA CA  C    sing N N 10  
ALA CA  CB   sing N N 11  
ALA CA  HA   sing N N 12  
ALA C   O    doub N N 13  
ALA C   OXT  sing N N 14  
ALA CB  HB1  sing N N 15  
ALA CB  HB2  sing N N 16  
ALA CB  HB3  sing N N 17  
ALA OXT HXT  sing N N 18  
ARG N   CA   sing N N 19  
ARG N   H    sing N N 20  
ARG N   H2   sing N N 21  
ARG CA  C    sing N N 22  
ARG CA  CB   sing N N 23  
ARG CA  HA   sing N N 24  
ARG C   O    doub N N 25  
ARG C   OXT  sing N N 26  
ARG CB  CG   sing N N 27  
ARG CB  HB2  sing N N 28  
ARG CB  HB3  sing N N 29  
ARG CG  CD   sing N N 30  
ARG CG  HG2  sing N N 31  
ARG CG  HG3  sing N N 32  
ARG CD  NE   sing N N 33  
ARG CD  HD2  sing N N 34  
ARG CD  HD3  sing N N 35  
ARG NE  CZ   sing N N 36  
ARG NE  HE   sing N N 37  
ARG CZ  NH1  sing N N 38  
ARG CZ  NH2  doub N N 39  
ARG NH1 HH11 sing N N 40  
ARG NH1 HH12 sing N N 41  
ARG NH2 HH21 sing N N 42  
ARG NH2 HH22 sing N N 43  
ARG OXT HXT  sing N N 44  
ASN N   CA   sing N N 45  
ASN N   H    sing N N 46  
ASN N   H2   sing N N 47  
ASN CA  C    sing N N 48  
ASN CA  CB   sing N N 49  
ASN CA  HA   sing N N 50  
ASN C   O    doub N N 51  
ASN C   OXT  sing N N 52  
ASN CB  CG   sing N N 53  
ASN CB  HB2  sing N N 54  
ASN CB  HB3  sing N N 55  
ASN CG  OD1  doub N N 56  
ASN CG  ND2  sing N N 57  
ASN ND2 HD21 sing N N 58  
ASN ND2 HD22 sing N N 59  
ASN OXT HXT  sing N N 60  
ASP N   CA   sing N N 61  
ASP N   H    sing N N 62  
ASP N   H2   sing N N 63  
ASP CA  C    sing N N 64  
ASP CA  CB   sing N N 65  
ASP CA  HA   sing N N 66  
ASP C   O    doub N N 67  
ASP C   OXT  sing N N 68  
ASP CB  CG   sing N N 69  
ASP CB  HB2  sing N N 70  
ASP CB  HB3  sing N N 71  
ASP CG  OD1  doub N N 72  
ASP CG  OD2  sing N N 73  
ASP OD2 HD2  sing N N 74  
ASP OXT HXT  sing N N 75  
CYS N   CA   sing N N 76  
CYS N   H    sing N N 77  
CYS N   H2   sing N N 78  
CYS CA  C    sing N N 79  
CYS CA  CB   sing N N 80  
CYS CA  HA   sing N N 81  
CYS C   O    doub N N 82  
CYS C   OXT  sing N N 83  
CYS CB  SG   sing N N 84  
CYS CB  HB2  sing N N 85  
CYS CB  HB3  sing N N 86  
CYS SG  HG   sing N N 87  
CYS OXT HXT  sing N N 88  
GLN N   CA   sing N N 89  
GLN N   H    sing N N 90  
GLN N   H2   sing N N 91  
GLN CA  C    sing N N 92  
GLN CA  CB   sing N N 93  
GLN CA  HA   sing N N 94  
GLN C   O    doub N N 95  
GLN C   OXT  sing N N 96  
GLN CB  CG   sing N N 97  
GLN CB  HB2  sing N N 98  
GLN CB  HB3  sing N N 99  
GLN CG  CD   sing N N 100 
GLN CG  HG2  sing N N 101 
GLN CG  HG3  sing N N 102 
GLN CD  OE1  doub N N 103 
GLN CD  NE2  sing N N 104 
GLN NE2 HE21 sing N N 105 
GLN NE2 HE22 sing N N 106 
GLN OXT HXT  sing N N 107 
GLU N   CA   sing N N 108 
GLU N   H    sing N N 109 
GLU N   H2   sing N N 110 
GLU CA  C    sing N N 111 
GLU CA  CB   sing N N 112 
GLU CA  HA   sing N N 113 
GLU C   O    doub N N 114 
GLU C   OXT  sing N N 115 
GLU CB  CG   sing N N 116 
GLU CB  HB2  sing N N 117 
GLU CB  HB3  sing N N 118 
GLU CG  CD   sing N N 119 
GLU CG  HG2  sing N N 120 
GLU CG  HG3  sing N N 121 
GLU CD  OE1  doub N N 122 
GLU CD  OE2  sing N N 123 
GLU OE2 HE2  sing N N 124 
GLU OXT HXT  sing N N 125 
GLY N   CA   sing N N 126 
GLY N   H    sing N N 127 
GLY N   H2   sing N N 128 
GLY CA  C    sing N N 129 
GLY CA  HA2  sing N N 130 
GLY CA  HA3  sing N N 131 
GLY C   O    doub N N 132 
GLY C   OXT  sing N N 133 
GLY OXT HXT  sing N N 134 
HIS N   CA   sing N N 135 
HIS N   H    sing N N 136 
HIS N   H2   sing N N 137 
HIS CA  C    sing N N 138 
HIS CA  CB   sing N N 139 
HIS CA  HA   sing N N 140 
HIS C   O    doub N N 141 
HIS C   OXT  sing N N 142 
HIS CB  CG   sing N N 143 
HIS CB  HB2  sing N N 144 
HIS CB  HB3  sing N N 145 
HIS CG  ND1  sing Y N 146 
HIS CG  CD2  doub Y N 147 
HIS ND1 CE1  doub Y N 148 
HIS ND1 HD1  sing N N 149 
HIS CD2 NE2  sing Y N 150 
HIS CD2 HD2  sing N N 151 
HIS CE1 NE2  sing Y N 152 
HIS CE1 HE1  sing N N 153 
HIS NE2 HE2  sing N N 154 
HIS OXT HXT  sing N N 155 
HOH O   H1   sing N N 156 
HOH O   H2   sing N N 157 
ILE N   CA   sing N N 158 
ILE N   H    sing N N 159 
ILE N   H2   sing N N 160 
ILE CA  C    sing N N 161 
ILE CA  CB   sing N N 162 
ILE CA  HA   sing N N 163 
ILE C   O    doub N N 164 
ILE C   OXT  sing N N 165 
ILE CB  CG1  sing N N 166 
ILE CB  CG2  sing N N 167 
ILE CB  HB   sing N N 168 
ILE CG1 CD1  sing N N 169 
ILE CG1 HG12 sing N N 170 
ILE CG1 HG13 sing N N 171 
ILE CG2 HG21 sing N N 172 
ILE CG2 HG22 sing N N 173 
ILE CG2 HG23 sing N N 174 
ILE CD1 HD11 sing N N 175 
ILE CD1 HD12 sing N N 176 
ILE CD1 HD13 sing N N 177 
ILE OXT HXT  sing N N 178 
LEU N   CA   sing N N 179 
LEU N   H    sing N N 180 
LEU N   H2   sing N N 181 
LEU CA  C    sing N N 182 
LEU CA  CB   sing N N 183 
LEU CA  HA   sing N N 184 
LEU C   O    doub N N 185 
LEU C   OXT  sing N N 186 
LEU CB  CG   sing N N 187 
LEU CB  HB2  sing N N 188 
LEU CB  HB3  sing N N 189 
LEU CG  CD1  sing N N 190 
LEU CG  CD2  sing N N 191 
LEU CG  HG   sing N N 192 
LEU CD1 HD11 sing N N 193 
LEU CD1 HD12 sing N N 194 
LEU CD1 HD13 sing N N 195 
LEU CD2 HD21 sing N N 196 
LEU CD2 HD22 sing N N 197 
LEU CD2 HD23 sing N N 198 
LEU OXT HXT  sing N N 199 
LYS N   CA   sing N N 200 
LYS N   H    sing N N 201 
LYS N   H2   sing N N 202 
LYS CA  C    sing N N 203 
LYS CA  CB   sing N N 204 
LYS CA  HA   sing N N 205 
LYS C   O    doub N N 206 
LYS C   OXT  sing N N 207 
LYS CB  CG   sing N N 208 
LYS CB  HB2  sing N N 209 
LYS CB  HB3  sing N N 210 
LYS CG  CD   sing N N 211 
LYS CG  HG2  sing N N 212 
LYS CG  HG3  sing N N 213 
LYS CD  CE   sing N N 214 
LYS CD  HD2  sing N N 215 
LYS CD  HD3  sing N N 216 
LYS CE  NZ   sing N N 217 
LYS CE  HE2  sing N N 218 
LYS CE  HE3  sing N N 219 
LYS NZ  HZ1  sing N N 220 
LYS NZ  HZ2  sing N N 221 
LYS NZ  HZ3  sing N N 222 
LYS OXT HXT  sing N N 223 
MET N   CA   sing N N 224 
MET N   H    sing N N 225 
MET N   H2   sing N N 226 
MET CA  C    sing N N 227 
MET CA  CB   sing N N 228 
MET CA  HA   sing N N 229 
MET C   O    doub N N 230 
MET C   OXT  sing N N 231 
MET CB  CG   sing N N 232 
MET CB  HB2  sing N N 233 
MET CB  HB3  sing N N 234 
MET CG  SD   sing N N 235 
MET CG  HG2  sing N N 236 
MET CG  HG3  sing N N 237 
MET SD  CE   sing N N 238 
MET CE  HE1  sing N N 239 
MET CE  HE2  sing N N 240 
MET CE  HE3  sing N N 241 
MET OXT HXT  sing N N 242 
PHE N   CA   sing N N 243 
PHE N   H    sing N N 244 
PHE N   H2   sing N N 245 
PHE CA  C    sing N N 246 
PHE CA  CB   sing N N 247 
PHE CA  HA   sing N N 248 
PHE C   O    doub N N 249 
PHE C   OXT  sing N N 250 
PHE CB  CG   sing N N 251 
PHE CB  HB2  sing N N 252 
PHE CB  HB3  sing N N 253 
PHE CG  CD1  doub Y N 254 
PHE CG  CD2  sing Y N 255 
PHE CD1 CE1  sing Y N 256 
PHE CD1 HD1  sing N N 257 
PHE CD2 CE2  doub Y N 258 
PHE CD2 HD2  sing N N 259 
PHE CE1 CZ   doub Y N 260 
PHE CE1 HE1  sing N N 261 
PHE CE2 CZ   sing Y N 262 
PHE CE2 HE2  sing N N 263 
PHE CZ  HZ   sing N N 264 
PHE OXT HXT  sing N N 265 
PRO N   CA   sing N N 266 
PRO N   CD   sing N N 267 
PRO N   H    sing N N 268 
PRO CA  C    sing N N 269 
PRO CA  CB   sing N N 270 
PRO CA  HA   sing N N 271 
PRO C   O    doub N N 272 
PRO C   OXT  sing N N 273 
PRO CB  CG   sing N N 274 
PRO CB  HB2  sing N N 275 
PRO CB  HB3  sing N N 276 
PRO CG  CD   sing N N 277 
PRO CG  HG2  sing N N 278 
PRO CG  HG3  sing N N 279 
PRO CD  HD2  sing N N 280 
PRO CD  HD3  sing N N 281 
PRO OXT HXT  sing N N 282 
SER N   CA   sing N N 283 
SER N   H    sing N N 284 
SER N   H2   sing N N 285 
SER CA  C    sing N N 286 
SER CA  CB   sing N N 287 
SER CA  HA   sing N N 288 
SER C   O    doub N N 289 
SER C   OXT  sing N N 290 
SER CB  OG   sing N N 291 
SER CB  HB2  sing N N 292 
SER CB  HB3  sing N N 293 
SER OG  HG   sing N N 294 
SER OXT HXT  sing N N 295 
SO4 S   O1   doub N N 296 
SO4 S   O2   doub N N 297 
SO4 S   O3   sing N N 298 
SO4 S   O4   sing N N 299 
THR N   CA   sing N N 300 
THR N   H    sing N N 301 
THR N   H2   sing N N 302 
THR CA  C    sing N N 303 
THR CA  CB   sing N N 304 
THR CA  HA   sing N N 305 
THR C   O    doub N N 306 
THR C   OXT  sing N N 307 
THR CB  OG1  sing N N 308 
THR CB  CG2  sing N N 309 
THR CB  HB   sing N N 310 
THR OG1 HG1  sing N N 311 
THR CG2 HG21 sing N N 312 
THR CG2 HG22 sing N N 313 
THR CG2 HG23 sing N N 314 
THR OXT HXT  sing N N 315 
TRP N   CA   sing N N 316 
TRP N   H    sing N N 317 
TRP N   H2   sing N N 318 
TRP CA  C    sing N N 319 
TRP CA  CB   sing N N 320 
TRP CA  HA   sing N N 321 
TRP C   O    doub N N 322 
TRP C   OXT  sing N N 323 
TRP CB  CG   sing N N 324 
TRP CB  HB2  sing N N 325 
TRP CB  HB3  sing N N 326 
TRP CG  CD1  doub Y N 327 
TRP CG  CD2  sing Y N 328 
TRP CD1 NE1  sing Y N 329 
TRP CD1 HD1  sing N N 330 
TRP CD2 CE2  doub Y N 331 
TRP CD2 CE3  sing Y N 332 
TRP NE1 CE2  sing Y N 333 
TRP NE1 HE1  sing N N 334 
TRP CE2 CZ2  sing Y N 335 
TRP CE3 CZ3  doub Y N 336 
TRP CE3 HE3  sing N N 337 
TRP CZ2 CH2  doub Y N 338 
TRP CZ2 HZ2  sing N N 339 
TRP CZ3 CH2  sing Y N 340 
TRP CZ3 HZ3  sing N N 341 
TRP CH2 HH2  sing N N 342 
TRP OXT HXT  sing N N 343 
TYR N   CA   sing N N 344 
TYR N   H    sing N N 345 
TYR N   H2   sing N N 346 
TYR CA  C    sing N N 347 
TYR CA  CB   sing N N 348 
TYR CA  HA   sing N N 349 
TYR C   O    doub N N 350 
TYR C   OXT  sing N N 351 
TYR CB  CG   sing N N 352 
TYR CB  HB2  sing N N 353 
TYR CB  HB3  sing N N 354 
TYR CG  CD1  doub Y N 355 
TYR CG  CD2  sing Y N 356 
TYR CD1 CE1  sing Y N 357 
TYR CD1 HD1  sing N N 358 
TYR CD2 CE2  doub Y N 359 
TYR CD2 HD2  sing N N 360 
TYR CE1 CZ   doub Y N 361 
TYR CE1 HE1  sing N N 362 
TYR CE2 CZ   sing Y N 363 
TYR CE2 HE2  sing N N 364 
TYR CZ  OH   sing N N 365 
TYR OH  HH   sing N N 366 
TYR OXT HXT  sing N N 367 
VAL N   CA   sing N N 368 
VAL N   H    sing N N 369 
VAL N   H2   sing N N 370 
VAL CA  C    sing N N 371 
VAL CA  CB   sing N N 372 
VAL CA  HA   sing N N 373 
VAL C   O    doub N N 374 
VAL C   OXT  sing N N 375 
VAL CB  CG1  sing N N 376 
VAL CB  CG2  sing N N 377 
VAL CB  HB   sing N N 378 
VAL CG1 HG11 sing N N 379 
VAL CG1 HG12 sing N N 380 
VAL CG1 HG13 sing N N 381 
VAL CG2 HG21 sing N N 382 
VAL CG2 HG22 sing N N 383 
VAL CG2 HG23 sing N N 384 
VAL OXT HXT  sing N N 385 
# 
_pdbx_initial_refinement_model.id               1 
_pdbx_initial_refinement_model.entity_id_list   ? 
_pdbx_initial_refinement_model.type             'experimental model' 
_pdbx_initial_refinement_model.source_name      PDB 
_pdbx_initial_refinement_model.accession_code   1J3T 
_pdbx_initial_refinement_model.details          ? 
# 
_atom_sites.entry_id                    4IIO 
_atom_sites.fract_transf_matrix[1][1]   -0.01887680 
_atom_sites.fract_transf_matrix[1][2]   -0.01479539 
_atom_sites.fract_transf_matrix[1][3]   -0.00147620 
_atom_sites.fract_transf_matrix[2][1]   -0.00883085 
_atom_sites.fract_transf_matrix[2][2]   -0.01022981 
_atom_sites.fract_transf_matrix[2][3]   0.01986978 
_atom_sites.fract_transf_matrix[3][1]   -0.00549725 
_atom_sites.fract_transf_matrix[3][2]   0.00690288 
_atom_sites.fract_transf_matrix[3][3]   0.00111072 
_atom_sites.fract_transf_vector[1]      0.637909 
_atom_sites.fract_transf_vector[2]      0.736389 
_atom_sites.fract_transf_vector[3]      0.121793 
# 
loop_
_atom_type.symbol 
C  
CL 
N  
O  
S  
X  
# 
loop_
_atom_site.group_PDB 
_atom_site.id 
_atom_site.type_symbol 
_atom_site.label_atom_id 
_atom_site.label_alt_id 
_atom_site.label_comp_id 
_atom_site.label_asym_id 
_atom_site.label_entity_id 
_atom_site.label_seq_id 
_atom_site.pdbx_PDB_ins_code 
_atom_site.Cartn_x 
_atom_site.Cartn_y 
_atom_site.Cartn_z 
_atom_site.occupancy 
_atom_site.B_iso_or_equiv 
_atom_site.pdbx_formal_charge 
_atom_site.auth_seq_id 
_atom_site.auth_comp_id 
_atom_site.auth_asym_id 
_atom_site.auth_atom_id 
_atom_site.pdbx_PDB_model_num 
ATOM   1    N  N   . GLY A 1 2  ? 16.988  -18.574 -11.797 1.00 41.88 ? 894  GLY A N   1 
ATOM   2    C  CA  . GLY A 1 2  ? 16.079  -19.744 -11.621 1.00 43.03 ? 894  GLY A CA  1 
ATOM   3    C  C   . GLY A 1 2  ? 15.225  -20.015 -12.847 1.00 42.76 ? 894  GLY A C   1 
ATOM   4    O  O   . GLY A 1 2  ? 15.215  -21.131 -13.373 1.00 44.24 ? 894  GLY A O   1 
ATOM   5    N  N   . MET A 1 3  ? 14.522  -18.981 -13.308 1.00 40.03 ? 895  MET A N   1 
ATOM   6    C  CA  . MET A 1 3  ? 13.548  -19.100 -14.396 1.00 38.64 ? 895  MET A CA  1 
ATOM   7    C  C   . MET A 1 3  ? 14.174  -19.186 -15.784 1.00 39.08 ? 895  MET A C   1 
ATOM   8    O  O   . MET A 1 3  ? 15.089  -18.427 -16.112 1.00 36.88 ? 895  MET A O   1 
ATOM   9    C  CB  . MET A 1 3  ? 12.567  -17.925 -14.361 1.00 35.69 ? 895  MET A CB  1 
ATOM   10   C  CG  . MET A 1 3  ? 11.603  -17.975 -13.192 1.00 32.64 ? 895  MET A CG  1 
ATOM   11   S  SD  . MET A 1 3  ? 10.568  -16.505 -13.116 1.00 28.22 ? 895  MET A SD  1 
ATOM   12   C  CE  . MET A 1 3  ? 9.561   -16.642 -14.598 1.00 30.25 ? 895  MET A CE  1 
ATOM   13   N  N   . ALA A 1 4  ? 13.653  -20.108 -16.594 1.00 40.30 ? 896  ALA A N   1 
ATOM   14   C  CA  . ALA A 1 4  ? 14.076  -20.259 -17.983 1.00 41.02 ? 896  ALA A CA  1 
ATOM   15   C  C   . ALA A 1 4  ? 13.716  -19.007 -18.780 1.00 41.63 ? 896  ALA A C   1 
ATOM   16   O  O   . ALA A 1 4  ? 12.732  -18.327 -18.467 1.00 40.23 ? 896  ALA A O   1 
ATOM   17   C  CB  . ALA A 1 4  ? 13.433  -21.492 -18.606 1.00 41.01 ? 896  ALA A CB  1 
ATOM   18   N  N   . GLN A 1 5  ? 14.525  -18.696 -19.791 1.00 43.12 ? 897  GLN A N   1 
ATOM   19   C  CA  . GLN A 1 5  ? 14.240  -17.582 -20.686 1.00 44.55 ? 897  GLN A CA  1 
ATOM   20   C  C   . GLN A 1 5  ? 12.908  -17.836 -21.399 1.00 45.47 ? 897  GLN A C   1 
ATOM   21   O  O   . GLN A 1 5  ? 12.707  -18.902 -21.994 1.00 46.71 ? 897  GLN A O   1 
ATOM   22   C  CB  . GLN A 1 5  ? 15.367  -17.399 -21.704 1.00 44.94 ? 897  GLN A CB  1 
ATOM   23   C  CG  . GLN A 1 5  ? 15.454  -15.990 -22.273 1.00 45.65 ? 897  GLN A CG  1 
ATOM   24   C  CD  . GLN A 1 5  ? 16.132  -15.935 -23.630 1.00 46.46 ? 897  GLN A CD  1 
ATOM   25   O  OE1 . GLN A 1 5  ? 16.941  -16.800 -23.977 1.00 44.77 ? 897  GLN A OE1 1 
ATOM   26   N  NE2 . GLN A 1 5  ? 15.799  -14.910 -24.409 1.00 47.87 ? 897  GLN A NE2 1 
ATOM   27   N  N   . GLY A 1 6  ? 11.996  -16.869 -21.309 1.00 44.99 ? 898  GLY A N   1 
ATOM   28   C  CA  . GLY A 1 6  ? 10.684  -16.990 -21.941 1.00 44.91 ? 898  GLY A CA  1 
ATOM   29   C  C   . GLY A 1 6  ? 9.559   -17.439 -21.021 1.00 44.63 ? 898  GLY A C   1 
ATOM   30   O  O   . GLY A 1 6  ? 8.383   -17.196 -21.317 1.00 45.27 ? 898  GLY A O   1 
ATOM   31   N  N   . ALA A 1 7  ? 9.911   -18.087 -19.907 1.00 42.04 ? 899  ALA A N   1 
ATOM   32   C  CA  . ALA A 1 7  ? 8.921   -18.587 -18.943 1.00 39.67 ? 899  ALA A CA  1 
ATOM   33   C  C   . ALA A 1 7  ? 7.964   -17.489 -18.477 1.00 37.29 ? 899  ALA A C   1 
ATOM   34   O  O   . ALA A 1 7  ? 8.378   -16.362 -18.210 1.00 37.50 ? 899  ALA A O   1 
ATOM   35   C  CB  . ALA A 1 7  ? 9.614   -19.236 -17.752 1.00 40.16 ? 899  ALA A CB  1 
ATOM   36   N  N   . LEU A 1 8  ? 6.682   -17.831 -18.386 1.00 35.39 ? 900  LEU A N   1 
ATOM   37   C  CA  . LEU A 1 8  ? 5.642   -16.866 -18.029 1.00 32.23 ? 900  LEU A CA  1 
ATOM   38   C  C   . LEU A 1 8  ? 4.979   -17.307 -16.733 1.00 30.31 ? 900  LEU A C   1 
ATOM   39   O  O   . LEU A 1 8  ? 4.411   -18.399 -16.669 1.00 31.06 ? 900  LEU A O   1 
ATOM   40   C  CB  . LEU A 1 8  ? 4.606   -16.762 -19.155 1.00 34.40 ? 900  LEU A CB  1 
ATOM   41   C  CG  . LEU A 1 8  ? 5.162   -16.313 -20.510 1.00 36.44 ? 900  LEU A CG  1 
ATOM   42   C  CD1 . LEU A 1 8  ? 4.304   -16.830 -21.660 1.00 36.63 ? 900  LEU A CD1 1 
ATOM   43   C  CD2 . LEU A 1 8  ? 5.322   -14.797 -20.571 1.00 37.06 ? 900  LEU A CD2 1 
ATOM   44   N  N   . LEU A 1 9  ? 5.058   -16.471 -15.701 1.00 25.33 ? 901  LEU A N   1 
ATOM   45   C  CA  . LEU A 1 9  ? 4.578   -16.880 -14.387 1.00 21.79 ? 901  LEU A CA  1 
ATOM   46   C  C   . LEU A 1 9  ? 3.855   -15.759 -13.676 1.00 19.75 ? 901  LEU A C   1 
ATOM   47   O  O   . LEU A 1 9  ? 4.346   -14.632 -13.623 1.00 18.07 ? 901  LEU A O   1 
ATOM   48   C  CB  . LEU A 1 9  ? 5.744   -17.377 -13.523 1.00 21.89 ? 901  LEU A CB  1 
ATOM   49   C  CG  . LEU A 1 9  ? 5.404   -17.983 -12.158 1.00 22.16 ? 901  LEU A CG  1 
ATOM   50   C  CD1 . LEU A 1 9  ? 4.492   -19.198 -12.293 1.00 22.80 ? 901  LEU A CD1 1 
ATOM   51   C  CD2 . LEU A 1 9  ? 6.683   -18.358 -11.432 1.00 22.66 ? 901  LEU A CD2 1 
ATOM   52   N  N   . LYS A 1 10 ? 2.699   -16.093 -13.109 1.00 18.67 ? 902  LYS A N   1 
ATOM   53   C  CA  . LYS A 1 10 ? 1.947   -15.162 -12.273 1.00 18.17 ? 902  LYS A CA  1 
ATOM   54   C  C   . LYS A 1 10 ? 1.755   -15.792 -10.902 1.00 16.83 ? 902  LYS A C   1 
ATOM   55   O  O   . LYS A 1 10 ? 1.696   -17.019 -10.770 1.00 16.63 ? 902  LYS A O   1 
ATOM   56   C  CB  . LYS A 1 10 ? 0.575   -14.846 -12.882 1.00 19.66 ? 902  LYS A CB  1 
ATOM   57   C  CG  . LYS A 1 10 ? 0.596   -14.492 -14.358 1.00 21.95 ? 902  LYS A CG  1 
ATOM   58   C  CD  . LYS A 1 10 ? 0.893   -13.029 -14.587 1.00 22.71 ? 902  LYS A CD  1 
ATOM   59   C  CE  . LYS A 1 10 ? 1.063   -12.772 -16.080 1.00 23.76 ? 902  LYS A CE  1 
ATOM   60   N  NZ  . LYS A 1 10 ? 1.484   -11.376 -16.337 1.00 24.11 ? 902  LYS A NZ  1 
ATOM   61   N  N   . ALA A 1 11 ? 1.663   -14.943 -9.885  1.00 15.88 ? 903  ALA A N   1 
ATOM   62   C  CA  . ALA A 1 11 ? 1.482   -15.385 -8.511  1.00 15.41 ? 903  ALA A CA  1 
ATOM   63   C  C   . ALA A 1 11 ? 0.549   -14.417 -7.799  1.00 15.01 ? 903  ALA A C   1 
ATOM   64   O  O   . ALA A 1 11 ? 0.512   -13.233 -8.123  1.00 15.23 ? 903  ALA A O   1 
ATOM   65   C  CB  . ALA A 1 11 ? 2.817   -15.435 -7.804  1.00 15.84 ? 903  ALA A CB  1 
ATOM   66   N  N   . GLN A 1 12 ? -0.202  -14.935 -6.841  1.00 14.82 ? 904  GLN A N   1 
ATOM   67   C  CA  A GLN A 1 12 ? -1.151  -14.126 -6.084  0.50 14.85 ? 904  GLN A CA  1 
ATOM   68   C  CA  B GLN A 1 12 ? -1.144  -14.120 -6.085  0.50 14.96 ? 904  GLN A CA  1 
ATOM   69   C  C   . GLN A 1 12 ? -0.655  -13.909 -4.657  1.00 14.49 ? 904  GLN A C   1 
ATOM   70   O  O   . GLN A 1 12 ? -0.265  -14.872 -3.972  1.00 14.38 ? 904  GLN A O   1 
ATOM   71   C  CB  A GLN A 1 12 ? -2.535  -14.779 -6.095  0.50 15.65 ? 904  GLN A CB  1 
ATOM   72   C  CB  B GLN A 1 12 ? -2.533  -14.754 -6.086  0.50 15.96 ? 904  GLN A CB  1 
ATOM   73   C  CG  A GLN A 1 12 ? -3.600  -13.956 -5.387  0.50 16.33 ? 904  GLN A CG  1 
ATOM   74   C  CG  B GLN A 1 12 ? -3.587  -13.854 -5.462  0.50 16.81 ? 904  GLN A CG  1 
ATOM   75   C  CD  A GLN A 1 12 ? -5.005  -14.298 -5.831  0.50 17.09 ? 904  GLN A CD  1 
ATOM   76   C  CD  B GLN A 1 12 ? -4.993  -14.356 -5.672  0.50 17.75 ? 904  GLN A CD  1 
ATOM   77   O  OE1 A GLN A 1 12 ? -5.229  -14.720 -6.969  0.50 17.00 ? 904  GLN A OE1 1 
ATOM   78   O  OE1 B GLN A 1 12 ? -5.353  -15.452 -5.228  0.50 18.00 ? 904  GLN A OE1 1 
ATOM   79   N  NE2 A GLN A 1 12 ? -5.969  -14.112 -4.930  0.50 16.90 ? 904  GLN A NE2 1 
ATOM   80   N  NE2 B GLN A 1 12 ? -5.811  -13.546 -6.343  0.50 17.42 ? 904  GLN A NE2 1 
ATOM   81   N  N   . ALA A 1 13 ? -0.685  -12.651 -4.211  1.00 13.41 ? 905  ALA A N   1 
ATOM   82   C  CA  . ALA A 1 13 ? -0.229  -12.284 -2.861  1.00 12.67 ? 905  ALA A CA  1 
ATOM   83   C  C   . ALA A 1 13 ? -1.143  -12.879 -1.795  1.00 13.42 ? 905  ALA A C   1 
ATOM   84   O  O   . ALA A 1 13 ? -2.376  -12.721 -1.854  1.00 12.61 ? 905  ALA A O   1 
ATOM   85   C  CB  . ALA A 1 13 ? -0.148  -10.770 -2.707  1.00 13.15 ? 905  ALA A CB  1 
ATOM   86   N  N   . LEU A 1 14 ? -0.528  -13.569 -0.834  1.00 13.09 ? 906  LEU A N   1 
ATOM   87   C  CA  . LEU A 1 14 ? -1.267  -14.188 0.279   1.00 13.80 ? 906  LEU A CA  1 
ATOM   88   C  C   . LEU A 1 14 ? -1.488  -13.214 1.436   1.00 13.90 ? 906  LEU A C   1 
ATOM   89   O  O   . LEU A 1 14 ? -2.394  -13.412 2.260   1.00 13.68 ? 906  LEU A O   1 
ATOM   90   C  CB  . LEU A 1 14 ? -0.515  -15.434 0.772   1.00 14.21 ? 906  LEU A CB  1 
ATOM   91   C  CG  . LEU A 1 14 ? -0.276  -16.487 -0.310  1.00 14.47 ? 906  LEU A CG  1 
ATOM   92   C  CD1 . LEU A 1 14 ? 0.703   -17.538 0.186   1.00 14.65 ? 906  LEU A CD1 1 
ATOM   93   C  CD2 . LEU A 1 14 ? -1.591  -17.123 -0.747  1.00 15.22 ? 906  LEU A CD2 1 
ATOM   94   N  N   . CYS A 1 15 ? -0.638  -12.189 1.485   1.00 14.38 ? 907  CYS A N   1 
ATOM   95   C  CA  A CYS A 1 15 ? -0.754  -11.135 2.482   0.70 15.13 ? 907  CYS A CA  1 
ATOM   96   C  CA  B CYS A 1 15 ? -0.588  -11.184 2.554   0.30 15.27 ? 907  CYS A CA  1 
ATOM   97   C  C   . CYS A 1 15 ? -0.114  -9.868  1.939   1.00 15.60 ? 907  CYS A C   1 
ATOM   98   O  O   . CYS A 1 15 ? 0.576   -9.886  0.921   1.00 16.01 ? 907  CYS A O   1 
ATOM   99   C  CB  A CYS A 1 15 ? -0.068  -11.532 3.782   0.70 15.49 ? 907  CYS A CB  1 
ATOM   100  C  CB  B CYS A 1 15 ? 0.440   -11.574 3.628   0.30 15.78 ? 907  CYS A CB  1 
ATOM   101  S  SG  A CYS A 1 15 ? 1.662   -11.930 3.480   0.70 15.91 ? 907  CYS A SG  1 
ATOM   102  S  SG  B CYS A 1 15 ? 0.040   -12.940 4.739   0.30 16.73 ? 907  CYS A SG  1 
ATOM   103  N  N   . SER A 1 16 ? -0.400  -8.751  2.604   1.00 15.28 ? 908  SER A N   1 
ATOM   104  C  CA  . SER A 1 16 ? 0.124   -7.463  2.177   1.00 16.06 ? 908  SER A CA  1 
ATOM   105  C  C   . SER A 1 16 ? 1.580   -7.308  2.616   1.00 16.91 ? 908  SER A C   1 
ATOM   106  O  O   . SER A 1 16 ? 1.986   -7.809  3.675   1.00 16.57 ? 908  SER A O   1 
ATOM   107  C  CB  . SER A 1 16 ? -0.741  -6.322  2.727   1.00 15.42 ? 908  SER A CB  1 
ATOM   108  O  OG  . SER A 1 16 ? -2.111  -6.488  2.346   1.00 16.72 ? 908  SER A OG  1 
ATOM   109  N  N   . TRP A 1 17 ? 2.363   -6.610  1.802   1.00 17.22 ? 909  TRP A N   1 
ATOM   110  C  CA  . TRP A 1 17 ? 3.757   -6.349  2.129   1.00 19.06 ? 909  TRP A CA  1 
ATOM   111  C  C   . TRP A 1 17 ? 4.051   -4.968  1.564   1.00 20.54 ? 909  TRP A C   1 
ATOM   112  O  O   . TRP A 1 17 ? 4.334   -4.811  0.380   1.00 19.30 ? 909  TRP A O   1 
ATOM   113  C  CB  . TRP A 1 17 ? 4.637   -7.445  1.525   1.00 18.86 ? 909  TRP A CB  1 
ATOM   114  C  CG  . TRP A 1 17 ? 6.041   -7.535  2.088   1.00 19.64 ? 909  TRP A CG  1 
ATOM   115  C  CD1 . TRP A 1 17 ? 6.402   -7.836  3.376   1.00 20.46 ? 909  TRP A CD1 1 
ATOM   116  C  CD2 . TRP A 1 17 ? 7.255   -7.368  1.359   1.00 19.71 ? 909  TRP A CD2 1 
ATOM   117  N  NE1 . TRP A 1 17 ? 7.773   -7.851  3.490   1.00 20.28 ? 909  TRP A NE1 1 
ATOM   118  C  CE2 . TRP A 1 17 ? 8.321   -7.559  2.267   1.00 19.54 ? 909  TRP A CE2 1 
ATOM   119  C  CE3 . TRP A 1 17 ? 7.546   -7.065  0.023   1.00 19.80 ? 909  TRP A CE3 1 
ATOM   120  C  CZ2 . TRP A 1 17 ? 9.657   -7.456  1.885   1.00 19.36 ? 909  TRP A CZ2 1 
ATOM   121  C  CZ3 . TRP A 1 17 ? 8.881   -6.954  -0.357  1.00 19.79 ? 909  TRP A CZ3 1 
ATOM   122  C  CH2 . TRP A 1 17 ? 9.916   -7.155  0.571   1.00 20.16 ? 909  TRP A CH2 1 
ATOM   123  N  N   . THR A 1 18 ? 3.920   -3.955  2.416   1.00 22.79 ? 910  THR A N   1 
ATOM   124  C  CA  . THR A 1 18 ? 3.745   -2.587  1.918   1.00 25.82 ? 910  THR A CA  1 
ATOM   125  C  C   . THR A 1 18 ? 4.746   -1.549  2.420   1.00 26.53 ? 910  THR A C   1 
ATOM   126  O  O   . THR A 1 18 ? 4.607   -0.365  2.099   1.00 28.53 ? 910  THR A O   1 
ATOM   127  C  CB  . THR A 1 18 ? 2.329   -2.060  2.221   1.00 25.87 ? 910  THR A CB  1 
ATOM   128  O  OG1 . THR A 1 18 ? 2.124   -2.045  3.637   1.00 26.17 ? 910  THR A OG1 1 
ATOM   129  C  CG2 . THR A 1 18 ? 1.262   -2.924  1.543   1.00 25.48 ? 910  THR A CG2 1 
ATOM   130  N  N   . ALA A 1 19 ? 5.742   -1.972  3.196   1.00 27.01 ? 911  ALA A N   1 
ATOM   131  C  CA  . ALA A 1 19 ? 6.800   -1.049  3.622   1.00 28.06 ? 911  ALA A CA  1 
ATOM   132  C  C   . ALA A 1 19 ? 7.704   -0.704  2.436   1.00 29.96 ? 911  ALA A C   1 
ATOM   133  O  O   . ALA A 1 19 ? 8.224   -1.601  1.760   1.00 29.75 ? 911  ALA A O   1 
ATOM   134  C  CB  . ALA A 1 19 ? 7.615   -1.637  4.770   1.00 28.25 ? 911  ALA A CB  1 
ATOM   135  N  N   . LYS A 1 20 ? 7.866   0.591   2.169   1.00 29.70 ? 912  LYS A N   1 
ATOM   136  C  CA  . LYS A 1 20 ? 8.697   1.029   1.047   1.00 31.36 ? 912  LYS A CA  1 
ATOM   137  C  C   . LYS A 1 20 ? 10.183  0.931   1.387   1.00 31.27 ? 912  LYS A C   1 
ATOM   138  O  O   . LYS A 1 20 ? 10.657  1.541   2.353   1.00 30.67 ? 912  LYS A O   1 
ATOM   139  C  CB  . LYS A 1 20 ? 8.330   2.449   0.595   1.00 32.64 ? 912  LYS A CB  1 
ATOM   140  C  CG  . LYS A 1 20 ? 6.921   2.579   0.040   1.00 34.87 ? 912  LYS A CG  1 
ATOM   141  C  CD  . LYS A 1 20 ? 6.766   3.832   -0.810  1.00 36.49 ? 912  LYS A CD  1 
ATOM   142  C  CE  . LYS A 1 20 ? 5.349   3.970   -1.350  1.00 38.81 ? 912  LYS A CE  1 
ATOM   143  N  NZ  . LYS A 1 20 ? 4.943   2.834   -2.228  1.00 38.91 ? 912  LYS A NZ  1 
ATOM   144  N  N   . LYS A 1 21 ? 10.898  0.126   0.605   1.00 30.47 ? 913  LYS A N   1 
ATOM   145  C  CA  . LYS A 1 21 ? 12.351  -0.016  0.718   1.00 29.82 ? 913  LYS A CA  1 
ATOM   146  C  C   . LYS A 1 21 ? 12.920  -0.166  -0.686  1.00 28.11 ? 913  LYS A C   1 
ATOM   147  O  O   . LYS A 1 21 ? 12.275  -0.751  -1.559  1.00 26.02 ? 913  LYS A O   1 
ATOM   148  C  CB  . LYS A 1 21 ? 12.726  -1.239  1.566   1.00 31.32 ? 913  LYS A CB  1 
ATOM   149  C  CG  . LYS A 1 21 ? 12.123  -1.284  2.969   1.00 33.23 ? 913  LYS A CG  1 
ATOM   150  C  CD  . LYS A 1 21 ? 12.829  -0.351  3.950   1.00 35.80 ? 913  LYS A CD  1 
ATOM   151  C  CE  . LYS A 1 21 ? 12.141  -0.344  5.310   1.00 36.95 ? 913  LYS A CE  1 
ATOM   152  N  NZ  . LYS A 1 21 ? 10.845  0.397   5.320   1.00 36.97 ? 913  LYS A NZ  1 
ATOM   153  N  N   . ASP A 1 22 ? 14.117  0.368   -0.919  1.00 26.70 ? 914  ASP A N   1 
ATOM   154  C  CA  . ASP A 1 22 ? 14.720  0.277   -2.244  1.00 25.94 ? 914  ASP A CA  1 
ATOM   155  C  C   . ASP A 1 22 ? 14.767  -1.179  -2.693  1.00 24.02 ? 914  ASP A C   1 
ATOM   156  O  O   . ASP A 1 22 ? 15.113  -2.066  -1.903  1.00 23.93 ? 914  ASP A O   1 
ATOM   157  C  CB  . ASP A 1 22 ? 16.127  0.884   -2.268  1.00 27.79 ? 914  ASP A CB  1 
ATOM   158  C  CG  . ASP A 1 22 ? 16.117  2.405   -2.192  1.00 31.12 ? 914  ASP A CG  1 
ATOM   159  O  OD1 . ASP A 1 22 ? 15.026  3.016   -2.152  1.00 31.85 ? 914  ASP A OD1 1 
ATOM   160  O  OD2 . ASP A 1 22 ? 17.217  2.994   -2.185  1.00 33.03 ? 914  ASP A OD2 1 
ATOM   161  N  N   A ASN A 1 23 ? 14.409  -1.430  -3.950  0.50 22.63 ? 915  ASN A N   1 
ATOM   162  N  N   B ASN A 1 23 ? 14.406  -1.372  -3.964  0.50 23.37 ? 915  ASN A N   1 
ATOM   163  C  CA  A ASN A 1 23 ? 14.458  -2.777  -4.543  0.50 22.22 ? 915  ASN A CA  1 
ATOM   164  C  CA  B ASN A 1 23 ? 14.322  -2.666  -4.663  0.50 23.36 ? 915  ASN A CA  1 
ATOM   165  C  C   A ASN A 1 23 ? 13.421  -3.772  -4.013  0.50 21.43 ? 915  ASN A C   1 
ATOM   166  C  C   B ASN A 1 23 ? 13.441  -3.741  -4.005  0.50 22.14 ? 915  ASN A C   1 
ATOM   167  O  O   A ASN A 1 23 ? 13.502  -4.967  -4.316  0.50 20.55 ? 915  ASN A O   1 
ATOM   168  O  O   B ASN A 1 23 ? 13.644  -4.944  -4.217  0.50 21.28 ? 915  ASN A O   1 
ATOM   169  C  CB  A ASN A 1 23 ? 15.867  -3.385  -4.424  0.50 22.42 ? 915  ASN A CB  1 
ATOM   170  C  CB  B ASN A 1 23 ? 15.713  -3.197  -5.054  0.50 24.77 ? 915  ASN A CB  1 
ATOM   171  C  CG  A ASN A 1 23 ? 16.930  -2.541  -5.108  0.50 22.64 ? 915  ASN A CG  1 
ATOM   172  C  CG  B ASN A 1 23 ? 16.636  -3.355  -3.867  0.50 25.64 ? 915  ASN A CG  1 
ATOM   173  O  OD1 A ASN A 1 23 ? 17.961  -2.220  -4.516  0.50 24.05 ? 915  ASN A OD1 1 
ATOM   174  O  OD1 B ASN A 1 23 ? 17.603  -2.604  -3.698  0.50 26.33 ? 915  ASN A OD1 1 
ATOM   175  N  ND2 A ASN A 1 23 ? 16.682  -2.175  -6.357  0.50 23.02 ? 915  ASN A ND2 1 
ATOM   176  N  ND2 B ASN A 1 23 ? 16.329  -4.317  -3.019  0.50 26.86 ? 915  ASN A ND2 1 
ATOM   177  N  N   . HIS A 1 24 ? 12.465  -3.286  -3.220  1.00 20.78 ? 916  HIS A N   1 
ATOM   178  C  CA  . HIS A 1 24 ? 11.379  -4.135  -2.702  1.00 20.02 ? 916  HIS A CA  1 
ATOM   179  C  C   . HIS A 1 24 ? 10.110  -3.855  -3.515  1.00 18.19 ? 916  HIS A C   1 
ATOM   180  O  O   . HIS A 1 24 ? 9.767   -2.699  -3.750  1.00 17.73 ? 916  HIS A O   1 
ATOM   181  C  CB  . HIS A 1 24 ? 11.090  -3.819  -1.227  1.00 21.75 ? 916  HIS A CB  1 
ATOM   182  C  CG  . HIS A 1 24 ? 12.022  -4.475  -0.253  1.00 24.01 ? 916  HIS A CG  1 
ATOM   183  N  ND1 . HIS A 1 24 ? 11.679  -4.696  1.063   1.00 24.81 ? 916  HIS A ND1 1 
ATOM   184  C  CD2 . HIS A 1 24 ? 13.282  -4.948  -0.398  1.00 25.76 ? 916  HIS A CD2 1 
ATOM   185  C  CE1 . HIS A 1 24 ? 12.686  -5.281  1.688   1.00 26.07 ? 916  HIS A CE1 1 
ATOM   186  N  NE2 . HIS A 1 24 ? 13.672  -5.444  0.824   1.00 26.90 ? 916  HIS A NE2 1 
ATOM   187  N  N   . LEU A 1 25 ? 9.421   -4.909  -3.944  1.00 16.30 ? 917  LEU A N   1 
ATOM   188  C  CA  . LEU A 1 25 ? 8.113   -4.753  -4.581  1.00 16.01 ? 917  LEU A CA  1 
ATOM   189  C  C   . LEU A 1 25 ? 7.023   -4.727  -3.518  1.00 16.63 ? 917  LEU A C   1 
ATOM   190  O  O   . LEU A 1 25 ? 6.903   -5.669  -2.734  1.00 17.18 ? 917  LEU A O   1 
ATOM   191  C  CB  . LEU A 1 25 ? 7.833   -5.915  -5.529  1.00 15.13 ? 917  LEU A CB  1 
ATOM   192  C  CG  . LEU A 1 25 ? 6.528   -5.834  -6.331  1.00 14.66 ? 917  LEU A CG  1 
ATOM   193  C  CD1 . LEU A 1 25 ? 6.615   -4.730  -7.380  1.00 15.22 ? 917  LEU A CD1 1 
ATOM   194  C  CD2 . LEU A 1 25 ? 6.216   -7.172  -6.988  1.00 15.06 ? 917  LEU A CD2 1 
ATOM   195  N  N   . ASN A 1 26 ? 6.201   -3.683  -3.521  1.00 16.56 ? 918  ASN A N   1 
ATOM   196  C  CA  . ASN A 1 26 ? 5.044   -3.651  -2.624  1.00 17.39 ? 918  ASN A CA  1 
ATOM   197  C  C   . ASN A 1 26 ? 3.755   -4.144  -3.279  1.00 16.00 ? 918  ASN A C   1 
ATOM   198  O  O   . ASN A 1 26 ? 3.557   -4.021  -4.502  1.00 15.60 ? 918  ASN A O   1 
ATOM   199  C  CB  . ASN A 1 26 ? 4.849   -2.266  -1.998  1.00 19.01 ? 918  ASN A CB  1 
ATOM   200  C  CG  . ASN A 1 26 ? 6.081   -1.793  -1.240  1.00 20.39 ? 918  ASN A CG  1 
ATOM   201  O  OD1 . ASN A 1 26 ? 6.638   -0.751  -1.564  1.00 22.07 ? 918  ASN A OD1 1 
ATOM   202  N  ND2 . ASN A 1 26 ? 6.532   -2.577  -0.252  1.00 21.49 ? 918  ASN A ND2 1 
ATOM   203  N  N   . PHE A 1 27 ? 2.881   -4.700  -2.445  1.00 15.04 ? 919  PHE A N   1 
ATOM   204  C  CA  . PHE A 1 27 ? 1.595   -5.237  -2.888  1.00 14.12 ? 919  PHE A CA  1 
ATOM   205  C  C   . PHE A 1 27 ? 0.682   -5.435  -1.691  1.00 13.73 ? 919  PHE A C   1 
ATOM   206  O  O   . PHE A 1 27 ? 1.139   -5.437  -0.532  1.00 13.79 ? 919  PHE A O   1 
ATOM   207  C  CB  . PHE A 1 27 ? 1.768   -6.560  -3.653  1.00 13.79 ? 919  PHE A CB  1 
ATOM   208  C  CG  . PHE A 1 27 ? 2.669   -7.549  -2.962  1.00 13.74 ? 919  PHE A CG  1 
ATOM   209  C  CD1 . PHE A 1 27 ? 2.177   -8.376  -1.958  1.00 13.80 ? 919  PHE A CD1 1 
ATOM   210  C  CD2 . PHE A 1 27 ? 4.010   -7.652  -3.321  1.00 14.05 ? 919  PHE A CD2 1 
ATOM   211  C  CE1 . PHE A 1 27 ? 3.009   -9.289  -1.316  1.00 14.07 ? 919  PHE A CE1 1 
ATOM   212  C  CE2 . PHE A 1 27 ? 4.840   -8.566  -2.702  1.00 14.34 ? 919  PHE A CE2 1 
ATOM   213  C  CZ  . PHE A 1 27 ? 4.346   -9.375  -1.695  1.00 14.30 ? 919  PHE A CZ  1 
ATOM   214  N  N   . SER A 1 28 ? -0.604  -5.576  -1.972  1.00 14.04 ? 920  SER A N   1 
ATOM   215  C  CA  . SER A 1 28 ? -1.590  -5.909  -0.951  1.00 14.19 ? 920  SER A CA  1 
ATOM   216  C  C   . SER A 1 28 ? -2.073  -7.330  -1.147  1.00 14.21 ? 920  SER A C   1 
ATOM   217  O  O   . SER A 1 28 ? -1.964  -7.882  -2.238  1.00 13.40 ? 920  SER A O   1 
ATOM   218  C  CB  . SER A 1 28 ? -2.776  -4.953  -1.028  1.00 15.03 ? 920  SER A CB  1 
ATOM   219  O  OG  . SER A 1 28 ? -2.347  -3.636  -0.748  1.00 15.94 ? 920  SER A OG  1 
ATOM   220  N  N   . LYS A 1 29 ? -2.625  -7.918  -0.088  1.00 13.88 ? 921  LYS A N   1 
ATOM   221  C  CA  . LYS A 1 29 ? -3.199  -9.251  -0.176  1.00 14.01 ? 921  LYS A CA  1 
ATOM   222  C  C   . LYS A 1 29 ? -4.124  -9.384  -1.400  1.00 13.79 ? 921  LYS A C   1 
ATOM   223  O  O   . LYS A 1 29 ? -4.931  -8.491  -1.677  1.00 14.02 ? 921  LYS A O   1 
ATOM   224  C  CB  . LYS A 1 29 ? -3.939  -9.582  1.124   1.00 14.72 ? 921  LYS A CB  1 
ATOM   225  C  CG  . LYS A 1 29 ? -4.557  -10.970 1.158   1.00 15.61 ? 921  LYS A CG  1 
ATOM   226  C  CD  . LYS A 1 29 ? -5.040  -11.361 2.560   1.00 17.63 ? 921  LYS A CD  1 
ATOM   227  C  CE  . LYS A 1 29 ? -5.875  -10.298 3.249   1.00 17.66 ? 921  LYS A CE  1 
ATOM   228  N  NZ  . LYS A 1 29 ? -6.702  -10.826 4.383   1.00 17.48 ? 921  LYS A NZ  1 
ATOM   229  N  N   . HIS A 1 30 ? -3.957  -10.491 -2.131  1.00 13.77 ? 922  HIS A N   1 
ATOM   230  C  CA  . HIS A 1 30 ? -4.741  -10.874 -3.325  1.00 14.06 ? 922  HIS A CA  1 
ATOM   231  C  C   . HIS A 1 30 ? -4.286  -10.222 -4.631  1.00 13.74 ? 922  HIS A C   1 
ATOM   232  O  O   . HIS A 1 30 ? -4.822  -10.547 -5.692  1.00 14.28 ? 922  HIS A O   1 
ATOM   233  C  CB  . HIS A 1 30 ? -6.260  -10.692 -3.143  1.00 15.17 ? 922  HIS A CB  1 
ATOM   234  C  CG  . HIS A 1 30 ? -6.810  -11.322 -1.899  1.00 16.08 ? 922  HIS A CG  1 
ATOM   235  N  ND1 . HIS A 1 30 ? -6.605  -12.645 -1.570  1.00 17.53 ? 922  HIS A ND1 1 
ATOM   236  C  CD2 . HIS A 1 30 ? -7.574  -10.802 -0.910  1.00 16.99 ? 922  HIS A CD2 1 
ATOM   237  C  CE1 . HIS A 1 30 ? -7.213  -12.911 -0.426  1.00 18.67 ? 922  HIS A CE1 1 
ATOM   238  N  NE2 . HIS A 1 30 ? -7.807  -11.808 -0.005  1.00 17.44 ? 922  HIS A NE2 1 
ATOM   239  N  N   . ASP A 1 31 ? -3.304  -9.324  -4.560  1.00 13.53 ? 923  ASP A N   1 
ATOM   240  C  CA  . ASP A 1 31 ? -2.722  -8.733  -5.779  1.00 13.45 ? 923  ASP A CA  1 
ATOM   241  C  C   . ASP A 1 31 ? -2.105  -9.823  -6.630  1.00 13.22 ? 923  ASP A C   1 
ATOM   242  O  O   . ASP A 1 31 ? -1.534  -10.773 -6.109  1.00 13.13 ? 923  ASP A O   1 
ATOM   243  C  CB  . ASP A 1 31 ? -1.640  -7.706  -5.449  1.00 13.90 ? 923  ASP A CB  1 
ATOM   244  C  CG  . ASP A 1 31 ? -2.203  -6.336  -5.091  1.00 14.36 ? 923  ASP A CG  1 
ATOM   245  O  OD1 . ASP A 1 31 ? -3.426  -6.110  -5.262  1.00 15.04 ? 923  ASP A OD1 1 
ATOM   246  O  OD2 . ASP A 1 31 ? -1.408  -5.489  -4.628  1.00 14.95 ? 923  ASP A OD2 1 
ATOM   247  N  N   . ILE A 1 32 ? -2.212  -9.669  -7.946  1.00 13.11 ? 924  ILE A N   1 
ATOM   248  C  CA  . ILE A 1 32 ? -1.634  -10.630 -8.871  1.00 13.34 ? 924  ILE A CA  1 
ATOM   249  C  C   . ILE A 1 32 ? -0.349  -10.039 -9.447  1.00 13.17 ? 924  ILE A C   1 
ATOM   250  O  O   . ILE A 1 32 ? -0.354  -8.973  -10.077 1.00 13.59 ? 924  ILE A O   1 
ATOM   251  C  CB  . ILE A 1 32 ? -2.646  -11.052 -9.964  1.00 14.01 ? 924  ILE A CB  1 
ATOM   252  C  CG1 . ILE A 1 32 ? -3.810  -11.834 -9.320  1.00 14.43 ? 924  ILE A CG1 1 
ATOM   253  C  CG2 . ILE A 1 32 ? -1.944  -11.891 -11.032 1.00 13.88 ? 924  ILE A CG2 1 
ATOM   254  C  CD1 . ILE A 1 32 ? -4.896  -12.275 -10.280 1.00 14.90 ? 924  ILE A CD1 1 
ATOM   255  N  N   . ILE A 1 33 ? 0.752   -10.748 -9.213  1.00 12.69 ? 925  ILE A N   1 
ATOM   256  C  CA  . ILE A 1 33 ? 2.101   -10.258 -9.500  1.00 12.66 ? 925  ILE A CA  1 
ATOM   257  C  C   . ILE A 1 33 ? 2.664   -11.051 -10.672 1.00 12.31 ? 925  ILE A C   1 
ATOM   258  O  O   . ILE A 1 33 ? 2.507   -12.268 -10.735 1.00 12.10 ? 925  ILE A O   1 
ATOM   259  C  CB  . ILE A 1 33 ? 3.017   -10.457 -8.269  1.00 12.93 ? 925  ILE A CB  1 
ATOM   260  C  CG1 . ILE A 1 33 ? 2.535   -9.588  -7.106  1.00 13.75 ? 925  ILE A CG1 1 
ATOM   261  C  CG2 . ILE A 1 33 ? 4.483   -10.158 -8.603  1.00 12.61 ? 925  ILE A CG2 1 
ATOM   262  C  CD1 . ILE A 1 33 ? 2.856   -10.173 -5.744  1.00 14.28 ? 925  ILE A CD1 1 
ATOM   263  N  N   . THR A 1 34 ? 3.294   -10.349 -11.606 1.00 12.32 ? 926  THR A N   1 
ATOM   264  C  CA  . THR A 1 34 ? 4.016   -11.006 -12.693 1.00 12.90 ? 926  THR A CA  1 
ATOM   265  C  C   . THR A 1 34 ? 5.416   -11.341 -12.190 1.00 12.29 ? 926  THR A C   1 
ATOM   266  O  O   . THR A 1 34 ? 6.159   -10.449 -11.799 1.00 12.37 ? 926  THR A O   1 
ATOM   267  C  CB  . THR A 1 34 ? 4.092   -10.098 -13.928 1.00 13.42 ? 926  THR A CB  1 
ATOM   268  O  OG1 . THR A 1 34 ? 2.751   -9.828  -14.379 1.00 14.32 ? 926  THR A OG1 1 
ATOM   269  C  CG2 . THR A 1 34 ? 4.886   -10.771 -15.039 1.00 13.75 ? 926  THR A CG2 1 
ATOM   270  N  N   . VAL A 1 35 ? 5.763   -12.627 -12.194 1.00 12.68 ? 927  VAL A N   1 
ATOM   271  C  CA  . VAL A 1 35 ? 7.039   -13.079 -11.637 1.00 13.41 ? 927  VAL A CA  1 
ATOM   272  C  C   . VAL A 1 35 ? 8.081   -13.119 -12.751 1.00 13.61 ? 927  VAL A C   1 
ATOM   273  O  O   . VAL A 1 35 ? 7.875   -13.796 -13.761 1.00 14.63 ? 927  VAL A O   1 
ATOM   274  C  CB  . VAL A 1 35 ? 6.932   -14.462 -10.957 1.00 13.53 ? 927  VAL A CB  1 
ATOM   275  C  CG1 . VAL A 1 35 ? 8.282   -14.869 -10.369 1.00 13.43 ? 927  VAL A CG1 1 
ATOM   276  C  CG2 . VAL A 1 35 ? 5.871   -14.440 -9.856  1.00 13.96 ? 927  VAL A CG2 1 
ATOM   277  N  N   . LEU A 1 36 ? 9.184   -12.401 -12.551 1.00 13.70 ? 928  LEU A N   1 
ATOM   278  C  CA  . LEU A 1 36 ? 10.200  -12.176 -13.587 1.00 14.36 ? 928  LEU A CA  1 
ATOM   279  C  C   . LEU A 1 36 ? 11.493  -12.937 -13.338 1.00 14.48 ? 928  LEU A C   1 
ATOM   280  O  O   . LEU A 1 36 ? 12.200  -13.295 -14.290 1.00 15.13 ? 928  LEU A O   1 
ATOM   281  C  CB  . LEU A 1 36 ? 10.503  -10.686 -13.721 1.00 14.76 ? 928  LEU A CB  1 
ATOM   282  C  CG  . LEU A 1 36 ? 9.349   -9.794  -14.202 1.00 15.35 ? 928  LEU A CG  1 
ATOM   283  C  CD1 . LEU A 1 36 ? 9.766   -8.338  -14.166 1.00 15.67 ? 928  LEU A CD1 1 
ATOM   284  C  CD2 . LEU A 1 36 ? 8.893   -10.193 -15.599 1.00 15.72 ? 928  LEU A CD2 1 
ATOM   285  N  N   . GLU A 1 37 ? 11.827  -13.147 -12.066 1.00 14.29 ? 929  GLU A N   1 
ATOM   286  C  CA  . GLU A 1 37 ? 13.017  -13.914 -11.703 1.00 14.56 ? 929  GLU A CA  1 
ATOM   287  C  C   . GLU A 1 37 ? 12.847  -14.551 -10.334 1.00 14.47 ? 929  GLU A C   1 
ATOM   288  O  O   . GLU A 1 37 ? 12.095  -14.051 -9.499  1.00 13.92 ? 929  GLU A O   1 
ATOM   289  C  CB  . GLU A 1 37 ? 14.271  -13.031 -11.719 1.00 14.85 ? 929  GLU A CB  1 
ATOM   290  C  CG  . GLU A 1 37 ? 15.561  -13.833 -11.662 1.00 15.60 ? 929  GLU A CG  1 
ATOM   291  C  CD  . GLU A 1 37 ? 15.591  -14.931 -12.706 0.50 15.36 ? 929  GLU A CD  1 
ATOM   292  O  OE1 . GLU A 1 37 ? 15.371  -16.106 -12.342 0.50 14.82 ? 929  GLU A OE1 1 
ATOM   293  O  OE2 . GLU A 1 37 ? 15.809  -14.611 -13.898 0.50 15.38 ? 929  GLU A OE2 1 
ATOM   294  N  N   . GLN A 1 38 ? 13.546  -15.663 -10.124 1.00 14.40 ? 930  GLN A N   1 
ATOM   295  C  CA  . GLN A 1 38 ? 13.489  -16.377 -8.857  1.00 15.32 ? 930  GLN A CA  1 
ATOM   296  C  C   . GLN A 1 38 ? 14.902  -16.646 -8.391  1.00 15.12 ? 930  GLN A C   1 
ATOM   297  O  O   . GLN A 1 38 ? 15.720  -17.160 -9.158  1.00 16.76 ? 930  GLN A O   1 
ATOM   298  C  CB  . GLN A 1 38 ? 12.781  -17.703 -9.033  1.00 15.88 ? 930  GLN A CB  1 
ATOM   299  C  CG  . GLN A 1 38 ? 11.339  -17.591 -9.490  1.00 17.73 ? 930  GLN A CG  1 
ATOM   300  C  CD  . GLN A 1 38 ? 10.699  -18.951 -9.630  1.00 20.15 ? 930  GLN A CD  1 
ATOM   301  O  OE1 . GLN A 1 38 ? 11.196  -19.939 -9.080  1.00 22.57 ? 930  GLN A OE1 1 
ATOM   302  N  NE2 . GLN A 1 38 ? 9.597   -19.017 -10.353 1.00 21.26 ? 930  GLN A NE2 1 
ATOM   303  N  N   . GLN A 1 39 ? 15.190  -16.290 -7.148  1.00 14.95 ? 931  GLN A N   1 
ATOM   304  C  CA  . GLN A 1 39 ? 16.526  -16.472 -6.592  1.00 14.78 ? 931  GLN A CA  1 
ATOM   305  C  C   . GLN A 1 39 ? 16.410  -16.925 -5.142  1.00 14.54 ? 931  GLN A C   1 
ATOM   306  O  O   . GLN A 1 39 ? 16.399  -16.108 -4.222  1.00 13.78 ? 931  GLN A O   1 
ATOM   307  C  CB  . GLN A 1 39 ? 17.343  -15.181 -6.708  1.00 15.64 ? 931  GLN A CB  1 
ATOM   308  C  CG  . GLN A 1 39 ? 18.828  -15.372 -6.414  1.00 17.07 ? 931  GLN A CG  1 
ATOM   309  C  CD  . GLN A 1 39 ? 19.558  -16.056 -7.554  1.00 18.16 ? 931  GLN A CD  1 
ATOM   310  O  OE1 . GLN A 1 39 ? 19.621  -15.524 -8.661  1.00 19.31 ? 931  GLN A OE1 1 
ATOM   311  N  NE2 . GLN A 1 39 ? 20.121  -17.234 -7.287  1.00 19.32 ? 931  GLN A NE2 1 
ATOM   312  N  N   . GLU A 1 40 ? 16.323  -18.245 -4.967  1.00 14.61 ? 932  GLU A N   1 
ATOM   313  C  CA  . GLU A 1 40 ? 16.113  -18.882 -3.667  1.00 15.52 ? 932  GLU A CA  1 
ATOM   314  C  C   . GLU A 1 40 ? 14.816  -18.383 -3.010  1.00 14.63 ? 932  GLU A C   1 
ATOM   315  O  O   . GLU A 1 40 ? 13.744  -18.618 -3.559  1.00 15.12 ? 932  GLU A O   1 
ATOM   316  C  CB  . GLU A 1 40 ? 17.344  -18.777 -2.761  1.00 16.70 ? 932  GLU A CB  1 
ATOM   317  C  CG  . GLU A 1 40 ? 18.561  -19.523 -3.292  1.00 19.46 ? 932  GLU A CG  1 
ATOM   318  C  CD  . GLU A 1 40 ? 19.440  -18.639 -4.150  1.00 21.24 ? 932  GLU A CD  1 
ATOM   319  O  OE1 . GLU A 1 40 ? 19.742  -17.510 -3.708  1.00 22.53 ? 932  GLU A OE1 1 
ATOM   320  O  OE2 . GLU A 1 40 ? 19.836  -19.073 -5.258  1.00 23.34 ? 932  GLU A OE2 1 
ATOM   321  N  N   . ASN A 1 41 ? 14.895  -17.679 -1.883  1.00 13.15 ? 933  ASN A N   1 
ATOM   322  C  CA  . ASN A 1 41 ? 13.684  -17.289 -1.154  1.00 13.03 ? 933  ASN A CA  1 
ATOM   323  C  C   . ASN A 1 41 ? 13.087  -15.962 -1.573  1.00 12.68 ? 933  ASN A C   1 
ATOM   324  O  O   . ASN A 1 41 ? 12.060  -15.540 -1.034  1.00 13.03 ? 933  ASN A O   1 
ATOM   325  C  CB  . ASN A 1 41 ? 13.966  -17.262 0.339   1.00 12.94 ? 933  ASN A CB  1 
ATOM   326  C  CG  . ASN A 1 41 ? 14.379  -18.611 0.848   1.00 13.00 ? 933  ASN A CG  1 
ATOM   327  O  OD1 . ASN A 1 41 ? 13.567  -19.524 0.879   1.00 13.45 ? 933  ASN A OD1 1 
ATOM   328  N  ND2 . ASN A 1 41 ? 15.656  -18.759 1.196   1.00 13.75 ? 933  ASN A ND2 1 
ATOM   329  N  N   . TRP A 1 42 ? 13.736  -15.324 -2.540  1.00 12.61 ? 934  TRP A N   1 
ATOM   330  C  CA  . TRP A 1 42 ? 13.330  -14.002 -2.993  1.00 12.75 ? 934  TRP A CA  1 
ATOM   331  C  C   . TRP A 1 42 ? 13.067  -14.034 -4.485  1.00 12.14 ? 934  TRP A C   1 
ATOM   332  O  O   . TRP A 1 42 ? 13.862  -14.545 -5.265  1.00 12.09 ? 934  TRP A O   1 
ATOM   333  C  CB  . TRP A 1 42 ? 14.402  -12.961 -2.637  1.00 13.53 ? 934  TRP A CB  1 
ATOM   334  C  CG  . TRP A 1 42 ? 14.454  -12.767 -1.156  1.00 14.27 ? 934  TRP A CG  1 
ATOM   335  C  CD1 . TRP A 1 42 ? 15.115  -13.544 -0.245  1.00 14.37 ? 934  TRP A CD1 1 
ATOM   336  C  CD2 . TRP A 1 42 ? 13.769  -11.760 -0.407  1.00 15.30 ? 934  TRP A CD2 1 
ATOM   337  N  NE1 . TRP A 1 42 ? 14.886  -13.080 1.030   1.00 15.04 ? 934  TRP A NE1 1 
ATOM   338  C  CE2 . TRP A 1 42 ? 14.069  -11.980 0.960   1.00 15.63 ? 934  TRP A CE2 1 
ATOM   339  C  CE3 . TRP A 1 42 ? 12.941  -10.681 -0.760  1.00 15.86 ? 934  TRP A CE3 1 
ATOM   340  C  CZ2 . TRP A 1 42 ? 13.567  -11.158 1.977   1.00 16.52 ? 934  TRP A CZ2 1 
ATOM   341  C  CZ3 . TRP A 1 42 ? 12.435  -9.872  0.248   1.00 16.71 ? 934  TRP A CZ3 1 
ATOM   342  C  CH2 . TRP A 1 42 ? 12.755  -10.108 1.602   1.00 17.31 ? 934  TRP A CH2 1 
ATOM   343  N  N   . TRP A 1 43 ? 11.916  -13.508 -4.873  1.00 11.82 ? 935  TRP A N   1 
ATOM   344  C  CA  . TRP A 1 43 ? 11.534  -13.444 -6.272  1.00 12.39 ? 935  TRP A CA  1 
ATOM   345  C  C   . TRP A 1 43 ? 11.471  -11.980 -6.693  1.00 12.41 ? 935  TRP A C   1 
ATOM   346  O  O   . TRP A 1 43 ? 11.291  -11.090 -5.846  1.00 12.75 ? 935  TRP A O   1 
ATOM   347  C  CB  . TRP A 1 43 ? 10.161  -14.089 -6.443  1.00 12.35 ? 935  TRP A CB  1 
ATOM   348  C  CG  . TRP A 1 43 ? 10.150  -15.597 -6.368  1.00 12.85 ? 935  TRP A CG  1 
ATOM   349  C  CD1 . TRP A 1 43 ? 11.200  -16.417 -6.084  1.00 13.20 ? 935  TRP A CD1 1 
ATOM   350  C  CD2 . TRP A 1 43 ? 9.016   -16.442 -6.549  1.00 13.25 ? 935  TRP A CD2 1 
ATOM   351  N  NE1 . TRP A 1 43 ? 10.796  -17.731 -6.092  1.00 13.52 ? 935  TRP A NE1 1 
ATOM   352  C  CE2 . TRP A 1 43 ? 9.459   -17.777 -6.381  1.00 13.73 ? 935  TRP A CE2 1 
ATOM   353  C  CE3 . TRP A 1 43 ? 7.665   -16.204 -6.853  1.00 13.74 ? 935  TRP A CE3 1 
ATOM   354  C  CZ2 . TRP A 1 43 ? 8.602   -18.871 -6.504  1.00 14.32 ? 935  TRP A CZ2 1 
ATOM   355  C  CZ3 . TRP A 1 43 ? 6.806   -17.291 -6.969  1.00 14.36 ? 935  TRP A CZ3 1 
ATOM   356  C  CH2 . TRP A 1 43 ? 7.280   -18.612 -6.801  1.00 14.50 ? 935  TRP A CH2 1 
ATOM   357  N  N   . PHE A 1 44 ? 11.616  -11.741 -7.994  1.00 12.20 ? 936  PHE A N   1 
ATOM   358  C  CA  . PHE A 1 44 ? 11.558  -10.394 -8.561  1.00 12.30 ? 936  PHE A CA  1 
ATOM   359  C  C   . PHE A 1 44 ? 10.307  -10.337 -9.411  1.00 12.44 ? 936  PHE A C   1 
ATOM   360  O  O   . PHE A 1 44 ? 10.034  -11.248 -10.202 1.00 12.78 ? 936  PHE A O   1 
ATOM   361  C  CB  . PHE A 1 44 ? 12.803  -10.118 -9.413  1.00 13.10 ? 936  PHE A CB  1 
ATOM   362  C  CG  . PHE A 1 44 ? 12.929  -8.687  -9.859  1.00 13.40 ? 936  PHE A CG  1 
ATOM   363  C  CD1 . PHE A 1 44 ? 13.482  -7.729  -9.007  1.00 13.51 ? 936  PHE A CD1 1 
ATOM   364  C  CD2 . PHE A 1 44 ? 12.522  -8.301  -11.128 1.00 13.94 ? 936  PHE A CD2 1 
ATOM   365  C  CE1 . PHE A 1 44 ? 13.616  -6.411  -9.394  1.00 13.88 ? 936  PHE A CE1 1 
ATOM   366  C  CE2 . PHE A 1 44 ? 12.645  -6.967  -11.525 1.00 14.19 ? 936  PHE A CE2 1 
ATOM   367  C  CZ  . PHE A 1 44 ? 13.200  -6.029  -10.664 1.00 14.34 ? 936  PHE A CZ  1 
ATOM   368  N  N   . GLY A 1 45 ? 9.515   -9.293  -9.216  1.00 12.46 ? 937  GLY A N   1 
ATOM   369  C  CA  . GLY A 1 45 ? 8.240   -9.223  -9.911  1.00 13.19 ? 937  GLY A CA  1 
ATOM   370  C  C   . GLY A 1 45 ? 7.783   -7.819  -10.234 1.00 12.95 ? 937  GLY A C   1 
ATOM   371  O  O   . GLY A 1 45 ? 8.471   -6.830  -9.936  1.00 12.96 ? 937  GLY A O   1 
ATOM   372  N  N   . GLU A 1 46 ? 6.596   -7.747  -10.831 1.00 13.32 ? 938  GLU A N   1 
ATOM   373  C  CA  . GLU A 1 46 ? 6.018   -6.488  -11.286 1.00 13.95 ? 938  GLU A CA  1 
ATOM   374  C  C   . GLU A 1 46 ? 4.531   -6.477  -10.964 1.00 13.54 ? 938  GLU A C   1 
ATOM   375  O  O   . GLU A 1 46 ? 3.823   -7.453  -11.232 1.00 12.37 ? 938  GLU A O   1 
ATOM   376  C  CB  . GLU A 1 46 ? 6.234   -6.357  -12.793 1.00 15.65 ? 938  GLU A CB  1 
ATOM   377  C  CG  . GLU A 1 46 ? 5.541   -5.189  -13.486 1.00 17.80 ? 938  GLU A CG  1 
ATOM   378  C  CD  . GLU A 1 46 ? 5.773   -5.241  -14.988 1.00 19.12 ? 938  GLU A CD  1 
ATOM   379  O  OE1 . GLU A 1 46 ? 6.934   -5.454  -15.409 1.00 21.94 ? 938  GLU A OE1 1 
ATOM   380  O  OE2 . GLU A 1 46 ? 4.801   -5.128  -15.747 1.00 19.86 ? 938  GLU A OE2 1 
ATOM   381  N  N   . VAL A 1 47 ? 4.077   -5.360  -10.404 1.00 13.61 ? 939  VAL A N   1 
ATOM   382  C  CA  . VAL A 1 47 ? 2.658   -5.121  -10.142 1.00 14.42 ? 939  VAL A CA  1 
ATOM   383  C  C   . VAL A 1 47 ? 2.457   -3.628  -9.870  1.00 15.07 ? 939  VAL A C   1 
ATOM   384  O  O   . VAL A 1 47 ? 3.359   -2.960  -9.354  1.00 15.11 ? 939  VAL A O   1 
ATOM   385  C  CB  . VAL A 1 47 ? 2.131   -5.988  -8.964  1.00 14.26 ? 939  VAL A CB  1 
ATOM   386  C  CG1 . VAL A 1 47 ? 2.679   -5.506  -7.619  1.00 13.93 ? 939  VAL A CG1 1 
ATOM   387  C  CG2 . VAL A 1 47 ? 0.612   -6.031  -8.969  1.00 14.06 ? 939  VAL A CG2 1 
ATOM   388  N  N   . HIS A 1 48 ? 1.276   -3.119  -10.223 1.00 16.62 ? 940  HIS A N   1 
ATOM   389  C  CA  . HIS A 1 48 ? 0.890   -1.712  -10.010 1.00 17.54 ? 940  HIS A CA  1 
ATOM   390  C  C   . HIS A 1 48 ? 1.997   -0.730  -10.405 1.00 17.65 ? 940  HIS A C   1 
ATOM   391  O  O   . HIS A 1 48 ? 2.304   0.205   -9.665  1.00 17.39 ? 940  HIS A O   1 
ATOM   392  C  CB  . HIS A 1 48 ? 0.451   -1.463  -8.563  1.00 19.78 ? 940  HIS A CB  1 
ATOM   393  C  CG  . HIS A 1 48 ? -0.617  -2.394  -8.079  1.00 20.34 ? 940  HIS A CG  1 
ATOM   394  N  ND1 . HIS A 1 48 ? -1.773  -2.641  -8.788  1.00 20.66 ? 940  HIS A ND1 1 
ATOM   395  C  CD2 . HIS A 1 48 ? -0.707  -3.123  -6.941  1.00 21.65 ? 940  HIS A CD2 1 
ATOM   396  C  CE1 . HIS A 1 48 ? -2.521  -3.498  -8.115  1.00 21.46 ? 940  HIS A CE1 1 
ATOM   397  N  NE2 . HIS A 1 48 ? -1.900  -3.800  -6.989  1.00 21.45 ? 940  HIS A NE2 1 
ATOM   398  N  N   . GLY A 1 49 ? 2.612   -0.974  -11.561 1.00 17.16 ? 941  GLY A N   1 
ATOM   399  C  CA  . GLY A 1 49 ? 3.560   -0.025  -12.138 1.00 16.63 ? 941  GLY A CA  1 
ATOM   400  C  C   . GLY A 1 49 ? 4.947   -0.010  -11.523 1.00 16.76 ? 941  GLY A C   1 
ATOM   401  O  O   . GLY A 1 49 ? 5.750   0.895   -11.805 1.00 16.76 ? 941  GLY A O   1 
ATOM   402  N  N   . GLY A 1 50 ? 5.228   -1.005  -10.685 1.00 16.13 ? 942  GLY A N   1 
ATOM   403  C  CA  . GLY A 1 50 ? 6.508   -1.098  -10.013 1.00 15.78 ? 942  GLY A CA  1 
ATOM   404  C  C   . GLY A 1 50 ? 7.137   -2.460  -10.175 1.00 15.21 ? 942  GLY A C   1 
ATOM   405  O  O   . GLY A 1 50 ? 6.468   -3.425  -10.533 1.00 14.51 ? 942  GLY A O   1 
ATOM   406  N  N   . ARG A 1 51 ? 8.438   -2.521  -9.925  1.00 15.66 ? 943  ARG A N   1 
ATOM   407  C  CA  . ARG A 1 51 ? 9.178   -3.785  -9.918  1.00 15.24 ? 943  ARG A CA  1 
ATOM   408  C  C   . ARG A 1 51 ? 10.031  -3.861  -8.668  1.00 14.92 ? 943  ARG A C   1 
ATOM   409  O  O   . ARG A 1 51 ? 10.391  -2.836  -8.067  1.00 16.20 ? 943  ARG A O   1 
ATOM   410  C  CB  . ARG A 1 51 ? 10.079  -3.921  -11.147 1.00 16.76 ? 943  ARG A CB  1 
ATOM   411  C  CG  . ARG A 1 51 ? 9.322   -4.143  -12.441 1.00 17.56 ? 943  ARG A CG  1 
ATOM   412  C  CD  . ARG A 1 51 ? 10.271  -4.438  -13.582 1.00 20.54 ? 943  ARG A CD  1 
ATOM   413  N  NE  . ARG A 1 51 ? 9.506   -4.675  -14.800 1.00 22.04 ? 943  ARG A NE  1 
ATOM   414  C  CZ  . ARG A 1 51 ? 10.036  -5.002  -15.967 1.00 24.30 ? 943  ARG A CZ  1 
ATOM   415  N  NH1 . ARG A 1 51 ? 11.354  -5.143  -16.090 1.00 26.15 ? 943  ARG A NH1 1 
ATOM   416  N  NH2 . ARG A 1 51 ? 9.238   -5.191  -17.013 1.00 25.21 ? 943  ARG A NH2 1 
ATOM   417  N  N   . GLY A 1 52 ? 10.365  -5.086  -8.278  1.00 13.92 ? 944  GLY A N   1 
ATOM   418  C  CA  . GLY A 1 52 ? 11.227  -5.264  -7.118  1.00 13.03 ? 944  GLY A CA  1 
ATOM   419  C  C   . GLY A 1 52 ? 11.208  -6.682  -6.615  1.00 12.73 ? 944  GLY A C   1 
ATOM   420  O  O   . GLY A 1 52 ? 10.495  -7.548  -7.142  1.00 12.18 ? 944  GLY A O   1 
ATOM   421  N  N   . TRP A 1 53 ? 12.011  -6.907  -5.582  1.00 12.85 ? 945  TRP A N   1 
ATOM   422  C  CA  . TRP A 1 53 ? 12.103  -8.210  -4.929  1.00 13.15 ? 945  TRP A CA  1 
ATOM   423  C  C   . TRP A 1 53 ? 11.082  -8.335  -3.795  1.00 12.92 ? 945  TRP A C   1 
ATOM   424  O  O   . TRP A 1 53 ? 10.706  -7.330  -3.174  1.00 13.76 ? 945  TRP A O   1 
ATOM   425  C  CB  . TRP A 1 53 ? 13.515  -8.400  -4.354  1.00 13.42 ? 945  TRP A CB  1 
ATOM   426  C  CG  . TRP A 1 53 ? 14.577  -8.484  -5.394  1.00 13.59 ? 945  TRP A CG  1 
ATOM   427  C  CD1 . TRP A 1 53 ? 15.350  -7.454  -5.861  1.00 13.69 ? 945  TRP A CD1 1 
ATOM   428  C  CD2 . TRP A 1 53 ? 14.988  -9.655  -6.107  1.00 13.77 ? 945  TRP A CD2 1 
ATOM   429  N  NE1 . TRP A 1 53 ? 16.212  -7.909  -6.823  1.00 14.19 ? 945  TRP A NE1 1 
ATOM   430  C  CE2 . TRP A 1 53 ? 16.010  -9.256  -7.003  1.00 13.84 ? 945  TRP A CE2 1 
ATOM   431  C  CE3 . TRP A 1 53 ? 14.593  -10.999 -6.080  1.00 13.35 ? 945  TRP A CE3 1 
ATOM   432  C  CZ2 . TRP A 1 53 ? 16.645  -10.158 -7.868  1.00 13.63 ? 945  TRP A CZ2 1 
ATOM   433  C  CZ3 . TRP A 1 53 ? 15.219  -11.900 -6.944  1.00 13.47 ? 945  TRP A CZ3 1 
ATOM   434  C  CH2 . TRP A 1 53 ? 16.240  -11.471 -7.825  1.00 13.52 ? 945  TRP A CH2 1 
ATOM   435  N  N   . PHE A 1 54 ? 10.658  -9.570  -3.523  1.00 12.96 ? 946  PHE A N   1 
ATOM   436  C  CA  . PHE A 1 54 ? 9.740   -9.880  -2.431  1.00 12.94 ? 946  PHE A CA  1 
ATOM   437  C  C   . PHE A 1 54 ? 9.952   -11.330 -1.969  1.00 13.31 ? 946  PHE A C   1 
ATOM   438  O  O   . PHE A 1 54 ? 10.490  -12.154 -2.724  1.00 13.09 ? 946  PHE A O   1 
ATOM   439  C  CB  . PHE A 1 54 ? 8.282   -9.659  -2.893  1.00 12.75 ? 946  PHE A CB  1 
ATOM   440  C  CG  . PHE A 1 54 ? 7.887   -10.506 -4.069  1.00 12.35 ? 946  PHE A CG  1 
ATOM   441  C  CD1 . PHE A 1 54 ? 7.339   -11.773 -3.880  1.00 12.22 ? 946  PHE A CD1 1 
ATOM   442  C  CD2 . PHE A 1 54 ? 8.093   -10.046 -5.388  1.00 12.02 ? 946  PHE A CD2 1 
ATOM   443  C  CE1 . PHE A 1 54 ? 6.982   -12.554 -4.973  1.00 12.11 ? 946  PHE A CE1 1 
ATOM   444  C  CE2 . PHE A 1 54 ? 7.739   -10.831 -6.473  1.00 11.84 ? 946  PHE A CE2 1 
ATOM   445  C  CZ  . PHE A 1 54 ? 7.182   -12.086 -6.268  1.00 11.79 ? 946  PHE A CZ  1 
ATOM   446  N  N   . PRO A 1 55 ? 9.541   -11.660 -0.723  1.00 14.00 ? 947  PRO A N   1 
ATOM   447  C  CA  . PRO A 1 55 ? 9.683   -13.046 -0.265  1.00 14.28 ? 947  PRO A CA  1 
ATOM   448  C  C   . PRO A 1 55 ? 8.744   -13.964 -1.029  1.00 14.22 ? 947  PRO A C   1 
ATOM   449  O  O   . PRO A 1 55 ? 7.544   -13.674 -1.138  1.00 15.41 ? 947  PRO A O   1 
ATOM   450  C  CB  . PRO A 1 55 ? 9.265   -12.981 1.218   1.00 14.48 ? 947  PRO A CB  1 
ATOM   451  C  CG  . PRO A 1 55 ? 9.351   -11.540 1.595   1.00 14.33 ? 947  PRO A CG  1 
ATOM   452  C  CD  . PRO A 1 55 ? 8.990   -10.791 0.334   1.00 14.12 ? 947  PRO A CD  1 
ATOM   453  N  N   . LYS A 1 56 ? 9.267   -15.058 -1.563  1.00 13.67 ? 948  LYS A N   1 
ATOM   454  C  CA  . LYS A 1 56 ? 8.448   -15.966 -2.357  1.00 14.43 ? 948  LYS A CA  1 
ATOM   455  C  C   . LYS A 1 56 ? 7.304   -16.578 -1.543  1.00 14.78 ? 948  LYS A C   1 
ATOM   456  O  O   . LYS A 1 56 ? 6.274   -16.942 -2.105  1.00 15.02 ? 948  LYS A O   1 
ATOM   457  C  CB  . LYS A 1 56 ? 9.293   -17.059 -3.029  1.00 14.66 ? 948  LYS A CB  1 
ATOM   458  C  CG  . LYS A 1 56 ? 9.857   -18.110 -2.081  1.00 14.71 ? 948  LYS A CG  1 
ATOM   459  C  CD  . LYS A 1 56 ? 10.582  -19.177 -2.868  1.00 15.03 ? 948  LYS A CD  1 
ATOM   460  C  CE  . LYS A 1 56 ? 11.134  -20.230 -1.922  1.00 14.93 ? 948  LYS A CE  1 
ATOM   461  N  NZ  . LYS A 1 56 ? 10.009  -21.052 -1.406  1.00 16.15 ? 948  LYS A NZ  1 
ATOM   462  N  N   . SER A 1 57 ? 7.487   -16.639 -0.224  1.00 16.40 ? 949  SER A N   1 
ATOM   463  C  CA  . SER A 1 57 ? 6.518   -17.259 0.679   1.00 17.51 ? 949  SER A CA  1 
ATOM   464  C  C   . SER A 1 57 ? 5.202   -16.476 0.748   1.00 17.61 ? 949  SER A C   1 
ATOM   465  O  O   . SER A 1 57 ? 4.149   -17.038 1.085   1.00 17.91 ? 949  SER A O   1 
ATOM   466  C  CB  . SER A 1 57 ? 7.125   -17.427 2.087   1.00 17.81 ? 949  SER A CB  1 
ATOM   467  O  OG  . SER A 1 57 ? 7.282   -16.188 2.757   1.00 19.32 ? 949  SER A OG  1 
ATOM   468  N  N   . TYR A 1 58 ? 5.277   -15.189 0.412   1.00 17.18 ? 950  TYR A N   1 
ATOM   469  C  CA  . TYR A 1 58 ? 4.126   -14.286 0.463   1.00 17.09 ? 950  TYR A CA  1 
ATOM   470  C  C   . TYR A 1 58 ? 3.187   -14.432 -0.728  1.00 16.39 ? 950  TYR A C   1 
ATOM   471  O  O   . TYR A 1 58 ? 2.156   -13.745 -0.796  1.00 15.72 ? 950  TYR A O   1 
ATOM   472  C  CB  . TYR A 1 58 ? 4.598   -12.840 0.538   1.00 17.90 ? 950  TYR A CB  1 
ATOM   473  C  CG  . TYR A 1 58 ? 5.114   -12.382 1.883   1.00 20.48 ? 950  TYR A CG  1 
ATOM   474  C  CD1 . TYR A 1 58 ? 4.944   -11.064 2.281   1.00 21.65 ? 950  TYR A CD1 1 
ATOM   475  C  CD2 . TYR A 1 58 ? 5.776   -13.252 2.750   1.00 22.04 ? 950  TYR A CD2 1 
ATOM   476  C  CE1 . TYR A 1 58 ? 5.410   -10.613 3.508   1.00 23.33 ? 950  TYR A CE1 1 
ATOM   477  C  CE2 . TYR A 1 58 ? 6.252   -12.802 3.983   1.00 22.76 ? 950  TYR A CE2 1 
ATOM   478  C  CZ  . TYR A 1 58 ? 6.079   -11.476 4.342   1.00 22.96 ? 950  TYR A CZ  1 
ATOM   479  O  OH  . TYR A 1 58 ? 6.545   -10.989 5.548   1.00 23.77 ? 950  TYR A OH  1 
ATOM   480  N  N   . VAL A 1 59 ? 3.536   -15.298 -1.673  1.00 16.14 ? 951  VAL A N   1 
ATOM   481  C  CA  . VAL A 1 59 ? 2.698   -15.491 -2.860  1.00 15.82 ? 951  VAL A CA  1 
ATOM   482  C  C   . VAL A 1 59 ? 2.441   -16.961 -3.174  1.00 16.35 ? 951  VAL A C   1 
ATOM   483  O  O   . VAL A 1 59 ? 3.174   -17.840 -2.720  1.00 17.32 ? 951  VAL A O   1 
ATOM   484  C  CB  . VAL A 1 59 ? 3.285   -14.792 -4.122  1.00 15.79 ? 951  VAL A CB  1 
ATOM   485  C  CG1 . VAL A 1 59 ? 3.554   -13.315 -3.863  1.00 15.95 ? 951  VAL A CG1 1 
ATOM   486  C  CG2 . VAL A 1 59 ? 4.544   -15.499 -4.620  1.00 15.13 ? 951  VAL A CG2 1 
ATOM   487  N  N   . LYS A 1 60 ? 1.387   -17.216 -3.942  1.00 16.77 ? 952  LYS A N   1 
ATOM   488  C  CA  A LYS A 1 60 ? 1.124   -18.555 -4.461  0.50 17.55 ? 952  LYS A CA  1 
ATOM   489  C  CA  B LYS A 1 60 ? 1.102   -18.556 -4.458  0.50 17.56 ? 952  LYS A CA  1 
ATOM   490  C  C   . LYS A 1 60 ? 1.005   -18.493 -5.978  1.00 18.03 ? 952  LYS A C   1 
ATOM   491  O  O   . LYS A 1 60 ? 0.323   -17.628 -6.526  1.00 17.79 ? 952  LYS A O   1 
ATOM   492  C  CB  A LYS A 1 60 ? -0.134  -19.171 -3.825  0.50 17.31 ? 952  LYS A CB  1 
ATOM   493  C  CB  B LYS A 1 60 ? -0.197  -19.106 -3.854  0.50 17.33 ? 952  LYS A CB  1 
ATOM   494  C  CG  A LYS A 1 60 ? -1.451  -18.519 -4.223  0.50 17.56 ? 952  LYS A CG  1 
ATOM   495  C  CG  B LYS A 1 60 ? -0.625  -20.471 -4.379  0.50 17.58 ? 952  LYS A CG  1 
ATOM   496  N  N   . ILE A 1 61 ? 1.685   -19.409 -6.660  1.00 18.98 ? 953  ILE A N   1 
ATOM   497  C  CA  . ILE A 1 61 ? 1.643   -19.444 -8.119  1.00 20.77 ? 953  ILE A CA  1 
ATOM   498  C  C   . ILE A 1 61 ? 0.219   -19.708 -8.631  1.00 21.58 ? 953  ILE A C   1 
ATOM   499  O  O   . ILE A 1 61 ? -0.502  -20.563 -8.093  1.00 21.48 ? 953  ILE A O   1 
ATOM   500  C  CB  . ILE A 1 61 ? 2.624   -20.500 -8.670  1.00 21.37 ? 953  ILE A CB  1 
ATOM   501  C  CG1 . ILE A 1 61 ? 4.067   -20.045 -8.407  1.00 21.98 ? 953  ILE A CG1 1 
ATOM   502  C  CG2 . ILE A 1 61 ? 2.371   -20.758 -10.154 1.00 22.33 ? 953  ILE A CG2 1 
ATOM   503  C  CD1 . ILE A 1 61 ? 5.134   -21.074 -8.732  1.00 23.54 ? 953  ILE A CD1 1 
ATOM   504  N  N   . ILE A 1 62 ? -0.182  -18.965 -9.658  1.00 21.89 ? 954  ILE A N   1 
ATOM   505  C  CA  . ILE A 1 62 ? -1.478  -19.182 -10.319 1.00 24.40 ? 954  ILE A CA  1 
ATOM   506  C  C   . ILE A 1 62 ? -1.253  -20.099 -11.521 1.00 27.59 ? 954  ILE A C   1 
ATOM   507  O  O   . ILE A 1 62 ? -0.395  -19.808 -12.353 1.00 28.54 ? 954  ILE A O   1 
ATOM   508  C  CB  . ILE A 1 62 ? -2.096  -17.856 -10.823 1.00 24.26 ? 954  ILE A CB  1 
ATOM   509  C  CG1 . ILE A 1 62 ? -2.189  -16.829 -9.691  1.00 23.84 ? 954  ILE A CG1 1 
ATOM   510  C  CG2 . ILE A 1 62 ? -3.462  -18.094 -11.470 1.00 25.01 ? 954  ILE A CG2 1 
ATOM   511  C  CD1 . ILE A 1 62 ? -2.501  -15.423 -10.150 1.00 22.68 ? 954  ILE A CD1 1 
ATOM   512  N  N   . PRO A 1 63 ? -2.011  -21.210 -11.617 1.00 30.27 ? 955  PRO A N   1 
ATOM   513  C  CA  . PRO A 1 63 ? -1.927  -22.090 -12.801 1.00 32.58 ? 955  PRO A CA  1 
ATOM   514  C  C   . PRO A 1 63 ? -2.175  -21.336 -14.118 1.00 34.72 ? 955  PRO A C   1 
ATOM   515  O  O   . PRO A 1 63 ? -3.005  -20.423 -14.157 1.00 35.05 ? 955  PRO A O   1 
ATOM   516  C  CB  . PRO A 1 63 ? -3.036  -23.117 -12.560 1.00 32.18 ? 955  PRO A CB  1 
ATOM   517  C  CG  . PRO A 1 63 ? -3.219  -23.141 -11.078 1.00 32.05 ? 955  PRO A CG  1 
ATOM   518  C  CD  . PRO A 1 63 ? -2.921  -21.750 -10.587 1.00 30.91 ? 955  PRO A CD  1 
ATOM   519  N  N   . ALA A 1 64 ? -1.450  -21.720 -15.171 1.00 37.16 ? 956  ALA A N   1 
ATOM   520  C  CA  . ALA A 1 64 ? -1.521  -21.052 -16.477 1.00 38.99 ? 956  ALA A CA  1 
ATOM   521  C  C   . ALA A 1 64 ? -2.822  -21.356 -17.220 1.00 40.98 ? 956  ALA A C   1 
ATOM   522  O  O   . ALA A 1 64 ? -3.210  -22.514 -17.369 1.00 41.49 ? 956  ALA A O   1 
ATOM   523  C  CB  . ALA A 1 64 ? -0.318  -21.426 -17.340 1.00 39.65 ? 956  ALA A CB  1 
ATOM   524  N  N   . ALA B 1 7  ? -9.954  14.897  19.876  1.00 43.19 ? 899  ALA B N   1 
ATOM   525  C  CA  . ALA B 1 7  ? -10.379 14.363  18.554  1.00 41.63 ? 899  ALA B CA  1 
ATOM   526  C  C   . ALA B 1 7  ? -9.208  13.733  17.788  1.00 41.63 ? 899  ALA B C   1 
ATOM   527  O  O   . ALA B 1 7  ? -8.555  14.391  16.966  1.00 42.86 ? 899  ALA B O   1 
ATOM   528  C  CB  . ALA B 1 7  ? -11.058 15.449  17.724  1.00 40.84 ? 899  ALA B CB  1 
ATOM   529  N  N   . LEU B 1 8  ? -8.926  12.470  18.116  1.00 37.97 ? 900  LEU B N   1 
ATOM   530  C  CA  . LEU B 1 8  ? -8.169  11.572  17.242  1.00 35.26 ? 900  LEU B CA  1 
ATOM   531  C  C   . LEU B 1 8  ? -9.096  10.445  16.809  1.00 33.31 ? 900  LEU B C   1 
ATOM   532  O  O   . LEU B 1 8  ? -9.241  9.418   17.495  1.00 33.49 ? 900  LEU B O   1 
ATOM   533  C  CB  . LEU B 1 8  ? -6.903  11.023  17.909  1.00 34.90 ? 900  LEU B CB  1 
ATOM   534  C  CG  . LEU B 1 8  ? -5.639  11.887  17.868  1.00 34.82 ? 900  LEU B CG  1 
ATOM   535  C  CD1 . LEU B 1 8  ? -4.422  11.050  18.222  1.00 35.85 ? 900  LEU B CD1 1 
ATOM   536  C  CD2 . LEU B 1 8  ? -5.434  12.541  16.512  1.00 34.81 ? 900  LEU B CD2 1 
ATOM   537  N  N   . LEU B 1 9  ? -9.761  10.673  15.681  1.00 28.62 ? 901  LEU B N   1 
ATOM   538  C  CA  . LEU B 1 9  ? -10.675 9.694   15.116  1.00 25.70 ? 901  LEU B CA  1 
ATOM   539  C  C   . LEU B 1 9  ? -9.897  8.540   14.509  1.00 22.66 ? 901  LEU B C   1 
ATOM   540  O  O   . LEU B 1 9  ? -8.756  8.704   14.080  1.00 21.87 ? 901  LEU B O   1 
ATOM   541  C  CB  . LEU B 1 9  ? -11.563 10.335  14.050  1.00 27.24 ? 901  LEU B CB  1 
ATOM   542  C  CG  . LEU B 1 9  ? -12.571 11.408  14.465  1.00 30.73 ? 901  LEU B CG  1 
ATOM   543  C  CD1 . LEU B 1 9  ? -13.325 11.862  13.230  1.00 31.84 ? 901  LEU B CD1 1 
ATOM   544  C  CD2 . LEU B 1 9  ? -13.541 10.900  15.520  1.00 30.35 ? 901  LEU B CD2 1 
ATOM   545  N  N   . LYS B 1 10 ? -10.527 7.373   14.486  1.00 20.39 ? 902  LYS B N   1 
ATOM   546  C  CA  . LYS B 1 10 ? -9.936  6.196   13.876  1.00 18.41 ? 902  LYS B CA  1 
ATOM   547  C  C   . LYS B 1 10 ? -10.820 5.785   12.718  1.00 17.00 ? 902  LYS B C   1 
ATOM   548  O  O   . LYS B 1 10 ? -12.046 5.851   12.806  1.00 16.72 ? 902  LYS B O   1 
ATOM   549  C  CB  . LYS B 1 10 ? -9.826  5.047   14.883  1.00 18.96 ? 902  LYS B CB  1 
ATOM   550  C  CG  . LYS B 1 10 ? -9.045  5.390   16.145  1.00 19.37 ? 902  LYS B CG  1 
ATOM   551  C  CD  . LYS B 1 10 ? -7.550  5.474   15.893  1.00 19.33 ? 902  LYS B CD  1 
ATOM   552  C  CE  . LYS B 1 10 ? -6.889  6.171   17.072  1.00 20.01 ? 902  LYS B CE  1 
ATOM   553  N  NZ  . LYS B 1 10 ? -5.419  6.017   17.046  1.00 20.26 ? 902  LYS B NZ  1 
ATOM   554  N  N   . ALA B 1 11 ? -10.196 5.371   11.623  1.00 16.00 ? 903  ALA B N   1 
ATOM   555  C  CA  . ALA B 1 11 ? -10.945 4.993   10.443  1.00 15.39 ? 903  ALA B CA  1 
ATOM   556  C  C   . ALA B 1 11 ? -10.310 3.763   9.837   1.00 15.04 ? 903  ALA B C   1 
ATOM   557  O  O   . ALA B 1 11 ? -9.089  3.593   9.906   1.00 16.00 ? 903  ALA B O   1 
ATOM   558  C  CB  . ALA B 1 11 ? -10.961 6.137   9.438   1.00 15.70 ? 903  ALA B CB  1 
ATOM   559  N  N   . GLN B 1 12 ? -11.135 2.888   9.281   1.00 15.09 ? 904  GLN B N   1 
ATOM   560  C  CA  A GLN B 1 12 ? -10.629 1.685   8.632   0.50 15.19 ? 904  GLN B CA  1 
ATOM   561  C  CA  B GLN B 1 12 ? -10.641 1.676   8.636   0.50 15.14 ? 904  GLN B CA  1 
ATOM   562  C  C   . GLN B 1 12 ? -10.688 1.823   7.122   1.00 14.85 ? 904  GLN B C   1 
ATOM   563  O  O   . GLN B 1 12 ? -11.689 2.290   6.576   1.00 14.49 ? 904  GLN B O   1 
ATOM   564  C  CB  A GLN B 1 12 ? -11.407 0.450   9.081   0.50 16.42 ? 904  GLN B CB  1 
ATOM   565  C  CB  B GLN B 1 12 ? -11.438 0.449   9.095   0.50 16.32 ? 904  GLN B CB  1 
ATOM   566  C  CG  A GLN B 1 12 ? -10.755 -0.857  8.654   0.50 17.37 ? 904  GLN B CG  1 
ATOM   567  C  CG  B GLN B 1 12 ? -12.918 0.458   8.744   0.50 17.06 ? 904  GLN B CG  1 
ATOM   568  C  CD  A GLN B 1 12 ? -11.229 -2.033  9.476   0.50 18.29 ? 904  GLN B CD  1 
ATOM   569  C  CD  B GLN B 1 12 ? -13.626 -0.804  9.198   0.50 18.43 ? 904  GLN B CD  1 
ATOM   570  O  OE1 A GLN B 1 12 ? -10.436 -2.893  9.877   0.50 18.87 ? 904  GLN B OE1 1 
ATOM   571  O  OE1 B GLN B 1 12 ? -14.530 -0.744  10.022  0.50 19.18 ? 904  GLN B OE1 1 
ATOM   572  N  NE2 A GLN B 1 12 ? -12.525 -2.071  9.745   0.50 18.93 ? 904  GLN B NE2 1 
ATOM   573  N  NE2 B GLN B 1 12 ? -13.204 -1.954  8.675   0.50 18.49 ? 904  GLN B NE2 1 
ATOM   574  N  N   . ALA B 1 13 ? -9.601  1.427   6.461   1.00 13.82 ? 905  ALA B N   1 
ATOM   575  C  CA  . ALA B 1 13 ? -9.513  1.480   5.006   1.00 13.85 ? 905  ALA B CA  1 
ATOM   576  C  C   . ALA B 1 13 ? -10.447 0.430   4.424   1.00 13.94 ? 905  ALA B C   1 
ATOM   577  O  O   . ALA B 1 13 ? -10.355 -0.743  4.764   1.00 14.30 ? 905  ALA B O   1 
ATOM   578  C  CB  . ALA B 1 13 ? -8.083  1.246   4.544   1.00 13.77 ? 905  ALA B CB  1 
ATOM   579  N  N   . LEU B 1 14 ? -11.345 0.867   3.548   1.00 13.83 ? 906  LEU B N   1 
ATOM   580  C  CA  . LEU B 1 14 ? -12.301 -0.039  2.889   1.00 14.47 ? 906  LEU B CA  1 
ATOM   581  C  C   . LEU B 1 14 ? -11.688 -0.686  1.641   1.00 14.66 ? 906  LEU B C   1 
ATOM   582  O  O   . LEU B 1 14 ? -12.119 -1.765  1.195   1.00 15.44 ? 906  LEU B O   1 
ATOM   583  C  CB  . LEU B 1 14 ? -13.567 0.734   2.523   1.00 14.47 ? 906  LEU B CB  1 
ATOM   584  C  CG  . LEU B 1 14 ? -14.255 1.438   3.698   1.00 14.50 ? 906  LEU B CG  1 
ATOM   585  C  CD1 . LEU B 1 14 ? -15.409 2.286   3.169   1.00 15.65 ? 906  LEU B CD1 1 
ATOM   586  C  CD2 . LEU B 1 14 ? -14.732 0.448   4.753   1.00 14.86 ? 906  LEU B CD2 1 
ATOM   587  N  N   . CYS B 1 15 ? -10.705 0.008   1.077   1.00 14.94 ? 907  CYS B N   1 
ATOM   588  C  CA  A CYS B 1 15 ? -9.955  -0.409  -0.111  0.70 15.10 ? 907  CYS B CA  1 
ATOM   589  C  CA  B CYS B 1 15 ? -9.899  -0.553  0.009   0.30 15.85 ? 907  CYS B CA  1 
ATOM   590  C  C   . CYS B 1 15 ? -8.533  0.102   0.031   1.00 15.91 ? 907  CYS B C   1 
ATOM   591  O  O   . CYS B 1 15 ? -8.311  1.098   0.734   1.00 15.86 ? 907  CYS B O   1 
ATOM   592  C  CB  A CYS B 1 15 ? -10.523 0.242   -1.376  0.70 14.55 ? 907  CYS B CB  1 
ATOM   593  C  CB  B CYS B 1 15 ? -10.563 -0.346  -1.344  0.30 16.42 ? 907  CYS B CB  1 
ATOM   594  S  SG  A CYS B 1 15 ? -12.201 -0.259  -1.831  0.70 13.86 ? 907  CYS B SG  1 
ATOM   595  S  SG  B CYS B 1 15 ? -10.896 1.386   -1.658  0.30 17.17 ? 907  CYS B SG  1 
ATOM   596  N  N   . SER B 1 16 ? -7.597  -0.514  -0.685  1.00 16.60 ? 908  SER B N   1 
ATOM   597  C  CA  . SER B 1 16 ? -6.228  -0.017  -0.713  1.00 16.82 ? 908  SER B CA  1 
ATOM   598  C  C   . SER B 1 16 ? -6.155  1.246   -1.541  1.00 18.63 ? 908  SER B C   1 
ATOM   599  O  O   . SER B 1 16 ? -6.939  1.426   -2.487  1.00 19.23 ? 908  SER B O   1 
ATOM   600  C  CB  . SER B 1 16 ? -5.286  -1.072  -1.289  1.00 16.80 ? 908  SER B CB  1 
ATOM   601  O  OG  . SER B 1 16 ? -5.348  -2.247  -0.507  1.00 16.55 ? 908  SER B OG  1 
ATOM   602  N  N   . TRP B 1 17 ? -5.222  2.121   -1.166  1.00 19.23 ? 909  TRP B N   1 
ATOM   603  C  CA  A TRP B 1 17 ? -4.979  3.350   -1.921  0.70 20.08 ? 909  TRP B CA  1 
ATOM   604  C  CA  B TRP B 1 17 ? -4.989  3.395   -1.855  0.30 20.39 ? 909  TRP B CA  1 
ATOM   605  C  C   . TRP B 1 17 ? -3.492  3.669   -1.946  1.00 21.38 ? 909  TRP B C   1 
ATOM   606  O  O   . TRP B 1 17 ? -2.783  3.570   -0.935  1.00 20.57 ? 909  TRP B O   1 
ATOM   607  C  CB  A TRP B 1 17 ? -5.802  4.520   -1.361  0.70 19.76 ? 909  TRP B CB  1 
ATOM   608  C  CB  B TRP B 1 17 ? -5.707  4.532   -1.111  0.30 20.26 ? 909  TRP B CB  1 
ATOM   609  C  CG  A TRP B 1 17 ? -5.830  5.738   -2.247  0.70 18.97 ? 909  TRP B CG  1 
ATOM   610  C  CG  B TRP B 1 17 ? -5.095  5.900   -1.271  0.30 20.10 ? 909  TRP B CG  1 
ATOM   611  C  CD1 A TRP B 1 17 ? -6.518  5.891   -3.421  0.70 18.82 ? 909  TRP B CD1 1 
ATOM   612  C  CD1 B TRP B 1 17 ? -4.163  6.485   -0.458  0.30 19.86 ? 909  TRP B CD1 1 
ATOM   613  C  CD2 A TRP B 1 17 ? -5.156  6.979   -2.011  0.70 18.64 ? 909  TRP B CD2 1 
ATOM   614  C  CD2 B TRP B 1 17 ? -5.384  6.853   -2.300  0.30 19.93 ? 909  TRP B CD2 1 
ATOM   615  N  NE1 A TRP B 1 17 ? -6.295  7.149   -3.943  0.70 19.12 ? 909  TRP B NE1 1 
ATOM   616  N  NE1 B TRP B 1 17 ? -3.848  7.737   -0.923  0.30 19.88 ? 909  TRP B NE1 1 
ATOM   617  C  CE2 A TRP B 1 17 ? -5.463  7.837   -3.096  0.70 18.76 ? 909  TRP B CE2 1 
ATOM   618  C  CE2 B TRP B 1 17 ? -4.585  7.989   -2.051  0.30 19.99 ? 909  TRP B CE2 1 
ATOM   619  C  CE3 A TRP B 1 17 ? -4.309  7.447   -0.992  0.70 18.47 ? 909  TRP B CE3 1 
ATOM   620  C  CE3 B TRP B 1 17 ? -6.237  6.857   -3.408  0.30 20.19 ? 909  TRP B CE3 1 
ATOM   621  C  CZ2 A TRP B 1 17 ? -4.959  9.140   -3.188  0.70 18.71 ? 909  TRP B CZ2 1 
ATOM   622  C  CZ2 B TRP B 1 17 ? -4.614  9.115   -2.871  0.30 20.02 ? 909  TRP B CZ2 1 
ATOM   623  C  CZ3 A TRP B 1 17 ? -3.805  8.745   -1.087  0.70 18.54 ? 909  TRP B CZ3 1 
ATOM   624  C  CZ3 B TRP B 1 17 ? -6.263  7.977   -4.221  0.30 19.91 ? 909  TRP B CZ3 1 
ATOM   625  C  CH2 A TRP B 1 17 ? -4.137  9.575   -2.176  0.70 18.54 ? 909  TRP B CH2 1 
ATOM   626  C  CH2 B TRP B 1 17 ? -5.459  9.090   -3.946  0.30 20.03 ? 909  TRP B CH2 1 
ATOM   627  N  N   . THR B 1 18 ? -3.025  4.024   -3.138  1.00 23.57 ? 910  THR B N   1 
ATOM   628  C  CA  . THR B 1 18 ? -1.618  4.312   -3.371  1.00 26.87 ? 910  THR B CA  1 
ATOM   629  C  C   . THR B 1 18 ? -1.445  5.815   -3.586  1.00 26.90 ? 910  THR B C   1 
ATOM   630  O  O   . THR B 1 18 ? -2.208  6.434   -4.326  1.00 29.07 ? 910  THR B O   1 
ATOM   631  C  CB  . THR B 1 18 ? -1.078  3.528   -4.588  1.00 29.10 ? 910  THR B CB  1 
ATOM   632  O  OG1 . THR B 1 18 ? -1.856  3.846   -5.746  1.00 32.54 ? 910  THR B OG1 1 
ATOM   633  C  CG2 . THR B 1 18 ? -1.155  2.029   -4.339  1.00 27.93 ? 910  THR B CG2 1 
ATOM   634  N  N   . ALA B 1 19 ? -0.454  6.390   -2.913  1.00 29.03 ? 911  ALA B N   1 
ATOM   635  C  CA  . ALA B 1 19 ? -0.205  7.829   -2.955  1.00 30.12 ? 911  ALA B CA  1 
ATOM   636  C  C   . ALA B 1 19 ? -0.027  8.346   -4.387  1.00 32.14 ? 911  ALA B C   1 
ATOM   637  O  O   . ALA B 1 19 ? 0.710   7.753   -5.178  1.00 32.49 ? 911  ALA B O   1 
ATOM   638  C  CB  . ALA B 1 19 ? 1.016   8.161   -2.114  1.00 31.46 ? 911  ALA B CB  1 
ATOM   639  N  N   . LYS B 1 20 ? -0.716  9.437   -4.710  1.00 32.81 ? 912  LYS B N   1 
ATOM   640  C  CA  . LYS B 1 20 ? -0.558  10.114  -6.002  1.00 35.05 ? 912  LYS B CA  1 
ATOM   641  C  C   . LYS B 1 20 ? 0.593   11.116  -5.955  1.00 35.42 ? 912  LYS B C   1 
ATOM   642  O  O   . LYS B 1 20 ? 1.286   11.333  -6.955  1.00 37.10 ? 912  LYS B O   1 
ATOM   643  C  CB  . LYS B 1 20 ? -1.853  10.824  -6.407  1.00 35.88 ? 912  LYS B CB  1 
ATOM   644  N  N   . LYS B 1 21 ? 0.786   11.725  -4.787  1.00 32.62 ? 913  LYS B N   1 
ATOM   645  C  CA  . LYS B 1 21 ? 1.819   12.735  -4.591  1.00 30.61 ? 913  LYS B CA  1 
ATOM   646  C  C   . LYS B 1 21 ? 2.721   12.358  -3.413  1.00 28.81 ? 913  LYS B C   1 
ATOM   647  O  O   . LYS B 1 21 ? 2.446   11.400  -2.689  1.00 26.78 ? 913  LYS B O   1 
ATOM   648  C  CB  . LYS B 1 21 ? 1.182   14.120  -4.396  1.00 31.85 ? 913  LYS B CB  1 
ATOM   649  C  CG  . LYS B 1 21 ? 0.413   14.618  -5.616  1.00 33.68 ? 913  LYS B CG  1 
ATOM   650  C  CD  . LYS B 1 21 ? 0.522   16.127  -5.786  1.00 34.75 ? 913  LYS B CD  1 
ATOM   651  N  N   . ASP B 1 22 ? 3.795   13.112  -3.225  1.00 27.53 ? 914  ASP B N   1 
ATOM   652  C  CA  . ASP B 1 22 ? 4.797   12.787  -2.211  1.00 26.91 ? 914  ASP B CA  1 
ATOM   653  C  C   . ASP B 1 22 ? 4.288   12.918  -0.768  1.00 24.58 ? 914  ASP B C   1 
ATOM   654  O  O   . ASP B 1 22 ? 4.901   12.381  0.154   1.00 25.25 ? 914  ASP B O   1 
ATOM   655  C  CB  . ASP B 1 22 ? 6.078   13.619  -2.423  1.00 29.65 ? 914  ASP B CB  1 
ATOM   656  C  CG  . ASP B 1 22 ? 5.861   15.125  -2.235  1.00 32.68 ? 914  ASP B CG  1 
ATOM   657  O  OD1 . ASP B 1 22 ? 4.704   15.589  -2.151  1.00 34.70 ? 914  ASP B OD1 1 
ATOM   658  O  OD2 . ASP B 1 22 ? 6.872   15.862  -2.190  1.00 36.54 ? 914  ASP B OD2 1 
ATOM   659  N  N   . ASN B 1 23 ? 3.170   13.625  -0.584  1.00 20.90 ? 915  ASN B N   1 
ATOM   660  C  CA  . ASN B 1 23 ? 2.584   13.799  0.751   1.00 18.73 ? 915  ASN B CA  1 
ATOM   661  C  C   . ASN B 1 23 ? 1.200   13.143  0.886   1.00 17.53 ? 915  ASN B C   1 
ATOM   662  O  O   . ASN B 1 23 ? 0.382   13.526  1.739   1.00 16.55 ? 915  ASN B O   1 
ATOM   663  C  CB  . ASN B 1 23 ? 2.548   15.285  1.144   1.00 19.19 ? 915  ASN B CB  1 
ATOM   664  C  CG  . ASN B 1 23 ? 1.529   16.072  0.348   1.00 18.56 ? 915  ASN B CG  1 
ATOM   665  O  OD1 . ASN B 1 23 ? 1.213   15.719  -0.784  1.00 18.90 ? 915  ASN B OD1 1 
ATOM   666  N  ND2 . ASN B 1 23 ? 0.999   17.143  0.943   1.00 18.46 ? 915  ASN B ND2 1 
ATOM   667  N  N   . HIS B 1 24 ? 0.947   12.154  0.033   1.00 16.59 ? 916  HIS B N   1 
ATOM   668  C  CA  . HIS B 1 24 ? -0.228  11.305  0.193   1.00 16.77 ? 916  HIS B CA  1 
ATOM   669  C  C   . HIS B 1 24 ? 0.094   10.052  1.002   1.00 17.04 ? 916  HIS B C   1 
ATOM   670  O  O   . HIS B 1 24 ? 1.208   9.495   0.934   1.00 17.75 ? 916  HIS B O   1 
ATOM   671  C  CB  . HIS B 1 24 ? -0.806  10.929  -1.172  1.00 17.33 ? 916  HIS B CB  1 
ATOM   672  C  CG  . HIS B 1 24 ? -1.478  12.065  -1.881  1.00 17.27 ? 916  HIS B CG  1 
ATOM   673  N  ND1 . HIS B 1 24 ? -2.094  11.908  -3.104  1.00 17.64 ? 916  HIS B ND1 1 
ATOM   674  C  CD2 . HIS B 1 24 ? -1.641  13.366  -1.542  1.00 17.61 ? 916  HIS B CD2 1 
ATOM   675  C  CE1 . HIS B 1 24 ? -2.601  13.066  -3.490  1.00 17.89 ? 916  HIS B CE1 1 
ATOM   676  N  NE2 . HIS B 1 24 ? -2.341  13.969  -2.562  1.00 17.84 ? 916  HIS B NE2 1 
ATOM   677  N  N   . LEU B 1 25 ? -0.904  9.591   1.742   1.00 16.34 ? 917  LEU B N   1 
ATOM   678  C  CA  A LEU B 1 25 ? -0.721  8.454   2.612   0.50 17.09 ? 917  LEU B CA  1 
ATOM   679  C  CA  B LEU B 1 25 ? -0.782  8.407   2.595   0.50 16.91 ? 917  LEU B CA  1 
ATOM   680  C  C   A LEU B 1 25 ? -0.877  7.195   1.748   0.50 17.77 ? 917  LEU B C   1 
ATOM   681  C  C   B LEU B 1 25 ? -1.114  7.090   1.907   0.50 17.42 ? 917  LEU B C   1 
ATOM   682  O  O   A LEU B 1 25 ? -1.636  7.201   0.781   0.50 18.34 ? 917  LEU B O   1 
ATOM   683  O  O   B LEU B 1 25 ? -2.259  6.870   1.505   0.50 17.18 ? 917  LEU B O   1 
ATOM   684  C  CB  . LEU B 1 25 ? -1.729  8.537   3.782   1.00 16.90 ? 917  LEU B CB  1 
ATOM   685  C  CG  . LEU B 1 25 ? -1.578  7.570   4.956   1.00 16.90 ? 917  LEU B CG  1 
ATOM   686  C  CD1 . LEU B 1 25 ? -0.289  7.840   5.723   1.00 17.30 ? 917  LEU B CD1 1 
ATOM   687  C  CD2 . LEU B 1 25 ? -2.780  7.672   5.877   1.00 16.79 ? 917  LEU B CD2 1 
ATOM   688  N  N   A ASN B 1 26 ? -0.099  6.152   2.036   0.50 18.43 ? 918  ASN B N   1 
ATOM   689  N  N   B ASN B 1 26 ? -0.122  6.201   1.839   0.50 18.17 ? 918  ASN B N   1 
ATOM   690  C  CA  A ASN B 1 26 ? -0.311  4.846   1.408   0.50 18.87 ? 918  ASN B CA  1 
ATOM   691  C  CA  B ASN B 1 26 ? -0.322  4.830   1.374   0.50 18.78 ? 918  ASN B CA  1 
ATOM   692  C  C   . ASN B 1 26 ? -0.957  3.927   2.425   1.00 18.25 ? 918  ASN B C   1 
ATOM   693  O  O   . ASN B 1 26 ? -0.574  3.943   3.601   1.00 18.24 ? 918  ASN B O   1 
ATOM   694  C  CB  . ASN B 1 26 ? 1.014   4.210   0.955   1.00 20.20 ? 918  ASN B CB  1 
ATOM   695  C  CG  . ASN B 1 26 ? 1.600   4.862   -0.278  1.00 21.27 ? 918  ASN B CG  1 
ATOM   696  O  OD1 . ASN B 1 26 ? 1.156   4.617   -1.403  1.00 23.63 ? 918  ASN B OD1 1 
ATOM   697  N  ND2 . ASN B 1 26 ? 2.646   5.665   -0.075  1.00 23.43 ? 918  ASN B ND2 1 
ATOM   698  N  N   . PHE B 1 27 ? -1.933  3.127   2.003   1.00 17.12 ? 919  PHE B N   1 
ATOM   699  C  CA  . PHE B 1 27 ? -2.489  2.128   2.915   1.00 16.56 ? 919  PHE B CA  1 
ATOM   700  C  C   . PHE B 1 27 ? -3.127  0.973   2.176   1.00 16.43 ? 919  PHE B C   1 
ATOM   701  O  O   . PHE B 1 27 ? -3.426  1.075   0.976   1.00 16.25 ? 919  PHE B O   1 
ATOM   702  C  CB  . PHE B 1 27 ? -3.456  2.745   3.946   1.00 15.94 ? 919  PHE B CB  1 
ATOM   703  C  CG  . PHE B 1 27 ? -4.545  3.589   3.340   1.00 15.96 ? 919  PHE B CG  1 
ATOM   704  C  CD1 . PHE B 1 27 ? -5.682  2.994   2.799   1.00 15.84 ? 919  PHE B CD1 1 
ATOM   705  C  CD2 . PHE B 1 27 ? -4.442  4.977   3.322   1.00 16.29 ? 919  PHE B CD2 1 
ATOM   706  C  CE1 . PHE B 1 27 ? -6.699  3.763   2.240   1.00 16.02 ? 919  PHE B CE1 1 
ATOM   707  C  CE2 . PHE B 1 27 ? -5.457  5.754   2.775   1.00 16.58 ? 919  PHE B CE2 1 
ATOM   708  C  CZ  . PHE B 1 27 ? -6.584  5.140   2.230   1.00 16.37 ? 919  PHE B CZ  1 
ATOM   709  N  N   . SER B 1 28 ? -3.294  -0.135  2.898   1.00 16.13 ? 920  SER B N   1 
ATOM   710  C  CA  . SER B 1 28 ? -3.984  -1.313  2.386   1.00 16.64 ? 920  SER B CA  1 
ATOM   711  C  C   . SER B 1 28 ? -5.353  -1.442  3.002   1.00 16.17 ? 920  SER B C   1 
ATOM   712  O  O   . SER B 1 28 ? -5.580  -1.033  4.149   1.00 15.88 ? 920  SER B O   1 
ATOM   713  C  CB  . SER B 1 28 ? -3.204  -2.597  2.695   1.00 17.84 ? 920  SER B CB  1 
ATOM   714  O  OG  . SER B 1 28 ? -2.010  -2.635  1.963   1.00 19.97 ? 920  SER B OG  1 
ATOM   715  N  N   . LYS B 1 29 ? -6.266  -2.040  2.244   1.00 15.68 ? 921  LYS B N   1 
ATOM   716  C  CA  . LYS B 1 29 ? -7.555  -2.462  2.778   1.00 14.98 ? 921  LYS B CA  1 
ATOM   717  C  C   . LYS B 1 29 ? -7.418  -3.047  4.189   1.00 15.10 ? 921  LYS B C   1 
ATOM   718  O  O   . LYS B 1 29 ? -6.551  -3.910  4.443   1.00 14.09 ? 921  LYS B O   1 
ATOM   719  C  CB  . LYS B 1 29 ? -8.193  -3.500  1.832   1.00 15.80 ? 921  LYS B CB  1 
ATOM   720  C  CG  . LYS B 1 29 ? -9.593  -3.911  2.253   1.00 16.13 ? 921  LYS B CG  1 
ATOM   721  C  CD  . LYS B 1 29 ? -10.180 -5.015  1.378   1.00 17.96 ? 921  LYS B CD  1 
ATOM   722  C  CE  . LYS B 1 29 ? -10.341 -4.576  -0.070  1.00 18.16 ? 921  LYS B CE  1 
ATOM   723  N  NZ  . LYS B 1 29 ? -10.529 -5.747  -0.975  1.00 19.04 ? 921  LYS B NZ  1 
ATOM   724  N  N   . HIS B 1 30 ? -8.260  -2.550  5.092   1.00 14.46 ? 922  HIS B N   1 
ATOM   725  C  CA  . HIS B 1 30 ? -8.388  -2.991  6.493   1.00 15.20 ? 922  HIS B CA  1 
ATOM   726  C  C   . HIS B 1 30 ? -7.387  -2.328  7.444   1.00 14.62 ? 922  HIS B C   1 
ATOM   727  O  O   . HIS B 1 30 ? -7.504  -2.487  8.660   1.00 14.23 ? 922  HIS B O   1 
ATOM   728  C  CB  . HIS B 1 30 ? -8.328  -4.520  6.649   1.00 15.94 ? 922  HIS B CB  1 
ATOM   729  C  CG  . HIS B 1 30 ? -9.305  -5.263  5.786   1.00 17.05 ? 922  HIS B CG  1 
ATOM   730  N  ND1 . HIS B 1 30 ? -10.642 -4.932  5.717   1.00 17.53 ? 922  HIS B ND1 1 
ATOM   731  C  CD2 . HIS B 1 30 ? -9.137  -6.326  4.964   1.00 17.90 ? 922  HIS B CD2 1 
ATOM   732  C  CE1 . HIS B 1 30 ? -11.258 -5.762  4.892   1.00 17.94 ? 922  HIS B CE1 1 
ATOM   733  N  NE2 . HIS B 1 30 ? -10.367 -6.618  4.422   1.00 18.64 ? 922  HIS B NE2 1 
ATOM   734  N  N   . ASP B 1 31 ? -6.421  -1.586  6.907   1.00 14.52 ? 923  ASP B N   1 
ATOM   735  C  CA  . ASP B 1 31 ? -5.556  -0.778  7.774   1.00 14.71 ? 923  ASP B CA  1 
ATOM   736  C  C   . ASP B 1 31 ? -6.387  0.186   8.603   1.00 14.71 ? 923  ASP B C   1 
ATOM   737  O  O   . ASP B 1 31 ? -7.400  0.729   8.131   1.00 14.97 ? 923  ASP B O   1 
ATOM   738  C  CB  . ASP B 1 31 ? -4.518  0.017   6.980   1.00 14.95 ? 923  ASP B CB  1 
ATOM   739  C  CG  . ASP B 1 31 ? -3.364  -0.830  6.475   1.00 15.30 ? 923  ASP B CG  1 
ATOM   740  O  OD1 . ASP B 1 31 ? -3.175  -1.974  6.942   1.00 16.85 ? 923  ASP B OD1 1 
ATOM   741  O  OD2 . ASP B 1 31 ? -2.618  -0.322  5.615   1.00 16.33 ? 923  ASP B OD2 1 
ATOM   742  N  N   . ILE B 1 32 ? -5.944  0.410   9.838   1.00 14.28 ? 924  ILE B N   1 
ATOM   743  C  CA  . ILE B 1 32 ? -6.606  1.373   10.718  1.00 14.31 ? 924  ILE B CA  1 
ATOM   744  C  C   . ILE B 1 32 ? -5.766  2.649   10.749  1.00 13.91 ? 924  ILE B C   1 
ATOM   745  O  O   . ILE B 1 32 ? -4.585  2.633   11.116  1.00 13.93 ? 924  ILE B O   1 
ATOM   746  C  CB  . ILE B 1 32 ? -6.884  0.779   12.111  1.00 15.70 ? 924  ILE B CB  1 
ATOM   747  C  CG1 . ILE B 1 32 ? -7.849  -0.418  11.965  1.00 16.66 ? 924  ILE B CG1 1 
ATOM   748  C  CG2 . ILE B 1 32 ? -7.456  1.856   13.037  1.00 15.72 ? 924  ILE B CG2 1 
ATOM   749  C  CD1 . ILE B 1 32 ? -7.965  -1.290  13.201  1.00 19.26 ? 924  ILE B CD1 1 
ATOM   750  N  N   . ILE B 1 33 ? -6.405  3.733   10.306  1.00 13.56 ? 925  ILE B N   1 
ATOM   751  C  CA  A ILE B 1 33 ? -5.739  5.021   10.109  0.70 13.24 ? 925  ILE B CA  1 
ATOM   752  C  CA  B ILE B 1 33 ? -5.771  5.029   10.089  0.30 13.37 ? 925  ILE B CA  1 
ATOM   753  C  C   . ILE B 1 33 ? -6.159  5.962   11.230  1.00 13.21 ? 925  ILE B C   1 
ATOM   754  O  O   . ILE B 1 33 ? -7.329  6.014   11.604  1.00 13.41 ? 925  ILE B O   1 
ATOM   755  C  CB  A ILE B 1 33 ? -6.109  5.634   8.734   0.70 13.21 ? 925  ILE B CB  1 
ATOM   756  C  CB  B ILE B 1 33 ? -6.277  5.675   8.775   0.30 13.30 ? 925  ILE B CB  1 
ATOM   757  C  CG1 A ILE B 1 33 ? -5.514  4.797   7.598   0.70 13.35 ? 925  ILE B CG1 1 
ATOM   758  C  CG1 B ILE B 1 33 ? -6.436  4.633   7.656   0.30 13.39 ? 925  ILE B CG1 1 
ATOM   759  C  CG2 A ILE B 1 33 ? -5.592  7.060   8.588   0.70 12.88 ? 925  ILE B CG2 1 
ATOM   760  C  CG2 B ILE B 1 33 ? -5.370  6.820   8.345   0.30 13.15 ? 925  ILE B CG2 1 
ATOM   761  C  CD1 A ILE B 1 33 ? -6.353  4.813   6.339   0.70 13.45 ? 925  ILE B CD1 1 
ATOM   762  C  CD1 B ILE B 1 33 ? -5.134  4.023   7.185   0.30 13.50 ? 925  ILE B CD1 1 
ATOM   763  N  N   . THR B 1 34 ? -5.190  6.697   11.776  1.00 13.59 ? 926  THR B N   1 
ATOM   764  C  CA  . THR B 1 34 ? -5.504  7.740   12.747  1.00 14.02 ? 926  THR B CA  1 
ATOM   765  C  C   . THR B 1 34 ? -5.696  9.040   11.983  1.00 13.46 ? 926  THR B C   1 
ATOM   766  O  O   . THR B 1 34 ? -4.826  9.434   11.214  1.00 13.35 ? 926  THR B O   1 
ATOM   767  C  CB  . THR B 1 34 ? -4.382  7.871   13.779  1.00 14.73 ? 926  THR B CB  1 
ATOM   768  O  OG1 . THR B 1 34 ? -4.255  6.614   14.447  1.00 16.09 ? 926  THR B OG1 1 
ATOM   769  C  CG2 . THR B 1 34 ? -4.695  8.976   14.788  1.00 15.50 ? 926  THR B CG2 1 
ATOM   770  N  N   . VAL B 1 35 ? -6.846  9.682   12.182  1.00 13.49 ? 927  VAL B N   1 
ATOM   771  C  CA  . VAL B 1 35 ? -7.201  10.875  11.411  1.00 13.83 ? 927  VAL B CA  1 
ATOM   772  C  C   . VAL B 1 35 ? -6.885  12.123  12.233  1.00 13.70 ? 927  VAL B C   1 
ATOM   773  O  O   . VAL B 1 35 ? -7.419  12.310  13.325  1.00 14.52 ? 927  VAL B O   1 
ATOM   774  C  CB  . VAL B 1 35 ? -8.690  10.847  10.983  1.00 13.94 ? 927  VAL B CB  1 
ATOM   775  C  CG1 . VAL B 1 35 ? -9.076  12.114  10.213  1.00 14.00 ? 927  VAL B CG1 1 
ATOM   776  C  CG2 . VAL B 1 35 ? -8.961  9.604   10.135  1.00 14.43 ? 927  VAL B CG2 1 
ATOM   777  N  N   . LEU B 1 36 ? -6.028  12.976  11.683  1.00 14.14 ? 928  LEU B N   1 
ATOM   778  C  CA  . LEU B 1 36 ? -5.612  14.208  12.351  1.00 14.53 ? 928  LEU B CA  1 
ATOM   779  C  C   . LEU B 1 36 ? -6.428  15.404  11.905  1.00 14.87 ? 928  LEU B C   1 
ATOM   780  O  O   . LEU B 1 36 ? -6.751  16.264  12.719  1.00 15.14 ? 928  LEU B O   1 
ATOM   781  C  CB  . LEU B 1 36 ? -4.118  14.471  12.122  1.00 14.76 ? 928  LEU B CB  1 
ATOM   782  C  CG  . LEU B 1 36 ? -3.137  13.565  12.885  1.00 14.96 ? 928  LEU B CG  1 
ATOM   783  C  CD1 . LEU B 1 36 ? -1.763  13.641  12.240  1.00 15.04 ? 928  LEU B CD1 1 
ATOM   784  C  CD2 . LEU B 1 36 ? -3.057  13.933  14.364  1.00 15.52 ? 928  LEU B CD2 1 
ATOM   785  N  N   . GLU B 1 37 ? -6.749  15.472  10.616  1.00 15.28 ? 929  GLU B N   1 
ATOM   786  C  CA  . GLU B 1 37 ? -7.569  16.572  10.103  1.00 16.02 ? 929  GLU B CA  1 
ATOM   787  C  C   . GLU B 1 37 ? -8.526  16.129  9.010   1.00 16.28 ? 929  GLU B C   1 
ATOM   788  O  O   . GLU B 1 37 ? -8.208  15.247  8.214   1.00 16.24 ? 929  GLU B O   1 
ATOM   789  C  CB  . GLU B 1 37 ? -6.685  17.693  9.562   1.00 17.01 ? 929  GLU B CB  1 
ATOM   790  C  CG  . GLU B 1 37 ? -7.457  18.950  9.174   1.00 18.69 ? 929  GLU B CG  1 
ATOM   791  C  CD  . GLU B 1 37 ? -6.672  20.208  9.461   1.00 20.21 ? 929  GLU B CD  1 
ATOM   792  O  OE1 . GLU B 1 37 ? -6.364  20.446  10.650  1.00 21.49 ? 929  GLU B OE1 1 
ATOM   793  O  OE2 . GLU B 1 37 ? -6.375  20.951  8.507   1.00 21.64 ? 929  GLU B OE2 1 
ATOM   794  N  N   . GLN B 1 38 ? -9.695  16.763  8.981   1.00 16.53 ? 930  GLN B N   1 
ATOM   795  C  CA  . GLN B 1 38 ? -10.658 16.566  7.909   1.00 18.47 ? 930  GLN B CA  1 
ATOM   796  C  C   . GLN B 1 38 ? -10.815 17.866  7.144   1.00 18.21 ? 930  GLN B C   1 
ATOM   797  O  O   . GLN B 1 38 ? -11.218 18.898  7.712   1.00 18.48 ? 930  GLN B O   1 
ATOM   798  C  CB  . GLN B 1 38 ? -12.001 16.105  8.468   1.00 20.19 ? 930  GLN B CB  1 
ATOM   799  C  CG  . GLN B 1 38 ? -11.907 14.845  9.308   1.00 22.46 ? 930  GLN B CG  1 
ATOM   800  C  CD  . GLN B 1 38 ? -13.229 14.488  9.963   1.00 25.24 ? 930  GLN B CD  1 
ATOM   801  O  OE1 . GLN B 1 38 ? -13.273 14.172  11.149  1.00 28.14 ? 930  GLN B OE1 1 
ATOM   802  N  NE2 . GLN B 1 38 ? -14.315 14.555  9.195   1.00 24.73 ? 930  GLN B NE2 1 
ATOM   803  N  N   . GLN B 1 39 ? -10.472 17.815  5.864   1.00 17.93 ? 931  GLN B N   1 
ATOM   804  C  CA  A GLN B 1 39 ? -10.599 18.971  4.982   0.70 18.32 ? 931  GLN B CA  1 
ATOM   805  C  CA  B GLN B 1 39 ? -10.606 18.972  4.984   0.30 17.96 ? 931  GLN B CA  1 
ATOM   806  C  C   . GLN B 1 39 ? -11.517 18.627  3.818   1.00 17.66 ? 931  GLN B C   1 
ATOM   807  O  O   . GLN B 1 39 ? -11.057 18.364  2.694   1.00 17.31 ? 931  GLN B O   1 
ATOM   808  C  CB  A GLN B 1 39 ? -9.220  19.420  4.485   0.70 19.45 ? 931  GLN B CB  1 
ATOM   809  C  CB  B GLN B 1 39 ? -9.239  19.458  4.495   0.30 18.41 ? 931  GLN B CB  1 
ATOM   810  C  CG  A GLN B 1 39 ? -9.233  20.685  3.644   0.70 20.68 ? 931  GLN B CG  1 
ATOM   811  C  CG  B GLN B 1 39 ? -8.439  20.197  5.553   0.30 18.94 ? 931  GLN B CG  1 
ATOM   812  C  CD  A GLN B 1 39 ? -7.847  21.074  3.170   0.70 21.63 ? 931  GLN B CD  1 
ATOM   813  C  CD  B GLN B 1 39 ? -7.349  21.062  4.962   0.30 19.19 ? 931  GLN B CD  1 
ATOM   814  O  OE1 A GLN B 1 39 ? -7.020  21.534  3.956   0.70 22.93 ? 931  GLN B OE1 1 
ATOM   815  O  OE1 B GLN B 1 39 ? -6.898  20.836  3.838   0.30 19.69 ? 931  GLN B OE1 1 
ATOM   816  N  NE2 A GLN B 1 39 ? -7.591  20.898  1.878   0.70 22.37 ? 931  GLN B NE2 1 
ATOM   817  N  NE2 B GLN B 1 39 ? -6.918  22.066  5.720   0.30 19.48 ? 931  GLN B NE2 1 
ATOM   818  N  N   . GLU B 1 40 ? -12.820 18.627  4.102   1.00 17.10 ? 932  GLU B N   1 
ATOM   819  C  CA  . GLU B 1 40 ? -13.836 18.300  3.117   1.00 17.01 ? 932  GLU B CA  1 
ATOM   820  C  C   . GLU B 1 40 ? -13.592 16.891  2.569   1.00 15.80 ? 932  GLU B C   1 
ATOM   821  O  O   . GLU B 1 40 ? -13.785 15.916  3.289   1.00 16.64 ? 932  GLU B O   1 
ATOM   822  C  CB  . GLU B 1 40 ? -13.906 19.364  2.011   1.00 18.32 ? 932  GLU B CB  1 
ATOM   823  C  CG  . GLU B 1 40 ? -14.385 20.716  2.521   1.00 21.27 ? 932  GLU B CG  1 
ATOM   824  C  CD  . GLU B 1 40 ? -14.285 21.826  1.489   1.00 23.48 ? 932  GLU B CD  1 
ATOM   825  O  OE1 . GLU B 1 40 ? -14.236 21.539  0.266   1.00 24.57 ? 932  GLU B OE1 1 
ATOM   826  O  OE2 . GLU B 1 40 ? -14.236 23.001  1.911   1.00 26.30 ? 932  GLU B OE2 1 
ATOM   827  N  N   . ASN B 1 41 ? -13.160 16.776  1.323   1.00 14.94 ? 933  ASN B N   1 
ATOM   828  C  CA  . ASN B 1 41 ? -13.051 15.454  0.706   1.00 14.55 ? 933  ASN B CA  1 
ATOM   829  C  C   . ASN B 1 41 ? -11.718 14.775  0.921   1.00 14.05 ? 933  ASN B C   1 
ATOM   830  O  O   . ASN B 1 41 ? -11.560 13.591  0.614   1.00 13.57 ? 933  ASN B O   1 
ATOM   831  C  CB  . ASN B 1 41 ? -13.424 15.538  -0.771  1.00 14.85 ? 933  ASN B CB  1 
ATOM   832  C  CG  . ASN B 1 41 ? -14.857 15.971  -0.941  1.00 15.09 ? 933  ASN B CG  1 
ATOM   833  O  OD1 . ASN B 1 41 ? -15.760 15.351  -0.364  1.00 14.76 ? 933  ASN B OD1 1 
ATOM   834  N  ND2 . ASN B 1 41 ? -15.073 17.075  -1.648  1.00 15.10 ? 933  ASN B ND2 1 
ATOM   835  N  N   . TRP B 1 42 ? -10.764 15.534  1.450   1.00 13.85 ? 934  TRP B N   1 
ATOM   836  C  CA  . TRP B 1 42 ? -9.436  15.006  1.738   1.00 14.62 ? 934  TRP B CA  1 
ATOM   837  C  C   . TRP B 1 42 ? -9.185  15.028  3.239   1.00 13.92 ? 934  TRP B C   1 
ATOM   838  O  O   . TRP B 1 42 ? -9.475  16.017  3.918   1.00 14.12 ? 934  TRP B O   1 
ATOM   839  C  CB  . TRP B 1 42 ? -8.368  15.842  1.038   1.00 16.00 ? 934  TRP B CB  1 
ATOM   840  C  CG  . TRP B 1 42 ? -8.280  15.622  -0.434  1.00 17.30 ? 934  TRP B CG  1 
ATOM   841  C  CD1 . TRP B 1 42 ? -8.939  16.320  -1.408  1.00 18.32 ? 934  TRP B CD1 1 
ATOM   842  C  CD2 . TRP B 1 42 ? -7.462  14.657  -1.109  1.00 17.83 ? 934  TRP B CD2 1 
ATOM   843  N  NE1 . TRP B 1 42 ? -8.582  15.842  -2.654  1.00 19.31 ? 934  TRP B NE1 1 
ATOM   844  C  CE2 . TRP B 1 42 ? -7.682  14.820  -2.498  1.00 18.67 ? 934  TRP B CE2 1 
ATOM   845  C  CE3 . TRP B 1 42 ? -6.556  13.678  -0.678  1.00 17.72 ? 934  TRP B CE3 1 
ATOM   846  C  CZ2 . TRP B 1 42 ? -7.037  14.028  -3.459  1.00 19.07 ? 934  TRP B CZ2 1 
ATOM   847  C  CZ3 . TRP B 1 42 ? -5.914  12.885  -1.637  1.00 18.27 ? 934  TRP B CZ3 1 
ATOM   848  C  CH2 . TRP B 1 42 ? -6.158  13.072  -3.012  1.00 18.80 ? 934  TRP B CH2 1 
ATOM   849  N  N   . TRP B 1 43 ? -8.649  13.925  3.755   1.00 13.26 ? 935  TRP B N   1 
ATOM   850  C  CA  . TRP B 1 43 ? -8.291  13.841  5.170   1.00 12.63 ? 935  TRP B CA  1 
ATOM   851  C  C   . TRP B 1 43 ? -6.772  13.696  5.315   1.00 12.18 ? 935  TRP B C   1 
ATOM   852  O  O   . TRP B 1 43 ? -6.096  13.190  4.412   1.00 11.40 ? 935  TRP B O   1 
ATOM   853  C  CB  . TRP B 1 43 ? -8.991  12.655  5.819   1.00 12.61 ? 935  TRP B CB  1 
ATOM   854  C  CG  . TRP B 1 43 ? -10.486 12.840  6.050   1.00 12.77 ? 935  TRP B CG  1 
ATOM   855  C  CD1 . TRP B 1 43 ? -11.270 13.892  5.657   1.00 12.71 ? 935  TRP B CD1 1 
ATOM   856  C  CD2 . TRP B 1 43 ? -11.357 11.906  6.693   1.00 12.81 ? 935  TRP B CD2 1 
ATOM   857  N  NE1 . TRP B 1 43 ? -12.582 13.673  6.034   1.00 13.09 ? 935  TRP B NE1 1 
ATOM   858  C  CE2 . TRP B 1 43 ? -12.662 12.458  6.667   1.00 12.96 ? 935  TRP B CE2 1 
ATOM   859  C  CE3 . TRP B 1 43 ? -11.164 10.651  7.289   1.00 13.38 ? 935  TRP B CE3 1 
ATOM   860  C  CZ2 . TRP B 1 43 ? -13.764 11.803  7.232   1.00 13.55 ? 935  TRP B CZ2 1 
ATOM   861  C  CZ3 . TRP B 1 43 ? -12.263 9.993   7.849   1.00 13.32 ? 935  TRP B CZ3 1 
ATOM   862  C  CH2 . TRP B 1 43 ? -13.548 10.572  7.814   1.00 13.16 ? 935  TRP B CH2 1 
ATOM   863  N  N   . PHE B 1 44 ? -6.252  14.174  6.445   1.00 12.02 ? 936  PHE B N   1 
ATOM   864  C  CA  . PHE B 1 44 ? -4.843  14.011  6.778   1.00 12.05 ? 936  PHE B CA  1 
ATOM   865  C  C   . PHE B 1 44 ? -4.748  13.064  7.964   1.00 12.33 ? 936  PHE B C   1 
ATOM   866  O  O   . PHE B 1 44 ? -5.471  13.222  8.945   1.00 12.69 ? 936  PHE B O   1 
ATOM   867  C  CB  . PHE B 1 44 ? -4.215  15.365  7.117   1.00 12.31 ? 936  PHE B CB  1 
ATOM   868  C  CG  . PHE B 1 44 ? -2.720  15.303  7.284   1.00 12.30 ? 936  PHE B CG  1 
ATOM   869  C  CD1 . PHE B 1 44 ? -1.895  15.229  6.164   1.00 12.58 ? 936  PHE B CD1 1 
ATOM   870  C  CD2 . PHE B 1 44 ? -2.140  15.302  8.560   1.00 12.63 ? 936  PHE B CD2 1 
ATOM   871  C  CE1 . PHE B 1 44 ? -0.507  15.166  6.300   1.00 12.82 ? 936  PHE B CE1 1 
ATOM   872  C  CE2 . PHE B 1 44 ? -0.757  15.238  8.704   1.00 12.23 ? 936  PHE B CE2 1 
ATOM   873  C  CZ  . PHE B 1 44 ? 0.055   15.165  7.577   1.00 12.58 ? 936  PHE B CZ  1 
ATOM   874  N  N   . GLY B 1 45 ? -3.873  12.064  7.862   1.00 12.46 ? 937  GLY B N   1 
ATOM   875  C  CA  . GLY B 1 45 ? -3.766  11.053  8.898   1.00 12.85 ? 937  GLY B CA  1 
ATOM   876  C  C   . GLY B 1 45 ? -2.456  10.305  8.918   1.00 13.11 ? 937  GLY B C   1 
ATOM   877  O  O   . GLY B 1 45 ? -1.509  10.640  8.193   1.00 12.56 ? 937  GLY B O   1 
ATOM   878  N  N   . GLU B 1 46 ? -2.422  9.259   9.737   1.00 13.56 ? 938  GLU B N   1 
ATOM   879  C  CA  . GLU B 1 46 ? -1.200  8.512   9.975   1.00 14.70 ? 938  GLU B CA  1 
ATOM   880  C  C   . GLU B 1 46 ? -1.515  7.023   10.041  1.00 14.27 ? 938  GLU B C   1 
ATOM   881  O  O   . GLU B 1 46 ? -2.545  6.615   10.593  1.00 13.40 ? 938  GLU B O   1 
ATOM   882  C  CB  . GLU B 1 46 ? -0.570  8.994   11.294  1.00 17.15 ? 938  GLU B CB  1 
ATOM   883  C  CG  . GLU B 1 46 ? 0.700   8.283   11.726  1.00 20.72 ? 938  GLU B CG  1 
ATOM   884  C  CD  . GLU B 1 46 ? 1.207   8.763   13.077  1.00 24.12 ? 938  GLU B CD  1 
ATOM   885  O  OE1 . GLU B 1 46 ? 1.039   9.966   13.387  1.00 24.42 ? 938  GLU B OE1 1 
ATOM   886  O  OE2 . GLU B 1 46 ? 1.770   7.931   13.827  1.00 26.10 ? 938  GLU B OE2 1 
ATOM   887  N  N   . VAL B 1 47 ? -0.625  6.223   9.456   1.00 14.79 ? 939  VAL B N   1 
ATOM   888  C  CA  . VAL B 1 47 ? -0.709  4.770   9.568   1.00 15.11 ? 939  VAL B CA  1 
ATOM   889  C  C   . VAL B 1 47 ? 0.691   4.203   9.380   1.00 15.78 ? 939  VAL B C   1 
ATOM   890  O  O   . VAL B 1 47 ? 1.458   4.706   8.559   1.00 15.37 ? 939  VAL B O   1 
ATOM   891  C  CB  . VAL B 1 47 ? -1.711  4.152   8.554   1.00 15.25 ? 939  VAL B CB  1 
ATOM   892  C  CG1 . VAL B 1 47 ? -1.198  4.242   7.109   1.00 15.11 ? 939  VAL B CG1 1 
ATOM   893  C  CG2 . VAL B 1 47 ? -2.041  2.711   8.951   1.00 16.18 ? 939  VAL B CG2 1 
ATOM   894  N  N   . HIS B 1 48 ? 1.024   3.164   10.146  1.00 17.01 ? 940  HIS B N   1 
ATOM   895  C  CA  . HIS B 1 48 ? 2.327   2.493   10.029  1.00 18.81 ? 940  HIS B CA  1 
ATOM   896  C  C   . HIS B 1 48 ? 3.490   3.488   10.189  1.00 19.96 ? 940  HIS B C   1 
ATOM   897  O  O   . HIS B 1 48 ? 4.559   3.316   9.592   1.00 20.48 ? 940  HIS B O   1 
ATOM   898  C  CB  . HIS B 1 48 ? 2.464   1.730   8.692   1.00 20.21 ? 940  HIS B CB  1 
ATOM   899  C  CG  . HIS B 1 48 ? 1.315   0.820   8.370   1.00 20.40 ? 940  HIS B CG  1 
ATOM   900  N  ND1 . HIS B 1 48 ? 0.896   -0.187  9.210   1.00 21.41 ? 940  HIS B ND1 1 
ATOM   901  C  CD2 . HIS B 1 48 ? 0.522   0.748   7.273   1.00 21.05 ? 940  HIS B CD2 1 
ATOM   902  C  CE1 . HIS B 1 48 ? -0.121  -0.828  8.656   1.00 20.90 ? 940  HIS B CE1 1 
ATOM   903  N  NE2 . HIS B 1 48 ? -0.363  -0.282  7.477   1.00 21.38 ? 940  HIS B NE2 1 
ATOM   904  N  N   . GLY B 1 49 ? 3.252   4.535   10.973  1.00 19.82 ? 941  GLY B N   1 
ATOM   905  C  CA  . GLY B 1 49 ? 4.258   5.551   11.262  1.00 20.80 ? 941  GLY B CA  1 
ATOM   906  C  C   . GLY B 1 49 ? 4.421   6.618   10.189  1.00 21.13 ? 941  GLY B C   1 
ATOM   907  O  O   . GLY B 1 49 ? 5.190   7.560   10.373  1.00 24.16 ? 941  GLY B O   1 
ATOM   908  N  N   . GLY B 1 50 ? 3.708   6.469   9.075   1.00 19.23 ? 942  GLY B N   1 
ATOM   909  C  CA  . GLY B 1 50 ? 3.784   7.414   7.960   1.00 18.35 ? 942  GLY B CA  1 
ATOM   910  C  C   . GLY B 1 50 ? 2.609   8.363   8.030   1.00 16.92 ? 942  GLY B C   1 
ATOM   911  O  O   . GLY B 1 50 ? 1.577   8.005   8.562   1.00 15.82 ? 942  GLY B O   1 
ATOM   912  N  N   . ARG B 1 51 ? 2.787   9.575   7.508   1.00 17.36 ? 943  ARG B N   1 
ATOM   913  C  CA  . ARG B 1 51 ? 1.736   10.604  7.496   1.00 17.02 ? 943  ARG B CA  1 
ATOM   914  C  C   . ARG B 1 51 ? 1.388   10.988  6.061   1.00 15.90 ? 943  ARG B C   1 
ATOM   915  O  O   . ARG B 1 51 ? 2.194   10.802  5.143   1.00 17.09 ? 943  ARG B O   1 
ATOM   916  C  CB  . ARG B 1 51 ? 2.231   11.857  8.208   1.00 19.54 ? 943  ARG B CB  1 
ATOM   917  C  CG  . ARG B 1 51 ? 2.441   11.685  9.698   1.00 21.05 ? 943  ARG B CG  1 
ATOM   918  C  CD  . ARG B 1 51 ? 1.270   12.242  10.470  1.00 22.91 ? 943  ARG B CD  1 
ATOM   919  N  NE  . ARG B 1 51 ? 1.520   12.186  11.903  1.00 23.79 ? 943  ARG B NE  1 
ATOM   920  C  CZ  . ARG B 1 51 ? 2.300   13.029  12.569  1.00 24.81 ? 943  ARG B CZ  1 
ATOM   921  N  NH1 . ARG B 1 51 ? 2.939   14.016  11.943  1.00 24.04 ? 943  ARG B NH1 1 
ATOM   922  N  NH2 . ARG B 1 51 ? 2.443   12.873  13.870  1.00 24.79 ? 943  ARG B NH2 1 
ATOM   923  N  N   . GLY B 1 52 ? 0.187   11.525  5.867   1.00 14.50 ? 944  GLY B N   1 
ATOM   924  C  CA  . GLY B 1 52 ? -0.190  12.034  4.562   1.00 13.19 ? 944  GLY B CA  1 
ATOM   925  C  C   . GLY B 1 52 ? -1.675  12.210  4.356   1.00 12.66 ? 944  GLY B C   1 
ATOM   926  O  O   . GLY B 1 52 ? -2.496  11.854  5.212   1.00 12.08 ? 944  GLY B O   1 
ATOM   927  N  N   . TRP B 1 53 ? -1.997  12.757  3.192   1.00 12.71 ? 945  TRP B N   1 
ATOM   928  C  CA  . TRP B 1 53 ? -3.377  13.012  2.787   1.00 12.92 ? 945  TRP B CA  1 
ATOM   929  C  C   . TRP B 1 53 ? -3.958  11.824  2.030   1.00 12.75 ? 945  TRP B C   1 
ATOM   930  O  O   . TRP B 1 53 ? -3.230  11.057  1.410   1.00 13.85 ? 945  TRP B O   1 
ATOM   931  C  CB  . TRP B 1 53 ? -3.409  14.235  1.873   1.00 12.88 ? 945  TRP B CB  1 
ATOM   932  C  CG  . TRP B 1 53 ? -2.996  15.488  2.570   1.00 13.48 ? 945  TRP B CG  1 
ATOM   933  C  CD1 . TRP B 1 53 ? -1.730  16.018  2.643   1.00 13.21 ? 945  TRP B CD1 1 
ATOM   934  C  CD2 . TRP B 1 53 ? -3.848  16.374  3.304   1.00 13.50 ? 945  TRP B CD2 1 
ATOM   935  N  NE1 . TRP B 1 53 ? -1.751  17.185  3.375   1.00 13.03 ? 945  TRP B NE1 1 
ATOM   936  C  CE2 . TRP B 1 53 ? -3.036  17.428  3.789   1.00 13.53 ? 945  TRP B CE2 1 
ATOM   937  C  CE3 . TRP B 1 53 ? -5.223  16.386  3.592   1.00 14.19 ? 945  TRP B CE3 1 
ATOM   938  C  CZ2 . TRP B 1 53 ? -3.551  18.474  4.561   1.00 13.76 ? 945  TRP B CZ2 1 
ATOM   939  C  CZ3 . TRP B 1 53 ? -5.738  17.429  4.352   1.00 14.05 ? 945  TRP B CZ3 1 
ATOM   940  C  CH2 . TRP B 1 53 ? -4.899  18.467  4.826   1.00 13.99 ? 945  TRP B CH2 1 
ATOM   941  N  N   . PHE B 1 54 ? -5.282  11.689  2.067   1.00 12.25 ? 946  PHE B N   1 
ATOM   942  C  CA  . PHE B 1 54 ? -5.978  10.639  1.322   1.00 11.95 ? 946  PHE B CA  1 
ATOM   943  C  C   . PHE B 1 54 ? -7.438  11.037  1.166   1.00 11.93 ? 946  PHE B C   1 
ATOM   944  O  O   . PHE B 1 54 ? -7.945  11.843  1.942   1.00 11.99 ? 946  PHE B O   1 
ATOM   945  C  CB  . PHE B 1 54 ? -5.875  9.278   2.033   1.00 11.62 ? 946  PHE B CB  1 
ATOM   946  C  CG  . PHE B 1 54 ? -6.442  9.279   3.429   1.00 11.79 ? 946  PHE B CG  1 
ATOM   947  C  CD1 . PHE B 1 54 ? -7.768  8.905   3.661   1.00 11.60 ? 946  PHE B CD1 1 
ATOM   948  C  CD2 . PHE B 1 54 ? -5.659  9.688   4.512   1.00 11.57 ? 946  PHE B CD2 1 
ATOM   949  C  CE1 . PHE B 1 54 ? -8.296  8.910   4.950   1.00 12.10 ? 946  PHE B CE1 1 
ATOM   950  C  CE2 . PHE B 1 54 ? -6.184  9.708   5.800   1.00 11.97 ? 946  PHE B CE2 1 
ATOM   951  C  CZ  . PHE B 1 54 ? -7.503  9.314   6.027   1.00 11.95 ? 946  PHE B CZ  1 
ATOM   952  N  N   . PRO B 1 55 ? -8.120  10.474  0.156   1.00 11.98 ? 947  PRO B N   1 
ATOM   953  C  CA  . PRO B 1 55 ? -9.538  10.792  -0.032  1.00 12.25 ? 947  PRO B CA  1 
ATOM   954  C  C   . PRO B 1 55 ? -10.378 10.058  1.005   1.00 11.91 ? 947  PRO B C   1 
ATOM   955  O  O   . PRO B 1 55 ? -10.204 8.845   1.204   1.00 12.01 ? 947  PRO B O   1 
ATOM   956  C  CB  . PRO B 1 55 ? -9.843  10.275  -1.452  1.00 12.46 ? 947  PRO B CB  1 
ATOM   957  C  CG  . PRO B 1 55 ? -8.509  9.940   -2.068  1.00 12.78 ? 947  PRO B CG  1 
ATOM   958  C  CD  . PRO B 1 55 ? -7.592  9.624   -0.923  1.00 12.51 ? 947  PRO B CD  1 
ATOM   959  N  N   . LYS B 1 56 ? -11.273 10.786  1.667   1.00 12.05 ? 948  LYS B N   1 
ATOM   960  C  CA  . LYS B 1 56 ? -12.070 10.207  2.755   1.00 12.33 ? 948  LYS B CA  1 
ATOM   961  C  C   . LYS B 1 56 ? -12.965 9.050   2.289   1.00 11.95 ? 948  LYS B C   1 
ATOM   962  O  O   . LYS B 1 56 ? -13.336 8.194   3.091   1.00 12.51 ? 948  LYS B O   1 
ATOM   963  C  CB  . LYS B 1 56 ? -12.895 11.277  3.480   1.00 12.61 ? 948  LYS B CB  1 
ATOM   964  C  CG  . LYS B 1 56 ? -14.082 11.840  2.699   1.00 13.06 ? 948  LYS B CG  1 
ATOM   965  C  CD  . LYS B 1 56 ? -14.917 12.737  3.605   1.00 13.63 ? 948  LYS B CD  1 
ATOM   966  C  CE  . LYS B 1 56 ? -16.142 13.306  2.900   1.00 13.85 ? 948  LYS B CE  1 
ATOM   967  N  NZ  . LYS B 1 56 ? -17.110 12.203  2.581   1.00 14.61 ? 948  LYS B NZ  1 
ATOM   968  N  N   . SER B 1 57 ? -13.294 9.021   0.999   1.00 12.40 ? 949  SER B N   1 
ATOM   969  C  CA  . SER B 1 57 ? -14.140 7.943   0.461   1.00 12.78 ? 949  SER B CA  1 
ATOM   970  C  C   . SER B 1 57 ? -13.548 6.556   0.693   1.00 12.95 ? 949  SER B C   1 
ATOM   971  O  O   . SER B 1 57 ? -14.279 5.557   0.754   1.00 13.42 ? 949  SER B O   1 
ATOM   972  C  CB  . SER B 1 57 ? -14.422 8.152   -1.033  1.00 13.07 ? 949  SER B CB  1 
ATOM   973  O  OG  . SER B 1 57 ? -13.240 8.086   -1.810  1.00 14.12 ? 949  SER B OG  1 
ATOM   974  N  N   . TYR B 1 58 ? -12.230 6.495   0.849   1.00 12.58 ? 950  TYR B N   1 
ATOM   975  C  CA  . TYR B 1 58 ? -11.523 5.218   1.012   1.00 12.91 ? 950  TYR B CA  1 
ATOM   976  C  C   . TYR B 1 58 ? -11.611 4.617   2.421   1.00 12.82 ? 950  TYR B C   1 
ATOM   977  O  O   . TYR B 1 58 ? -11.190 3.479   2.637   1.00 12.49 ? 950  TYR B O   1 
ATOM   978  C  CB  . TYR B 1 58 ? -10.049 5.374   0.577   1.00 13.40 ? 950  TYR B CB  1 
ATOM   979  C  CG  . TYR B 1 58 ? -9.906  5.379   -0.914  1.00 14.58 ? 950  TYR B CG  1 
ATOM   980  C  CD1 . TYR B 1 58 ? -9.667  4.195   -1.615  1.00 14.93 ? 950  TYR B CD1 1 
ATOM   981  C  CD2 . TYR B 1 58 ? -10.057 6.553   -1.642  1.00 15.31 ? 950  TYR B CD2 1 
ATOM   982  C  CE1 . TYR B 1 58 ? -9.572  4.192   -2.994  1.00 16.09 ? 950  TYR B CE1 1 
ATOM   983  C  CE2 . TYR B 1 58 ? -9.969  6.556   -3.017  1.00 16.08 ? 950  TYR B CE2 1 
ATOM   984  C  CZ  . TYR B 1 58 ? -9.728  5.370   -3.683  1.00 16.43 ? 950  TYR B CZ  1 
ATOM   985  O  OH  . TYR B 1 58 ? -9.638  5.372   -5.040  1.00 17.79 ? 950  TYR B OH  1 
ATOM   986  N  N   . VAL B 1 59 ? -12.152 5.368   3.379   1.00 12.82 ? 951  VAL B N   1 
ATOM   987  C  CA  . VAL B 1 59 ? -12.175 4.898   4.770   1.00 13.68 ? 951  VAL B CA  1 
ATOM   988  C  C   . VAL B 1 59 ? -13.549 5.017   5.408   1.00 14.56 ? 951  VAL B C   1 
ATOM   989  O  O   . VAL B 1 59 ? -14.405 5.740   4.909   1.00 14.71 ? 951  VAL B O   1 
ATOM   990  C  CB  . VAL B 1 59 ? -11.140 5.641   5.656   1.00 13.35 ? 951  VAL B CB  1 
ATOM   991  C  CG1 . VAL B 1 59 ? -9.744  5.566   5.042   1.00 13.40 ? 951  VAL B CG1 1 
ATOM   992  C  CG2 . VAL B 1 59 ? -11.562 7.091   5.901   1.00 14.33 ? 951  VAL B CG2 1 
ATOM   993  N  N   . LYS B 1 60 ? -13.750 4.296   6.509   1.00 15.63 ? 952  LYS B N   1 
ATOM   994  C  CA  . LYS B 1 60 ? -14.956 4.442   7.323   1.00 17.86 ? 952  LYS B CA  1 
ATOM   995  C  C   . LYS B 1 60 ? -14.565 4.645   8.774   1.00 17.71 ? 952  LYS B C   1 
ATOM   996  O  O   . LYS B 1 60 ? -13.744 3.891   9.311   1.00 17.51 ? 952  LYS B O   1 
ATOM   997  C  CB  . LYS B 1 60 ? -15.857 3.216   7.158   1.00 19.55 ? 952  LYS B CB  1 
ATOM   998  C  CG  . LYS B 1 60 ? -17.093 3.190   8.054   1.00 21.51 ? 952  LYS B CG  1 
ATOM   999  C  CD  . LYS B 1 60 ? -17.783 1.828   7.990   1.00 23.76 ? 952  LYS B CD  1 
ATOM   1000 C  CE  . LYS B 1 60 ? -16.799 0.694   8.251   1.00 24.66 ? 952  LYS B CE  1 
ATOM   1001 N  N   . ILE B 1 61 ? -15.139 5.668   9.408   1.00 18.63 ? 953  ILE B N   1 
ATOM   1002 C  CA  A ILE B 1 61 ? -14.885 5.932   10.824  0.70 19.44 ? 953  ILE B CA  1 
ATOM   1003 C  CA  B ILE B 1 61 ? -14.874 5.932   10.824  0.30 19.46 ? 953  ILE B CA  1 
ATOM   1004 C  C   . ILE B 1 61 ? -15.256 4.725   11.685  1.00 20.34 ? 953  ILE B C   1 
ATOM   1005 O  O   . ILE B 1 61 ? -16.312 4.117   11.490  1.00 20.09 ? 953  ILE B O   1 
ATOM   1006 C  CB  A ILE B 1 61 ? -15.637 7.197   11.318  0.70 19.36 ? 953  ILE B CB  1 
ATOM   1007 C  CB  B ILE B 1 61 ? -15.613 7.192   11.342  0.30 19.34 ? 953  ILE B CB  1 
ATOM   1008 C  CG1 A ILE B 1 61 ? -14.990 8.477   10.763  0.70 19.88 ? 953  ILE B CG1 1 
ATOM   1009 C  CG1 B ILE B 1 61 ? -15.402 8.378   10.407  0.30 19.55 ? 953  ILE B CG1 1 
ATOM   1010 C  CG2 A ILE B 1 61 ? -15.710 7.238   12.847  0.70 19.88 ? 953  ILE B CG2 1 
ATOM   1011 C  CG2 B ILE B 1 61 ? -15.121 7.577   12.731  0.30 19.53 ? 953  ILE B CG2 1 
ATOM   1012 C  CD1 A ILE B 1 61 ? -13.538 8.698   11.134  0.70 20.51 ? 953  ILE B CD1 1 
ATOM   1013 C  CD1 B ILE B 1 61 ? -16.234 9.587   10.775  0.30 19.28 ? 953  ILE B CD1 1 
ATOM   1014 N  N   . ILE B 1 62 ? -14.368 4.382   12.617  1.00 21.81 ? 954  ILE B N   1 
ATOM   1015 C  CA  A ILE B 1 62 ? -14.620 3.352   13.625  0.70 23.73 ? 954  ILE B CA  1 
ATOM   1016 C  CA  B ILE B 1 62 ? -14.646 3.355   13.612  0.30 24.09 ? 954  ILE B CA  1 
ATOM   1017 C  C   . ILE B 1 62 ? -15.134 4.041   14.890  1.00 25.97 ? 954  ILE B C   1 
ATOM   1018 O  O   . ILE B 1 62 ? -14.396 4.805   15.513  1.00 27.35 ? 954  ILE B O   1 
ATOM   1019 C  CB  A ILE B 1 62 ? -13.333 2.574   14.000  0.70 23.41 ? 954  ILE B CB  1 
ATOM   1020 C  CB  B ILE B 1 62 ? -13.412 2.463   13.890  0.30 23.94 ? 954  ILE B CB  1 
ATOM   1021 C  CG1 A ILE B 1 62 ? -12.592 2.075   12.757  0.70 23.29 ? 954  ILE B CG1 1 
ATOM   1022 C  CG1 B ILE B 1 62 ? -12.986 1.727   12.618  0.30 23.96 ? 954  ILE B CG1 1 
ATOM   1023 C  CG2 A ILE B 1 62 ? -13.661 1.424   14.957  0.70 23.43 ? 954  ILE B CG2 1 
ATOM   1024 C  CG2 B ILE B 1 62 ? -13.704 1.458   15.000  0.30 23.98 ? 954  ILE B CG2 1 
ATOM   1025 C  CD1 A ILE B 1 62 ? -11.173 1.611   13.029  0.70 22.39 ? 954  ILE B CD1 1 
ATOM   1026 C  CD1 B ILE B 1 62 ? -14.118 0.995   11.929  0.30 23.79 ? 954  ILE B CD1 1 
ATOM   1027 N  N   . PRO B 1 63 ? -16.397 3.774   15.283  1.00 28.93 ? 955  PRO B N   1 
ATOM   1028 C  CA  . PRO B 1 63 ? -16.926 4.480   16.457  1.00 31.64 ? 955  PRO B CA  1 
ATOM   1029 C  C   . PRO B 1 63 ? -16.476 3.891   17.801  1.00 33.02 ? 955  PRO B C   1 
ATOM   1030 O  O   . PRO B 1 63 ? -15.689 2.939   17.836  1.00 34.12 ? 955  PRO B O   1 
ATOM   1031 C  CB  . PRO B 1 63 ? -18.442 4.350   16.280  1.00 31.99 ? 955  PRO B CB  1 
ATOM   1032 C  CG  . PRO B 1 63 ? -18.627 3.075   15.521  1.00 31.95 ? 955  PRO B CG  1 
ATOM   1033 C  CD  . PRO B 1 63 ? -17.401 2.877   14.673  1.00 30.10 ? 955  PRO B CD  1 
HETATM 1034 C  C   A ACE C 2 1  ? 3.843   18.831  14.541  0.50 12.81 ? 1    ACE C C   1 
HETATM 1035 C  C   B ACE C 2 1  ? 3.771   18.971  14.326  0.50 12.82 ? 1    ACE C C   1 
HETATM 1036 O  O   A ACE C 2 1  ? 4.230   19.182  15.635  0.50 11.93 ? 1    ACE C O   1 
HETATM 1037 O  O   B ACE C 2 1  ? 4.197   19.524  13.325  0.50 11.88 ? 1    ACE C O   1 
HETATM 1038 C  CH3 A ACE C 2 1  ? 4.688   19.063  13.315  0.50 12.30 ? 1    ACE C CH3 1 
HETATM 1039 C  CH3 B ACE C 2 1  ? 4.497   19.084  15.615  0.50 12.19 ? 1    ACE C CH3 1 
ATOM   1040 N  N   . TRP C 2 2  ? 2.663   18.220  14.374  1.00 13.22 ? 2    TRP C N   1 
ATOM   1041 C  CA  . TRP C 2 2  ? 2.169   17.684  13.108  1.00 14.02 ? 2    TRP C CA  1 
ATOM   1042 C  C   . TRP C 2 2  ? 1.684   18.772  12.153  1.00 14.97 ? 2    TRP C C   1 
ATOM   1043 O  O   . TRP C 2 2  ? 1.823   18.644  10.937  1.00 14.88 ? 2    TRP C O   1 
ATOM   1044 C  CB  . TRP C 2 2  ? 1.070   16.636  13.337  1.00 13.78 ? 2    TRP C CB  1 
ATOM   1045 C  CG  . TRP C 2 2  ? -0.241  17.148  13.870  1.00 13.56 ? 2    TRP C CG  1 
ATOM   1046 C  CD1 . TRP C 2 2  ? -0.582  17.323  15.186  1.00 13.79 ? 2    TRP C CD1 1 
ATOM   1047 C  CD2 . TRP C 2 2  ? -1.405  17.501  13.101  1.00 13.32 ? 2    TRP C CD2 1 
ATOM   1048 N  NE1 . TRP C 2 2  ? -1.887  17.778  15.279  1.00 13.89 ? 2    TRP C NE1 1 
ATOM   1049 C  CE2 . TRP C 2 2  ? -2.411  17.883  14.016  1.00 13.41 ? 2    TRP C CE2 1 
ATOM   1050 C  CE3 . TRP C 2 2  ? -1.690  17.532  11.726  1.00 13.26 ? 2    TRP C CE3 1 
ATOM   1051 C  CZ2 . TRP C 2 2  ? -3.684  18.309  13.602  1.00 13.46 ? 2    TRP C CZ2 1 
ATOM   1052 C  CZ3 . TRP C 2 2  ? -2.963  17.946  11.308  1.00 13.21 ? 2    TRP C CZ3 1 
ATOM   1053 C  CH2 . TRP C 2 2  ? -3.941  18.342  12.249  1.00 13.49 ? 2    TRP C CH2 1 
ATOM   1054 N  N   . ARG C 2 3  ? 1.125   19.845  12.708  1.00 16.17 ? 3    ARG C N   1 
ATOM   1055 C  CA  . ARG C 2 3  ? 0.641   20.967  11.900  1.00 16.88 ? 3    ARG C CA  1 
ATOM   1056 C  C   . ARG C 2 3  ? 1.788   21.799  11.318  1.00 17.31 ? 3    ARG C C   1 
ATOM   1057 O  O   . ARG C 2 3  ? 1.558   22.694  10.506  1.00 17.86 ? 3    ARG C O   1 
ATOM   1058 C  CB  . ARG C 2 3  ? -0.322  21.844  12.713  1.00 17.59 ? 3    ARG C CB  1 
ATOM   1059 C  CG  . ARG C 2 3  ? -1.539  21.082  13.219  1.00 18.66 ? 3    ARG C CG  1 
ATOM   1060 C  CD  . ARG C 2 3  ? -2.517  21.956  13.992  1.00 20.25 ? 3    ARG C CD  1 
ATOM   1061 N  NE  . ARG C 2 3  ? -3.151  22.967  13.150  1.00 21.45 ? 3    ARG C NE  1 
ATOM   1062 C  CZ  . ARG C 2 3  ? -4.170  22.733  12.331  1.00 22.41 ? 3    ARG C CZ  1 
ATOM   1063 N  NH1 . ARG C 2 3  ? -4.689  21.512  12.242  1.00 23.24 ? 3    ARG C NH1 1 
ATOM   1064 N  NH2 . ARG C 2 3  ? -4.681  23.725  11.610  1.00 23.29 ? 3    ARG C NH2 1 
ATOM   1065 N  N   . GLY C 2 4  ? 3.016   21.492  11.737  1.00 17.42 ? 4    GLY C N   1 
ATOM   1066 C  CA  . GLY C 2 4  ? 4.221   22.116  11.184  1.00 17.44 ? 4    GLY C CA  1 
ATOM   1067 C  C   . GLY C 2 4  ? 5.002   21.196  10.264  1.00 17.30 ? 4    GLY C C   1 
ATOM   1068 O  O   . GLY C 2 4  ? 6.122   21.520  9.825   1.00 17.85 ? 4    GLY C O   1 
ATOM   1069 N  N   . SER C 2 5  ? 4.439   20.033  9.955   1.00 16.40 ? 5    SER C N   1 
ATOM   1070 C  CA  . SER C 2 5  ? 5.115   19.137  9.025   1.00 16.32 ? 5    SER C CA  1 
ATOM   1071 C  C   . SER C 2 5  ? 4.868   19.626  7.596   1.00 16.56 ? 5    SER C C   1 
ATOM   1072 O  O   . SER C 2 5  ? 3.787   20.156  7.290   1.00 16.54 ? 5    SER C O   1 
ATOM   1073 C  CB  . SER C 2 5  ? 4.641   17.688  9.200   1.00 16.59 ? 5    SER C CB  1 
ATOM   1074 O  OG  . SER C 2 5  ? 3.273   17.543  8.844   1.00 16.54 ? 5    SER C OG  1 
ATOM   1075 N  N   . LEU C 2 6  ? 5.858   19.449  6.726   1.00 17.03 ? 6    LEU C N   1 
ATOM   1076 C  CA  A LEU C 2 6  ? 5.716   19.861  5.331   0.50 17.24 ? 6    LEU C CA  1 
ATOM   1077 C  CA  B LEU C 2 6  ? 5.725   19.848  5.327   0.50 17.18 ? 6    LEU C CA  1 
ATOM   1078 C  C   . LEU C 2 6  ? 4.597   19.081  4.645   1.00 17.07 ? 6    LEU C C   1 
ATOM   1079 O  O   . LEU C 2 6  ? 3.877   19.638  3.819   1.00 16.73 ? 6    LEU C O   1 
ATOM   1080 C  CB  A LEU C 2 6  ? 7.029   19.706  4.559   0.50 17.74 ? 6    LEU C CB  1 
ATOM   1081 C  CB  B LEU C 2 6  ? 7.037   19.630  4.578   0.50 17.53 ? 6    LEU C CB  1 
ATOM   1082 C  CG  A LEU C 2 6  ? 8.037   20.862  4.650   0.50 18.09 ? 6    LEU C CG  1 
ATOM   1083 C  CG  B LEU C 2 6  ? 8.175   20.571  4.975   0.50 17.70 ? 6    LEU C CG  1 
ATOM   1084 C  CD1 A LEU C 2 6  ? 8.559   21.030  6.069   0.50 18.09 ? 6    LEU C CD1 1 
ATOM   1085 C  CD1 B LEU C 2 6  ? 9.432   20.243  4.187   0.50 18.06 ? 6    LEU C CD1 1 
ATOM   1086 C  CD2 A LEU C 2 6  ? 9.188   20.661  3.671   0.50 18.57 ? 6    LEU C CD2 1 
ATOM   1087 C  CD2 B LEU C 2 6  ? 7.747   22.014  4.750   0.50 17.73 ? 6    LEU C CD2 1 
ATOM   1088 N  N   . SER C 2 7  ? 4.458   17.800  5.007   1.00 16.89 ? 7    SER C N   1 
ATOM   1089 C  CA  . SER C 2 7  ? 3.414   16.921  4.472   1.00 17.02 ? 7    SER C CA  1 
ATOM   1090 C  C   . SER C 2 7  ? 2.046   17.539  4.692   1.00 16.45 ? 7    SER C C   1 
ATOM   1091 O  O   . SER C 2 7  ? 1.238   17.622  3.759   1.00 16.51 ? 7    SER C O   1 
ATOM   1092 C  CB  . SER C 2 7  ? 3.461   15.549  5.149   1.00 17.68 ? 7    SER C CB  1 
ATOM   1093 O  OG  . SER C 2 7  ? 2.488   14.675  4.590   1.00 18.40 ? 7    SER C OG  1 
ATOM   1094 N  N   . TYR C 2 8  ? 1.797   17.995  5.923   1.00 15.67 ? 8    TYR C N   1 
ATOM   1095 C  CA  . TYR C 2 8  ? 0.528   18.639  6.237   1.00 15.60 ? 8    TYR C CA  1 
ATOM   1096 C  C   . TYR C 2 8  ? 0.389   20.004  5.538   1.00 16.16 ? 8    TYR C C   1 
ATOM   1097 O  O   . TYR C 2 8  ? -0.627  20.288  4.896   1.00 15.93 ? 8    TYR C O   1 
ATOM   1098 C  CB  . TYR C 2 8  ? 0.335   18.779  7.758   1.00 15.72 ? 8    TYR C CB  1 
ATOM   1099 C  CG  . TYR C 2 8  ? -0.853  19.656  8.078   1.00 15.71 ? 8    TYR C CG  1 
ATOM   1100 C  CD1 . TYR C 2 8  ? -2.149  19.171  7.939   1.00 15.49 ? 8    TYR C CD1 1 
ATOM   1101 C  CD2 . TYR C 2 8  ? -0.671  20.988  8.456   1.00 16.39 ? 8    TYR C CD2 1 
ATOM   1102 C  CE1 . TYR C 2 8  ? -3.243  19.977  8.201   1.00 16.68 ? 8    TYR C CE1 1 
ATOM   1103 C  CE2 . TYR C 2 8  ? -1.748  21.802  8.722   1.00 16.80 ? 8    TYR C CE2 1 
ATOM   1104 C  CZ  . TYR C 2 8  ? -3.034  21.296  8.589   1.00 16.74 ? 8    TYR C CZ  1 
ATOM   1105 O  OH  . TYR C 2 8  ? -4.107  22.111  8.842   1.00 17.66 ? 8    TYR C OH  1 
ATOM   1106 N  N   . LEU C 2 9  ? 1.409   20.851  5.670   1.00 16.12 ? 9    LEU C N   1 
ATOM   1107 C  CA  . LEU C 2 9  ? 1.322   22.232  5.191   1.00 17.11 ? 9    LEU C CA  1 
ATOM   1108 C  C   . LEU C 2 9  ? 1.117   22.320  3.676   1.00 18.11 ? 9    LEU C C   1 
ATOM   1109 O  O   . LEU C 2 9  ? 0.458   23.253  3.190   1.00 17.99 ? 9    LEU C O   1 
ATOM   1110 C  CB  . LEU C 2 9  ? 2.559   23.036  5.634   1.00 17.35 ? 9    LEU C CB  1 
ATOM   1111 C  CG  . LEU C 2 9  ? 2.694   23.280  7.144   1.00 17.58 ? 9    LEU C CG  1 
ATOM   1112 C  CD1 . LEU C 2 9  ? 4.145   23.597  7.498   1.00 18.16 ? 9    LEU C CD1 1 
ATOM   1113 C  CD2 . LEU C 2 9  ? 1.762   24.385  7.627   1.00 17.81 ? 9    LEU C CD2 1 
ATOM   1114 N  N   . LYS C 2 10 ? 1.659   21.342  2.949   1.00 18.85 ? 10   LYS C N   1 
ATOM   1115 C  CA  . LYS C 2 10 ? 1.583   21.307  1.477   1.00 20.18 ? 10   LYS C CA  1 
ATOM   1116 C  C   . LYS C 2 10 ? 0.140   21.114  0.989   1.00 20.22 ? 10   LYS C C   1 
ATOM   1117 O  O   . LYS C 2 10 ? -0.215  21.557  -0.109  1.00 19.39 ? 10   LYS C O   1 
ATOM   1118 C  CB  . LYS C 2 10 ? 2.492   20.205  0.922   1.00 22.43 ? 10   LYS C CB  1 
ATOM   1119 C  CG  . LYS C 2 10 ? 2.656   20.222  -0.596  1.00 25.90 ? 10   LYS C CG  1 
ATOM   1120 C  CD  . LYS C 2 10 ? 3.546   19.090  -1.090  1.00 28.65 ? 10   LYS C CD  1 
ATOM   1121 C  CE  . LYS C 2 10 ? 3.406   18.918  -2.597  1.00 30.51 ? 10   LYS C CE  1 
ATOM   1122 N  NZ  . LYS C 2 10 ? 4.531   18.129  -3.183  1.00 32.72 ? 10   LYS C NZ  1 
ATOM   1123 N  N   . GLY C 2 11 ? -0.682  20.460  1.813   1.00 19.56 ? 11   GLY C N   1 
ATOM   1124 C  CA  . GLY C 2 11 ? -2.080  20.181  1.470   1.00 20.23 ? 11   GLY C CA  1 
ATOM   1125 C  C   . GLY C 2 11 ? -2.206  19.054  0.450   1.00 20.49 ? 11   GLY C C   1 
ATOM   1126 O  O   . GLY C 2 11 ? -1.201  18.582  -0.089  1.00 19.00 ? 11   GLY C O   1 
ATOM   1127 N  N   . PRO C 2 12 ? -3.450  18.609  0.178   1.00 20.47 ? 12   PRO C N   1 
ATOM   1128 C  CA  . PRO C 2 12 ? -3.665  17.421  -0.657  1.00 21.25 ? 12   PRO C CA  1 
ATOM   1129 C  C   . PRO C 2 12 ? -3.499  17.611  -2.174  1.00 22.91 ? 12   PRO C C   1 
ATOM   1130 O  O   . PRO C 2 12 ? -3.296  16.625  -2.890  1.00 22.24 ? 12   PRO C O   1 
ATOM   1131 C  CB  . PRO C 2 12 ? -5.112  17.045  -0.341  1.00 20.71 ? 12   PRO C CB  1 
ATOM   1132 C  CG  . PRO C 2 12 ? -5.764  18.334  0.028   1.00 20.57 ? 12   PRO C CG  1 
ATOM   1133 C  CD  . PRO C 2 12 ? -4.702  19.091  0.786   1.00 20.41 ? 12   PRO C CD  1 
ATOM   1134 N  N   . LEU C 2 13 ? -3.591  18.852  -2.656  1.00 26.05 ? 13   LEU C N   1 
ATOM   1135 C  CA  . LEU C 2 13 ? -3.569  19.120  -4.110  1.00 30.63 ? 13   LEU C CA  1 
ATOM   1136 C  C   . LEU C 2 13 ? -2.188  19.438  -4.682  1.00 33.36 ? 13   LEU C C   1 
ATOM   1137 O  O   . LEU C 2 13 ? -1.869  19.041  -5.809  1.00 34.72 ? 13   LEU C O   1 
ATOM   1138 C  CB  . LEU C 2 13 ? -4.541  20.247  -4.467  1.00 31.65 ? 13   LEU C CB  1 
ATOM   1139 C  CG  . LEU C 2 13 ? -5.979  20.146  -3.954  1.00 32.98 ? 13   LEU C CG  1 
ATOM   1140 C  CD1 . LEU C 2 13 ? -6.674  21.493  -4.109  1.00 33.88 ? 13   LEU C CD1 1 
ATOM   1141 C  CD2 . LEU C 2 13 ? -6.754  19.037  -4.654  1.00 34.15 ? 13   LEU C CD2 1 
ATOM   1142 O  OXT . LEU C 2 13 ? -1.360  20.098  -4.047  1.00 33.69 ? 13   LEU C OXT 1 
HETATM 1143 CL CL  . CL  D 3 .  ? 6.929   -4.619  3.460   1.00 54.60 ? 1001 CL  A CL  1 
HETATM 1144 S  S   . SO4 E 4 .  ? -9.785  -9.499  2.508   1.00 31.48 ? 1002 SO4 A S   1 
HETATM 1145 O  O1  . SO4 E 4 .  ? -9.953  -10.937 2.191   1.00 30.63 ? 1002 SO4 A O1  1 
HETATM 1146 O  O2  . SO4 E 4 .  ? -8.980  -9.356  3.745   1.00 32.92 ? 1002 SO4 A O2  1 
HETATM 1147 O  O3  . SO4 E 4 .  ? -9.064  -8.828  1.415   1.00 33.27 ? 1002 SO4 A O3  1 
HETATM 1148 O  O4  . SO4 E 4 .  ? -11.084 -8.817  2.669   1.00 31.63 ? 1002 SO4 A O4  1 
HETATM 1149 X  UNK . UNX F 5 .  ? 0.739   -1.758  -3.347  1.00 30.00 ? 1003 UNX A UNK 1 
HETATM 1150 X  UNK . UNX G 5 .  ? -5.656  -2.354  -6.067  1.00 30.00 ? 1004 UNX A UNK 1 
HETATM 1151 X  UNK . UNX H 5 .  ? 2.899   1.066   -1.646  1.00 30.00 ? 1005 UNX A UNK 1 
HETATM 1152 X  UNK . UNX I 5 .  ? 14.444  -3.264  -7.614  1.00 30.00 ? 1006 UNX A UNK 1 
HETATM 1153 X  UNK . UNX J 5 .  ? 16.049  -22.610 -5.818  1.00 30.00 ? 1007 UNX A UNK 1 
HETATM 1154 X  UNK . UNX K 5 .  ? 16.384  -20.158 -7.052  1.00 30.00 ? 1008 UNX A UNK 1 
HETATM 1155 X  UNK . UNX L 5 .  ? 12.963  -7.872  4.389   1.00 30.00 ? 1009 UNX A UNK 1 
HETATM 1156 X  UNK . UNX M 5 .  ? -3.269  -5.939  4.405   1.00 30.00 ? 1010 UNX A UNK 1 
HETATM 1157 X  UNK . UNX N 5 .  ? -19.287 1.454   8.957   1.00 30.00 ? 1001 UNX B UNK 1 
HETATM 1158 X  UNK . UNX O 5 .  ? -16.864 19.514  5.676   1.00 30.00 ? 1002 UNX B UNK 1 
HETATM 1159 X  UNK . UNX P 5 .  ? -14.681 18.500  6.701   1.00 30.00 ? 1003 UNX B UNK 1 
HETATM 1160 X  UNK . UNX Q 5 .  ? -17.420 21.762  5.022   1.00 30.00 ? 1004 UNX B UNK 1 
HETATM 1161 X  UNK . UNX R 5 .  ? -17.317 11.031  8.091   1.00 30.00 ? 1005 UNX B UNK 1 
HETATM 1162 X  UNK . UNX S 5 .  ? -3.019  22.423  4.924   1.00 30.00 ? 1001 UNX C UNK 1 
HETATM 1163 X  UNK . UNX T 5 .  ? 6.741   18.052  12.620  1.00 30.00 ? 1002 UNX C UNK 1 
HETATM 1164 O  O   . HOH U 6 .  ? -6.250  -6.621  -0.119  1.00 18.42 ? 1101 HOH A O   1 
HETATM 1165 O  O   . HOH U 6 .  ? 12.876  -19.775 -5.751  1.00 15.61 ? 1102 HOH A O   1 
HETATM 1166 O  O   . HOH U 6 .  ? 6.403   -1.482  -5.570  1.00 19.55 ? 1103 HOH A O   1 
HETATM 1167 O  O   . HOH U 6 .  ? 10.936  -19.104 1.289   1.00 16.69 ? 1104 HOH A O   1 
HETATM 1168 O  O   . HOH U 6 .  ? 0.154   -0.121  4.143   1.00 39.80 ? 1105 HOH A O   1 
HETATM 1169 O  O   . HOH U 6 .  ? 10.126  -16.435 1.247   1.00 16.94 ? 1106 HOH A O   1 
HETATM 1170 O  O   . HOH U 6 .  ? 10.028  -22.375 -8.054  1.00 27.53 ? 1107 HOH A O   1 
HETATM 1171 O  O   . HOH U 6 .  ? -4.094  -15.495 1.884   1.00 24.66 ? 1108 HOH A O   1 
HETATM 1172 O  O   . HOH U 6 .  ? 3.900   -2.259  -6.713  1.00 23.40 ? 1109 HOH A O   1 
HETATM 1173 O  O   . HOH U 6 .  ? -6.479  -7.797  6.671   1.00 25.86 ? 1110 HOH A O   1 
HETATM 1174 O  O   . HOH U 6 .  ? 1.258   -11.158 -19.156 1.00 40.23 ? 1111 HOH A O   1 
HETATM 1175 O  O   . HOH U 6 .  ? 5.768   -19.350 -3.574  1.00 27.88 ? 1112 HOH A O   1 
HETATM 1176 O  O   . HOH U 6 .  ? 5.209   -4.909  -18.398 1.00 20.95 ? 1113 HOH A O   1 
HETATM 1177 O  O   . HOH U 6 .  ? -0.998  -4.175  -11.717 1.00 19.79 ? 1114 HOH A O   1 
HETATM 1178 O  O   . HOH U 6 .  ? -2.042  -2.513  -3.336  1.00 34.41 ? 1115 HOH A O   1 
HETATM 1179 O  O   . HOH U 6 .  ? -12.343 -7.430  0.622   1.00 24.18 ? 1116 HOH A O   1 
HETATM 1180 O  O   . HOH U 6 .  ? 1.957   -0.507  -5.357  1.00 33.86 ? 1117 HOH A O   1 
HETATM 1181 O  O   . HOH U 6 .  ? 1.309   -18.430 -13.964 1.00 27.60 ? 1118 HOH A O   1 
HETATM 1182 O  O   . HOH U 6 .  ? 4.652   1.595   -8.386  1.00 39.15 ? 1119 HOH A O   1 
HETATM 1183 O  O   . HOH U 6 .  ? 2.831   -7.051  -15.511 1.00 29.29 ? 1120 HOH A O   1 
HETATM 1184 O  O   . HOH U 6 .  ? -13.820 -5.998  2.658   1.00 24.09 ? 1121 HOH A O   1 
HETATM 1185 O  O   . HOH U 6 .  ? 9.379   -0.627  -1.809  1.00 23.90 ? 1122 HOH A O   1 
HETATM 1186 O  O   . HOH U 6 .  ? -4.524  -14.397 -2.148  1.00 24.86 ? 1123 HOH A O   1 
HETATM 1187 O  O   . HOH U 6 .  ? 8.713   -0.943  -6.591  1.00 34.33 ? 1124 HOH A O   1 
HETATM 1188 O  O   . HOH U 6 .  ? 3.684   -8.770  -17.760 1.00 30.80 ? 1125 HOH A O   1 
HETATM 1189 O  O   . HOH U 6 .  ? 0.044   1.337   -11.606 1.00 36.94 ? 1126 HOH A O   1 
HETATM 1190 O  O   . HOH U 6 .  ? 20.910  -17.610 -1.159  1.00 32.58 ? 1127 HOH A O   1 
HETATM 1191 O  O   . HOH U 6 .  ? 6.301   -14.005 -16.068 1.00 23.43 ? 1128 HOH A O   1 
HETATM 1192 O  O   . HOH U 6 .  ? -8.643  -7.673  -0.698  1.00 28.07 ? 1129 HOH A O   1 
HETATM 1193 O  O   . HOH U 6 .  ? 3.127   -20.052 -1.217  1.00 30.64 ? 1130 HOH A O   1 
HETATM 1194 O  O   . HOH U 6 .  ? 17.954  -6.718  -8.677  1.00 29.26 ? 1131 HOH A O   1 
HETATM 1195 O  O   . HOH U 6 .  ? 18.045  -16.414 -10.608 1.00 40.69 ? 1132 HOH A O   1 
HETATM 1196 O  O   . HOH U 6 .  ? 7.818   -12.649 6.947   1.00 34.54 ? 1133 HOH A O   1 
HETATM 1197 O  O   . HOH U 6 .  ? -4.827  -19.245 -0.773  1.00 43.40 ? 1134 HOH A O   1 
HETATM 1198 O  O   . HOH U 6 .  ? -5.179  -16.352 -0.432  1.00 29.63 ? 1135 HOH A O   1 
HETATM 1199 O  O   . HOH U 6 .  ? 10.202  1.612   -2.885  1.00 36.55 ? 1136 HOH A O   1 
HETATM 1200 O  O   . HOH U 6 .  ? 7.641   -5.634  -19.681 1.00 48.39 ? 1137 HOH A O   1 
HETATM 1201 O  O   . HOH U 6 .  ? 16.444  -13.508 -26.521 1.00 37.93 ? 1138 HOH A O   1 
HETATM 1202 O  O   . HOH U 6 .  ? 9.681   0.061   -9.803  1.00 34.42 ? 1139 HOH A O   1 
HETATM 1203 O  O   . HOH U 6 .  ? 12.138  -14.729 2.117   1.00 26.83 ? 1140 HOH A O   1 
HETATM 1204 O  O   . HOH U 6 .  ? 3.173   -4.970  5.303   1.00 33.24 ? 1141 HOH A O   1 
HETATM 1205 O  O   . HOH U 6 .  ? 8.556   -13.802 -17.473 1.00 37.02 ? 1142 HOH A O   1 
HETATM 1206 O  O   . HOH U 6 .  ? -7.411  -17.353 -7.131  1.00 53.02 ? 1143 HOH A O   1 
HETATM 1207 O  O   . HOH U 6 .  ? 20.584  -19.118 -9.497  1.00 41.97 ? 1144 HOH A O   1 
HETATM 1208 O  O   . HOH U 6 .  ? 4.572   -11.501 -18.670 1.00 34.50 ? 1145 HOH A O   1 
HETATM 1209 O  O   . HOH U 6 .  ? 16.015  -3.930  2.743   1.00 38.38 ? 1146 HOH A O   1 
HETATM 1210 O  O   . HOH U 6 .  ? 7.584   -20.988 -2.390  1.00 34.66 ? 1147 HOH A O   1 
HETATM 1211 O  O   . HOH U 6 .  ? -8.153  -16.239 -0.050  1.00 39.44 ? 1148 HOH A O   1 
HETATM 1212 O  O   . HOH U 6 .  ? -8.146  -12.366 -6.826  1.00 40.75 ? 1149 HOH A O   1 
HETATM 1213 O  O   . HOH U 6 .  ? -5.053  -0.193  -8.976  1.00 28.39 ? 1150 HOH A O   1 
HETATM 1214 O  O   . HOH U 6 .  ? -9.741  -8.903  -2.986  1.00 26.89 ? 1151 HOH A O   1 
HETATM 1215 O  O   . HOH U 6 .  ? -6.853  -15.489 2.591   1.00 26.32 ? 1152 HOH A O   1 
HETATM 1216 O  O   . HOH U 6 .  ? 10.841  -0.855  -12.641 1.00 41.24 ? 1153 HOH A O   1 
HETATM 1217 O  O   . HOH U 6 .  ? -11.213 -11.319 -0.528  1.00 37.90 ? 1154 HOH A O   1 
HETATM 1218 O  O   . HOH U 6 .  ? 2.087   -21.650 -13.371 1.00 41.44 ? 1155 HOH A O   1 
HETATM 1219 O  O   . HOH U 6 .  ? 1.775   3.582   -12.098 1.00 42.28 ? 1156 HOH A O   1 
HETATM 1220 O  O   . HOH U 6 .  ? 4.392   -23.205 -12.261 1.00 40.47 ? 1157 HOH A O   1 
HETATM 1221 O  O   . HOH U 6 .  ? 11.445  -22.146 -5.684  1.00 29.31 ? 1158 HOH A O   1 
HETATM 1222 O  O   . HOH U 6 .  ? 11.459  -13.324 -16.878 1.00 38.10 ? 1159 HOH A O   1 
HETATM 1223 O  O   . HOH U 6 .  ? 11.285  -21.474 -15.738 1.00 42.38 ? 1160 HOH A O   1 
HETATM 1224 O  O   . HOH U 6 .  ? 9.012   -20.237 -14.384 1.00 38.06 ? 1161 HOH A O   1 
HETATM 1225 O  O   . HOH U 6 .  ? 9.673   -23.003 -17.623 1.00 51.25 ? 1162 HOH A O   1 
HETATM 1226 O  O   . HOH U 6 .  ? 12.616  -22.673 -13.507 1.00 45.31 ? 1163 HOH A O   1 
HETATM 1227 O  O   . HOH U 6 .  ? 15.242  -14.068 3.647   1.00 21.11 ? 1164 HOH A O   1 
HETATM 1228 O  O   . HOH U 6 .  ? -4.293  -3.735  -4.191  1.00 19.93 ? 1165 HOH A O   1 
HETATM 1229 O  O   . HOH U 6 .  ? -5.318  -22.110 -15.258 1.00 57.09 ? 1166 HOH A O   1 
HETATM 1230 O  O   . HOH U 6 .  ? -5.677  -6.745  -3.665  1.00 21.17 ? 1167 HOH A O   1 
HETATM 1231 O  O   A HOH U 6 .  ? 2.499   -21.781 -4.799  0.50 18.09 ? 1168 HOH A O   1 
HETATM 1232 O  O   B HOH U 6 .  ? 3.876   -20.726 -5.056  0.50 20.10 ? 1168 HOH A O   1 
HETATM 1233 O  O   . HOH U 6 .  ? 9.559   -3.916  2.482   1.00 30.10 ? 1169 HOH A O   1 
HETATM 1234 O  O   . HOH U 6 .  ? 7.843   -20.145 0.225   1.00 30.77 ? 1170 HOH A O   1 
HETATM 1235 O  O   . HOH U 6 .  ? 15.994  -1.668  0.895   1.00 48.70 ? 1171 HOH A O   1 
HETATM 1236 O  O   . HOH U 6 .  ? 8.590   1.452   -12.110 1.00 43.86 ? 1172 HOH A O   1 
HETATM 1237 O  O   . HOH U 6 .  ? 6.290   -22.072 -5.707  1.00 47.84 ? 1173 HOH A O   1 
HETATM 1238 O  O   . HOH U 6 .  ? -3.042  -19.776 -6.920  1.00 36.45 ? 1174 HOH A O   1 
HETATM 1239 O  O   . HOH U 6 .  ? -13.432 -9.835  -0.592  1.00 38.49 ? 1175 HOH A O   1 
HETATM 1240 O  O   . HOH U 6 .  ? 6.400   -7.976  -16.742 1.00 38.81 ? 1176 HOH A O   1 
HETATM 1241 O  O   . HOH U 6 .  ? -7.900  -16.800 -4.236  1.00 46.64 ? 1177 HOH A O   1 
HETATM 1242 O  O   . HOH U 6 .  ? -12.298 -15.413 -5.243  1.00 47.92 ? 1178 HOH A O   1 
HETATM 1243 O  O   . HOH U 6 .  ? -7.600  -13.265 3.722   1.00 28.15 ? 1179 HOH A O   1 
HETATM 1244 O  O   . HOH U 6 .  ? 10.857  -3.691  4.913   1.00 41.19 ? 1180 HOH A O   1 
HETATM 1245 O  O   . HOH U 6 .  ? 10.899  -10.339 4.914   1.00 69.57 ? 1181 HOH A O   1 
HETATM 1246 O  O   . HOH U 6 .  ? 6.864   -22.857 -10.961 1.00 42.27 ? 1182 HOH A O   1 
HETATM 1247 O  O   . HOH U 6 .  ? 6.655   -20.857 -15.788 1.00 42.00 ? 1183 HOH A O   1 
HETATM 1248 O  O   . HOH U 6 .  ? 0.140   -22.944 -6.599  1.00 44.30 ? 1184 HOH A O   1 
HETATM 1249 O  O   . HOH U 6 .  ? 0.876   -9.026  5.885   1.00 15.71 ? 1185 HOH A O   1 
HETATM 1250 O  O   . HOH V 6 .  ? -12.040 18.536  -0.715  1.00 19.24 ? 1101 HOH B O   1 
HETATM 1251 O  O   . HOH V 6 .  ? -14.763 15.634  5.813   1.00 18.00 ? 1102 HOH B O   1 
HETATM 1252 O  O   . HOH V 6 .  ? -16.268 5.722   2.891   1.00 17.12 ? 1103 HOH B O   1 
HETATM 1253 O  O   . HOH V 6 .  ? -1.546  0.723   -1.207  1.00 27.11 ? 1104 HOH B O   1 
HETATM 1254 O  O   . HOH V 6 .  ? -10.433 18.251  11.297  1.00 23.25 ? 1105 HOH B O   1 
HETATM 1255 O  O   . HOH V 6 .  ? -13.282 11.442  -0.845  1.00 14.82 ? 1106 HOH B O   1 
HETATM 1256 O  O   . HOH V 6 .  ? -15.143 8.678   5.256   1.00 21.65 ? 1107 HOH B O   1 
HETATM 1257 O  O   . HOH V 6 .  ? -11.729 -5.448  8.824   1.00 39.20 ? 1108 HOH B O   1 
HETATM 1258 O  O   . HOH V 6 .  ? -13.935 -3.081  2.749   1.00 21.51 ? 1109 HOH B O   1 
HETATM 1259 O  O   . HOH V 6 .  ? 2.346   6.396   3.515   1.00 21.92 ? 1110 HOH B O   1 
HETATM 1260 O  O   . HOH V 6 .  ? 1.385   5.347   12.757  1.00 27.36 ? 1111 HOH B O   1 
HETATM 1261 O  O   . HOH V 6 .  ? -14.458 -3.243  5.431   1.00 26.91 ? 1112 HOH B O   1 
HETATM 1262 O  O   . HOH V 6 .  ? -8.409  -2.790  -2.072  1.00 18.13 ? 1113 HOH B O   1 
HETATM 1263 O  O   . HOH V 6 .  ? -3.635  4.104   13.274  1.00 18.93 ? 1114 HOH B O   1 
HETATM 1264 O  O   . HOH V 6 .  ? -1.307  5.299   13.426  1.00 29.60 ? 1115 HOH B O   1 
HETATM 1265 O  O   . HOH V 6 .  ? 3.715   8.713   3.941   1.00 28.62 ? 1116 HOH B O   1 
HETATM 1266 O  O   . HOH V 6 .  ? -6.093  -4.312  -1.917  1.00 16.97 ? 1117 HOH B O   1 
HETATM 1267 O  O   . HOH V 6 .  ? -14.354 -6.088  6.224   1.00 44.05 ? 1118 HOH B O   1 
HETATM 1268 O  O   . HOH V 6 .  ? -16.219 12.815  12.127  1.00 45.10 ? 1119 HOH B O   1 
HETATM 1269 O  O   . HOH V 6 .  ? -7.737  18.987  12.645  1.00 24.00 ? 1120 HOH B O   1 
HETATM 1270 O  O   . HOH V 6 .  ? -13.587 18.332  -3.767  1.00 24.24 ? 1121 HOH B O   1 
HETATM 1271 O  O   . HOH V 6 .  ? -16.937 -2.280  6.368   1.00 27.46 ? 1122 HOH B O   1 
HETATM 1272 O  O   . HOH V 6 .  ? -1.378  10.098  14.990  1.00 41.05 ? 1123 HOH B O   1 
HETATM 1273 O  O   . HOH V 6 .  ? -11.998 -2.573  6.083   1.00 25.83 ? 1124 HOH B O   1 
HETATM 1274 O  O   . HOH V 6 .  ? -4.496  -4.352  5.985   1.00 25.53 ? 1125 HOH B O   1 
HETATM 1275 O  O   . HOH V 6 .  ? -13.147 7.250   15.849  1.00 27.47 ? 1126 HOH B O   1 
HETATM 1276 O  O   . HOH V 6 .  ? 3.742   9.487   -0.613  1.00 44.23 ? 1127 HOH B O   1 
HETATM 1277 O  O   . HOH V 6 .  ? -3.456  -3.374  9.344   1.00 18.33 ? 1128 HOH B O   1 
HETATM 1278 O  O   . HOH V 6 .  ? 4.126   9.751   13.998  1.00 45.84 ? 1129 HOH B O   1 
HETATM 1279 O  O   . HOH V 6 .  ? -17.247 10.074  4.322   1.00 29.68 ? 1130 HOH B O   1 
HETATM 1280 O  O   . HOH V 6 .  ? 5.441   10.161  6.846   1.00 33.53 ? 1131 HOH B O   1 
HETATM 1281 O  O   . HOH V 6 .  ? -15.807 8.503   16.101  1.00 31.13 ? 1132 HOH B O   1 
HETATM 1282 O  O   . HOH V 6 .  ? 2.267   4.910   5.975   1.00 35.93 ? 1133 HOH B O   1 
HETATM 1283 O  O   . HOH V 6 .  ? -10.109 21.529  8.247   1.00 40.73 ? 1134 HOH B O   1 
HETATM 1284 O  O   . HOH V 6 .  ? -12.007 7.735   18.364  1.00 39.78 ? 1135 HOH B O   1 
HETATM 1285 O  O   . HOH V 6 .  ? 6.364   8.167   4.852   1.00 41.06 ? 1136 HOH B O   1 
HETATM 1286 O  O   . HOH V 6 .  ? -0.207  17.311  -2.604  1.00 35.92 ? 1137 HOH B O   1 
HETATM 1287 O  O   . HOH V 6 .  ? -13.238 10.353  -3.269  1.00 29.81 ? 1138 HOH B O   1 
HETATM 1288 O  O   . HOH V 6 .  ? -12.211 3.655   17.328  1.00 33.70 ? 1139 HOH B O   1 
HETATM 1289 O  O   . HOH V 6 .  ? -4.506  4.182   -5.538  1.00 36.63 ? 1140 HOH B O   1 
HETATM 1290 O  O   . HOH V 6 .  ? 5.999   7.542   13.252  1.00 43.10 ? 1141 HOH B O   1 
HETATM 1291 O  O   . HOH V 6 .  ? -10.281 -7.849  8.213   1.00 49.47 ? 1142 HOH B O   1 
HETATM 1292 O  O   . HOH V 6 .  ? -16.603 7.569   7.690   1.00 32.75 ? 1143 HOH B O   1 
HETATM 1293 O  O   . HOH V 6 .  ? -15.361 23.280  4.592   1.00 34.25 ? 1144 HOH B O   1 
HETATM 1294 O  O   . HOH V 6 .  ? -11.315 5.055   19.386  1.00 40.71 ? 1145 HOH B O   1 
HETATM 1295 O  O   . HOH V 6 .  ? -9.390  -5.466  10.541  1.00 40.65 ? 1146 HOH B O   1 
HETATM 1296 O  O   . HOH V 6 .  ? -9.285  19.358  0.586   1.00 30.66 ? 1147 HOH B O   1 
HETATM 1297 O  O   . HOH V 6 .  ? -4.898  7.848   19.117  1.00 42.09 ? 1148 HOH B O   1 
HETATM 1298 O  O   . HOH V 6 .  ? 0.072   6.696   -7.804  1.00 38.59 ? 1149 HOH B O   1 
HETATM 1299 O  O   . HOH V 6 .  ? -12.589 25.767  2.921   1.00 46.31 ? 1150 HOH B O   1 
HETATM 1300 O  O   . HOH V 6 .  ? -9.394  -4.719  13.046  1.00 33.14 ? 1151 HOH B O   1 
HETATM 1301 O  O   . HOH V 6 .  ? -15.412 26.039  4.959   1.00 40.48 ? 1152 HOH B O   1 
HETATM 1302 O  O   . HOH V 6 .  ? 4.322   3.220   2.615   1.00 38.11 ? 1153 HOH B O   1 
HETATM 1303 O  O   . HOH V 6 .  ? -16.760 9.913   0.953   1.00 24.48 ? 1154 HOH B O   1 
HETATM 1304 O  O   . HOH V 6 .  ? -1.570  -3.804  5.802   1.00 29.17 ? 1155 HOH B O   1 
HETATM 1305 O  O   . HOH V 6 .  ? -8.475  7.619   19.911  1.00 52.35 ? 1156 HOH B O   1 
HETATM 1306 O  O   . HOH V 6 .  ? -18.820 4.770   10.655  1.00 42.67 ? 1157 HOH B O   1 
HETATM 1307 O  O   . HOH V 6 .  ? 6.123   1.182   10.411  1.00 40.39 ? 1158 HOH B O   1 
HETATM 1308 O  O   . HOH V 6 .  ? -17.024 10.513  14.280  1.00 46.69 ? 1159 HOH B O   1 
HETATM 1309 O  O   . HOH V 6 .  ? 1.549   2.501   4.533   1.00 45.55 ? 1160 HOH B O   1 
HETATM 1310 O  O   . HOH V 6 .  ? 1.727   7.947   -9.990  1.00 42.33 ? 1161 HOH B O   1 
HETATM 1311 O  O   . HOH V 6 .  ? 1.817   -0.777  11.731  1.00 41.20 ? 1162 HOH B O   1 
HETATM 1312 O  O   . HOH V 6 .  ? -16.438 4.955   -0.857  1.00 14.55 ? 1163 HOH B O   1 
HETATM 1313 O  O   . HOH V 6 .  ? -11.128 13.256  -2.375  1.00 31.58 ? 1164 HOH B O   1 
HETATM 1314 O  O   . HOH W 6 .  ? -6.906  23.576  9.977   1.00 26.48 ? 1101 HOH C O   1 
HETATM 1315 O  O   . HOH W 6 .  ? -1.916  25.342  12.558  1.00 35.62 ? 1102 HOH C O   1 
HETATM 1316 O  O   . HOH W 6 .  ? 3.171   14.828  9.087   1.00 21.20 ? 1103 HOH C O   1 
HETATM 1317 O  O   . HOH W 6 .  ? 3.613   12.643  3.634   1.00 24.73 ? 1104 HOH C O   1 
HETATM 1318 O  O   . HOH W 6 .  ? -0.342  24.825  10.252  1.00 31.93 ? 1105 HOH C O   1 
HETATM 1319 O  O   . HOH W 6 .  ? 5.817   12.533  5.189   1.00 32.65 ? 1106 HOH C O   1 
HETATM 1320 O  O   . HOH W 6 .  ? 5.390   14.057  7.739   1.00 24.16 ? 1107 HOH C O   1 
HETATM 1321 O  O   . HOH W 6 .  ? -2.832  21.540  -1.518  1.00 33.32 ? 1108 HOH C O   1 
HETATM 1322 O  O   . HOH W 6 .  ? 2.806   25.346  11.999  1.00 48.49 ? 1109 HOH C O   1 
HETATM 1323 O  O   . HOH W 6 .  ? -4.081  15.540  -5.472  1.00 33.92 ? 1110 HOH C O   1 
# 
